data_4BXI
# 
_entry.id   4BXI 
# 
_audit_conform.dict_name       mmcif_pdbx.dic 
_audit_conform.dict_version    5.383 
_audit_conform.dict_location   http://mmcif.pdb.org/dictionaries/ascii/mmcif_pdbx.dic 
# 
loop_
_database_2.database_id 
_database_2.database_code 
_database_2.pdbx_database_accession 
_database_2.pdbx_DOI 
PDB   4BXI         pdb_00004bxi 10.2210/pdb4bxi/pdb 
PDBE  EBI-57628    ?            ?                   
WWPDB D_1290057628 ?            ?                   
# 
_pdbx_database_status.status_code                     REL 
_pdbx_database_status.entry_id                        4BXI 
_pdbx_database_status.deposit_site                    PDBE 
_pdbx_database_status.process_site                    PDBE 
_pdbx_database_status.SG_entry                        . 
_pdbx_database_status.recvd_initial_deposition_date   2013-07-12 
_pdbx_database_status.pdb_format_compatible           Y 
_pdbx_database_status.status_code_sf                  REL 
_pdbx_database_status.status_code_mr                  ? 
_pdbx_database_status.status_code_cs                  ? 
_pdbx_database_status.methods_development_category    ? 
_pdbx_database_status.status_code_nmr_data            ? 
# 
loop_
_audit_author.name 
_audit_author.pdbx_ordinal 
'Srivastava, S.K.' 1 
'Rajasree, K.'     2 
'Gopal, B.'        3 
# 
_citation.id                        primary 
_citation.title                     
'Influence of the Agrc-Agra Complex in the Response Time of Staphylococcus Aureus Quorum Sensing' 
_citation.journal_abbrev            J.Bacteriol. 
_citation.journal_volume            196 
_citation.page_first                2876 
_citation.page_last                 ? 
_citation.year                      2014 
_citation.journal_id_ASTM           JOBAAY 
_citation.country                   US 
_citation.journal_id_ISSN           0021-9193 
_citation.journal_id_CSD            0767 
_citation.book_publisher            ? 
_citation.pdbx_database_id_PubMed   24858185 
_citation.pdbx_database_id_DOI      10.1128/JB.01530-14 
# 
loop_
_citation_author.citation_id 
_citation_author.name 
_citation_author.ordinal 
_citation_author.identifier_ORCID 
primary 'Srivastava, S.K.' 1 ? 
primary 'Rajasree, K.'     2 ? 
primary 'Fasim, A.'        3 ? 
primary 'Arakere, G.'      4 ? 
primary 'Gopal, B.'        5 ? 
# 
_cell.entry_id           4BXI 
_cell.length_a           67.370 
_cell.length_b           67.370 
_cell.length_c           101.990 
_cell.angle_alpha        90.00 
_cell.angle_beta         90.00 
_cell.angle_gamma        90.00 
_cell.Z_PDB              8 
_cell.pdbx_unique_axis   ? 
# 
_symmetry.entry_id                         4BXI 
_symmetry.space_group_name_H-M             'P 43 21 2' 
_symmetry.pdbx_full_space_group_name_H-M   ? 
_symmetry.cell_setting                     ? 
_symmetry.Int_Tables_number                96 
# 
loop_
_entity.id 
_entity.type 
_entity.src_method 
_entity.pdbx_description 
_entity.formula_weight 
_entity.pdbx_number_of_molecules 
_entity.pdbx_ec 
_entity.pdbx_mutation 
_entity.pdbx_fragment 
_entity.details 
1 polymer     man 'ACCESSORY GENE REGULATOR PROTEIN C' 16964.387 1  ? ? 'ATP BINDING DOMAIN, RESIDUES 278-430' ? 
2 non-polymer syn GLYCEROL                             92.094    2  ? ? ?                                      ? 
3 non-polymer syn '(4S)-2-METHYL-2,4-PENTANEDIOL'      118.174   2  ? ? ?                                      ? 
4 non-polymer syn 'ACETATE ION'                        59.044    1  ? ? ?                                      ? 
5 water       nat water                                18.015    53 ? ? ?                                      ? 
# 
_entity_name_com.entity_id   1 
_entity_name_com.name        AGRC 
# 
_entity_poly.entity_id                      1 
_entity_poly.type                           'polypeptide(L)' 
_entity_poly.nstd_linkage                   no 
_entity_poly.nstd_monomer                   no 
_entity_poly.pdbx_seq_one_letter_code       
;NAIKLNGIENLKVREIKGLITAKILRAQEMNIPISIEIPDEVSSINLNMIDLSRSIGIILDNAIEASTEIDDPIIRVAFI
ESENSVTFIVMNKCADDIPRIHELFQESFSTKGEGRGLGLSTLKEIADNADNVLLDTIIENGFFIQKVEIINN
;
_entity_poly.pdbx_seq_one_letter_code_can   
;NAIKLNGIENLKVREIKGLITAKILRAQEMNIPISIEIPDEVSSINLNMIDLSRSIGIILDNAIEASTEIDDPIIRVAFI
ESENSVTFIVMNKCADDIPRIHELFQESFSTKGEGRGLGLSTLKEIADNADNVLLDTIIENGFFIQKVEIINN
;
_entity_poly.pdbx_strand_id                 A 
_entity_poly.pdbx_target_identifier         ? 
# 
loop_
_entity_poly_seq.entity_id 
_entity_poly_seq.num 
_entity_poly_seq.mon_id 
_entity_poly_seq.hetero 
1 1   ASN n 
1 2   ALA n 
1 3   ILE n 
1 4   LYS n 
1 5   LEU n 
1 6   ASN n 
1 7   GLY n 
1 8   ILE n 
1 9   GLU n 
1 10  ASN n 
1 11  LEU n 
1 12  LYS n 
1 13  VAL n 
1 14  ARG n 
1 15  GLU n 
1 16  ILE n 
1 17  LYS n 
1 18  GLY n 
1 19  LEU n 
1 20  ILE n 
1 21  THR n 
1 22  ALA n 
1 23  LYS n 
1 24  ILE n 
1 25  LEU n 
1 26  ARG n 
1 27  ALA n 
1 28  GLN n 
1 29  GLU n 
1 30  MET n 
1 31  ASN n 
1 32  ILE n 
1 33  PRO n 
1 34  ILE n 
1 35  SER n 
1 36  ILE n 
1 37  GLU n 
1 38  ILE n 
1 39  PRO n 
1 40  ASP n 
1 41  GLU n 
1 42  VAL n 
1 43  SER n 
1 44  SER n 
1 45  ILE n 
1 46  ASN n 
1 47  LEU n 
1 48  ASN n 
1 49  MET n 
1 50  ILE n 
1 51  ASP n 
1 52  LEU n 
1 53  SER n 
1 54  ARG n 
1 55  SER n 
1 56  ILE n 
1 57  GLY n 
1 58  ILE n 
1 59  ILE n 
1 60  LEU n 
1 61  ASP n 
1 62  ASN n 
1 63  ALA n 
1 64  ILE n 
1 65  GLU n 
1 66  ALA n 
1 67  SER n 
1 68  THR n 
1 69  GLU n 
1 70  ILE n 
1 71  ASP n 
1 72  ASP n 
1 73  PRO n 
1 74  ILE n 
1 75  ILE n 
1 76  ARG n 
1 77  VAL n 
1 78  ALA n 
1 79  PHE n 
1 80  ILE n 
1 81  GLU n 
1 82  SER n 
1 83  GLU n 
1 84  ASN n 
1 85  SER n 
1 86  VAL n 
1 87  THR n 
1 88  PHE n 
1 89  ILE n 
1 90  VAL n 
1 91  MET n 
1 92  ASN n 
1 93  LYS n 
1 94  CYS n 
1 95  ALA n 
1 96  ASP n 
1 97  ASP n 
1 98  ILE n 
1 99  PRO n 
1 100 ARG n 
1 101 ILE n 
1 102 HIS n 
1 103 GLU n 
1 104 LEU n 
1 105 PHE n 
1 106 GLN n 
1 107 GLU n 
1 108 SER n 
1 109 PHE n 
1 110 SER n 
1 111 THR n 
1 112 LYS n 
1 113 GLY n 
1 114 GLU n 
1 115 GLY n 
1 116 ARG n 
1 117 GLY n 
1 118 LEU n 
1 119 GLY n 
1 120 LEU n 
1 121 SER n 
1 122 THR n 
1 123 LEU n 
1 124 LYS n 
1 125 GLU n 
1 126 ILE n 
1 127 ALA n 
1 128 ASP n 
1 129 ASN n 
1 130 ALA n 
1 131 ASP n 
1 132 ASN n 
1 133 VAL n 
1 134 LEU n 
1 135 LEU n 
1 136 ASP n 
1 137 THR n 
1 138 ILE n 
1 139 ILE n 
1 140 GLU n 
1 141 ASN n 
1 142 GLY n 
1 143 PHE n 
1 144 PHE n 
1 145 ILE n 
1 146 GLN n 
1 147 LYS n 
1 148 VAL n 
1 149 GLU n 
1 150 ILE n 
1 151 ILE n 
1 152 ASN n 
1 153 ASN n 
# 
_entity_src_gen.entity_id                          1 
_entity_src_gen.pdbx_src_id                        1 
_entity_src_gen.pdbx_alt_source_flag               sample 
_entity_src_gen.pdbx_seq_type                      ? 
_entity_src_gen.pdbx_beg_seq_num                   ? 
_entity_src_gen.pdbx_end_seq_num                   ? 
_entity_src_gen.gene_src_common_name               ? 
_entity_src_gen.gene_src_genus                     ? 
_entity_src_gen.pdbx_gene_src_gene                 ? 
_entity_src_gen.gene_src_species                   ? 
_entity_src_gen.gene_src_strain                    COL 
_entity_src_gen.gene_src_tissue                    ? 
_entity_src_gen.gene_src_tissue_fraction           ? 
_entity_src_gen.gene_src_details                   ? 
_entity_src_gen.pdbx_gene_src_fragment             ? 
_entity_src_gen.pdbx_gene_src_scientific_name      'STAPHYLOCOCCUS AUREUS' 
_entity_src_gen.pdbx_gene_src_ncbi_taxonomy_id     93062 
_entity_src_gen.pdbx_gene_src_variant              ? 
_entity_src_gen.pdbx_gene_src_cell_line            ? 
_entity_src_gen.pdbx_gene_src_atcc                 ? 
_entity_src_gen.pdbx_gene_src_organ                ? 
_entity_src_gen.pdbx_gene_src_organelle            ? 
_entity_src_gen.pdbx_gene_src_cell                 ? 
_entity_src_gen.pdbx_gene_src_cellular_location    ? 
_entity_src_gen.host_org_common_name               ? 
_entity_src_gen.pdbx_host_org_scientific_name      'ESCHERICHIA COLI' 
_entity_src_gen.pdbx_host_org_ncbi_taxonomy_id     511693 
_entity_src_gen.host_org_genus                     ? 
_entity_src_gen.pdbx_host_org_gene                 ? 
_entity_src_gen.pdbx_host_org_organ                ? 
_entity_src_gen.host_org_species                   ? 
_entity_src_gen.pdbx_host_org_tissue               ? 
_entity_src_gen.pdbx_host_org_tissue_fraction      ? 
_entity_src_gen.pdbx_host_org_strain               BL21 
_entity_src_gen.pdbx_host_org_variant              STAR 
_entity_src_gen.pdbx_host_org_cell_line            ? 
_entity_src_gen.pdbx_host_org_atcc                 ? 
_entity_src_gen.pdbx_host_org_culture_collection   ? 
_entity_src_gen.pdbx_host_org_cell                 ? 
_entity_src_gen.pdbx_host_org_organelle            ? 
_entity_src_gen.pdbx_host_org_cellular_location    ? 
_entity_src_gen.pdbx_host_org_vector_type          PLASMID 
_entity_src_gen.pdbx_host_org_vector               PET22B 
_entity_src_gen.host_org_details                   ? 
_entity_src_gen.expression_system_id               ? 
_entity_src_gen.plasmid_name                       ? 
_entity_src_gen.plasmid_details                    ? 
_entity_src_gen.pdbx_description                   ? 
# 
_struct_ref.id                         1 
_struct_ref.db_name                    UNP 
_struct_ref.db_code                    Q5HEG3_STAAC 
_struct_ref.entity_id                  1 
_struct_ref.pdbx_seq_one_letter_code   ? 
_struct_ref.pdbx_align_begin           ? 
_struct_ref.pdbx_db_accession          Q5HEG3 
_struct_ref.pdbx_db_isoform            ? 
# 
_struct_ref_seq.align_id                      1 
_struct_ref_seq.ref_id                        1 
_struct_ref_seq.pdbx_PDB_id_code              4BXI 
_struct_ref_seq.pdbx_strand_id                A 
_struct_ref_seq.seq_align_beg                 1 
_struct_ref_seq.pdbx_seq_align_beg_ins_code   ? 
_struct_ref_seq.seq_align_end                 153 
_struct_ref_seq.pdbx_seq_align_end_ins_code   ? 
_struct_ref_seq.pdbx_db_accession             Q5HEG3 
_struct_ref_seq.db_align_beg                  278 
_struct_ref_seq.pdbx_db_align_beg_ins_code    ? 
_struct_ref_seq.db_align_end                  430 
_struct_ref_seq.pdbx_db_align_end_ins_code    ? 
_struct_ref_seq.pdbx_auth_seq_align_beg       278 
_struct_ref_seq.pdbx_auth_seq_align_end       430 
# 
loop_
_chem_comp.id 
_chem_comp.type 
_chem_comp.mon_nstd_flag 
_chem_comp.name 
_chem_comp.pdbx_synonyms 
_chem_comp.formula 
_chem_comp.formula_weight 
ACT non-polymer         . 'ACETATE ION'                   ?                               'C2 H3 O2 -1'    59.044  
ALA 'L-peptide linking' y ALANINE                         ?                               'C3 H7 N O2'     89.093  
ARG 'L-peptide linking' y ARGININE                        ?                               'C6 H15 N4 O2 1' 175.209 
ASN 'L-peptide linking' y ASPARAGINE                      ?                               'C4 H8 N2 O3'    132.118 
ASP 'L-peptide linking' y 'ASPARTIC ACID'                 ?                               'C4 H7 N O4'     133.103 
CYS 'L-peptide linking' y CYSTEINE                        ?                               'C3 H7 N O2 S'   121.158 
GLN 'L-peptide linking' y GLUTAMINE                       ?                               'C5 H10 N2 O3'   146.144 
GLU 'L-peptide linking' y 'GLUTAMIC ACID'                 ?                               'C5 H9 N O4'     147.129 
GLY 'peptide linking'   y GLYCINE                         ?                               'C2 H5 N O2'     75.067  
GOL non-polymer         . GLYCEROL                        'GLYCERIN; PROPANE-1,2,3-TRIOL' 'C3 H8 O3'       92.094  
HIS 'L-peptide linking' y HISTIDINE                       ?                               'C6 H10 N3 O2 1' 156.162 
HOH non-polymer         . WATER                           ?                               'H2 O'           18.015  
ILE 'L-peptide linking' y ISOLEUCINE                      ?                               'C6 H13 N O2'    131.173 
LEU 'L-peptide linking' y LEUCINE                         ?                               'C6 H13 N O2'    131.173 
LYS 'L-peptide linking' y LYSINE                          ?                               'C6 H15 N2 O2 1' 147.195 
MET 'L-peptide linking' y METHIONINE                      ?                               'C5 H11 N O2 S'  149.211 
MPD non-polymer         . '(4S)-2-METHYL-2,4-PENTANEDIOL' ?                               'C6 H14 O2'      118.174 
PHE 'L-peptide linking' y PHENYLALANINE                   ?                               'C9 H11 N O2'    165.189 
PRO 'L-peptide linking' y PROLINE                         ?                               'C5 H9 N O2'     115.130 
SER 'L-peptide linking' y SERINE                          ?                               'C3 H7 N O3'     105.093 
THR 'L-peptide linking' y THREONINE                       ?                               'C4 H9 N O3'     119.119 
VAL 'L-peptide linking' y VALINE                          ?                               'C5 H11 N O2'    117.146 
# 
_exptl.entry_id          4BXI 
_exptl.method            'X-RAY DIFFRACTION' 
_exptl.crystals_number   1 
# 
_exptl_crystal.id                    1 
_exptl_crystal.density_meas          ? 
_exptl_crystal.density_Matthews      3.41 
_exptl_crystal.density_percent_sol   63.99 
_exptl_crystal.description           NONE 
# 
_diffrn.id                     1 
_diffrn.ambient_temp           100 
_diffrn.ambient_temp_details   ? 
_diffrn.crystal_id             1 
# 
_diffrn_radiation.diffrn_id                        1 
_diffrn_radiation.wavelength_id                    1 
_diffrn_radiation.pdbx_monochromatic_or_laue_m_l   M 
_diffrn_radiation.monochromator                    ? 
_diffrn_radiation.pdbx_diffrn_protocol             'SINGLE WAVELENGTH' 
_diffrn_radiation.pdbx_scattering_type             x-ray 
# 
_diffrn_radiation_wavelength.id           1 
_diffrn_radiation_wavelength.wavelength   0.97895 
_diffrn_radiation_wavelength.wt           1.0 
# 
_diffrn_source.diffrn_id                   1 
_diffrn_source.source                      SYNCHROTRON 
_diffrn_source.type                        'ESRF BEAMLINE BM14' 
_diffrn_source.pdbx_synchrotron_site       ESRF 
_diffrn_source.pdbx_synchrotron_beamline   BM14 
_diffrn_source.pdbx_wavelength             0.97895 
_diffrn_source.pdbx_wavelength_list        ? 
# 
_reflns.pdbx_diffrn_id               1 
_reflns.pdbx_ordinal                 1 
_reflns.entry_id                     4BXI 
_reflns.observed_criterion_sigma_I   2.0 
_reflns.observed_criterion_sigma_F   ? 
_reflns.d_resolution_low             34.81 
_reflns.d_resolution_high            2.20 
_reflns.number_obs                   12556 
_reflns.number_all                   ? 
_reflns.percent_possible_obs         100.0 
_reflns.pdbx_Rmerge_I_obs            0.10 
_reflns.pdbx_Rsym_value              ? 
_reflns.pdbx_netI_over_sigmaI        23.10 
_reflns.B_iso_Wilson_estimate        ? 
_reflns.pdbx_redundancy              28.3 
# 
_reflns_shell.pdbx_diffrn_id         1 
_reflns_shell.pdbx_ordinal           1 
_reflns_shell.d_res_high             2.20 
_reflns_shell.d_res_low              2.27 
_reflns_shell.percent_possible_all   100.0 
_reflns_shell.Rmerge_I_obs           0.67 
_reflns_shell.pdbx_Rsym_value        ? 
_reflns_shell.meanI_over_sigI_obs    6.10 
_reflns_shell.pdbx_redundancy        28.9 
# 
_refine.pdbx_refine_id                           'X-RAY DIFFRACTION' 
_refine.entry_id                                 4BXI 
_refine.pdbx_diffrn_id                           1 
_refine.pdbx_TLS_residual_ADP_flag               ? 
_refine.ls_number_reflns_obs                     11909 
_refine.ls_number_reflns_all                     ? 
_refine.pdbx_ls_sigma_I                          ? 
_refine.pdbx_ls_sigma_F                          . 
_refine.pdbx_data_cutoff_high_absF               ? 
_refine.pdbx_data_cutoff_low_absF                ? 
_refine.pdbx_data_cutoff_high_rms_absF           ? 
_refine.ls_d_res_low                             34.84 
_refine.ls_d_res_high                            2.20 
_refine.ls_percent_reflns_obs                    99.97 
_refine.ls_R_factor_obs                          0.19757 
_refine.ls_R_factor_all                          ? 
_refine.ls_R_factor_R_work                       0.19623 
_refine.ls_R_factor_R_free                       0.22516 
_refine.ls_R_factor_R_free_error                 ? 
_refine.ls_R_factor_R_free_error_details         ? 
_refine.ls_percent_reflns_R_free                 4.8 
_refine.ls_number_reflns_R_free                  600 
_refine.ls_number_parameters                     ? 
_refine.ls_number_restraints                     ? 
_refine.occupancy_min                            ? 
_refine.occupancy_max                            ? 
_refine.correlation_coeff_Fo_to_Fc               0.950 
_refine.correlation_coeff_Fo_to_Fc_free          0.932 
_refine.B_iso_mean                               42.343 
_refine.aniso_B[1][1]                            1.27 
_refine.aniso_B[2][2]                            1.27 
_refine.aniso_B[3][3]                            -2.55 
_refine.aniso_B[1][2]                            0.00 
_refine.aniso_B[1][3]                            0.00 
_refine.aniso_B[2][3]                            0.00 
_refine.solvent_model_details                    MASK 
_refine.solvent_model_param_ksol                 ? 
_refine.solvent_model_param_bsol                 ? 
_refine.pdbx_solvent_vdw_probe_radii             1.20 
_refine.pdbx_solvent_ion_probe_radii             0.80 
_refine.pdbx_solvent_shrinkage_radii             0.80 
_refine.pdbx_ls_cross_valid_method               THROUGHOUT 
_refine.details                                  
'HYDROGENS HAVE BEEN ADDED IN THE RIDING POSITIONS. RESIDUES 388 TO 394 ARE NOT MODELLED DUE TO POOR ELECTRON DENSITY' 
_refine.pdbx_starting_model                      'PDB ENTRY 2C2A' 
_refine.pdbx_method_to_determine_struct          'MOLECULAR REPLACEMENT' 
_refine.pdbx_isotropic_thermal_model             ? 
_refine.pdbx_stereochemistry_target_values       'MAXIMUM LIKELIHOOD' 
_refine.pdbx_stereochem_target_val_spec_case     ? 
_refine.pdbx_R_Free_selection_details            RANDOM 
_refine.pdbx_overall_ESU_R                       0.180 
_refine.pdbx_overall_ESU_R_Free                  0.160 
_refine.overall_SU_ML                            0.102 
_refine.pdbx_overall_phase_error                 ? 
_refine.overall_SU_B                             3.939 
_refine.overall_SU_R_Cruickshank_DPI             ? 
_refine.pdbx_overall_SU_R_free_Cruickshank_DPI   ? 
_refine.pdbx_overall_SU_R_Blow_DPI               ? 
_refine.pdbx_overall_SU_R_free_Blow_DPI          ? 
# 
_refine_hist.pdbx_refine_id                   'X-RAY DIFFRACTION' 
_refine_hist.cycle_id                         LAST 
_refine_hist.pdbx_number_atoms_protein        1113 
_refine_hist.pdbx_number_atoms_nucleic_acid   0 
_refine_hist.pdbx_number_atoms_ligand         32 
_refine_hist.number_atoms_solvent             53 
_refine_hist.number_atoms_total               1198 
_refine_hist.d_res_high                       2.20 
_refine_hist.d_res_low                        34.84 
# 
loop_
_refine_ls_restr.type 
_refine_ls_restr.dev_ideal 
_refine_ls_restr.dev_ideal_target 
_refine_ls_restr.weight 
_refine_ls_restr.number 
_refine_ls_restr.pdbx_refine_id 
_refine_ls_restr.pdbx_restraint_function 
r_bond_refined_d             0.007  0.019  ? 1149 'X-RAY DIFFRACTION' ? 
r_bond_other_d               0.001  0.020  ? 1171 'X-RAY DIFFRACTION' ? 
r_angle_refined_deg          1.137  1.997  ? 1553 'X-RAY DIFFRACTION' ? 
r_angle_other_deg            0.699  3.000  ? 2679 'X-RAY DIFFRACTION' ? 
r_dihedral_angle_1_deg       5.833  5.000  ? 144  'X-RAY DIFFRACTION' ? 
r_dihedral_angle_2_deg       40.596 26.809 ? 47   'X-RAY DIFFRACTION' ? 
r_dihedral_angle_3_deg       13.582 15.000 ? 209  'X-RAY DIFFRACTION' ? 
r_dihedral_angle_4_deg       11.117 15.000 ? 4    'X-RAY DIFFRACTION' ? 
r_chiral_restr               0.059  0.200  ? 200  'X-RAY DIFFRACTION' ? 
r_gen_planes_refined         0.003  0.020  ? 1262 'X-RAY DIFFRACTION' ? 
r_gen_planes_other           0.001  0.020  ? 224  'X-RAY DIFFRACTION' ? 
r_nbd_refined                ?      ?      ? ?    'X-RAY DIFFRACTION' ? 
r_nbd_other                  ?      ?      ? ?    'X-RAY DIFFRACTION' ? 
r_nbtor_refined              ?      ?      ? ?    'X-RAY DIFFRACTION' ? 
r_nbtor_other                ?      ?      ? ?    'X-RAY DIFFRACTION' ? 
r_xyhbond_nbd_refined        ?      ?      ? ?    'X-RAY DIFFRACTION' ? 
r_xyhbond_nbd_other          ?      ?      ? ?    'X-RAY DIFFRACTION' ? 
r_metal_ion_refined          ?      ?      ? ?    'X-RAY DIFFRACTION' ? 
r_metal_ion_other            ?      ?      ? ?    'X-RAY DIFFRACTION' ? 
r_symmetry_vdw_refined       ?      ?      ? ?    'X-RAY DIFFRACTION' ? 
r_symmetry_vdw_other         ?      ?      ? ?    'X-RAY DIFFRACTION' ? 
r_symmetry_hbond_refined     ?      ?      ? ?    'X-RAY DIFFRACTION' ? 
r_symmetry_hbond_other       ?      ?      ? ?    'X-RAY DIFFRACTION' ? 
r_symmetry_metal_ion_refined ?      ?      ? ?    'X-RAY DIFFRACTION' ? 
r_symmetry_metal_ion_other   ?      ?      ? ?    'X-RAY DIFFRACTION' ? 
r_mcbond_it                  ?      ?      ? ?    'X-RAY DIFFRACTION' ? 
r_mcbond_other               ?      ?      ? ?    'X-RAY DIFFRACTION' ? 
r_mcangle_it                 ?      ?      ? ?    'X-RAY DIFFRACTION' ? 
r_mcangle_other              ?      ?      ? ?    'X-RAY DIFFRACTION' ? 
r_scbond_it                  ?      ?      ? ?    'X-RAY DIFFRACTION' ? 
r_scbond_other               ?      ?      ? ?    'X-RAY DIFFRACTION' ? 
r_scangle_it                 ?      ?      ? ?    'X-RAY DIFFRACTION' ? 
r_scangle_other              ?      ?      ? ?    'X-RAY DIFFRACTION' ? 
r_long_range_B_refined       ?      ?      ? ?    'X-RAY DIFFRACTION' ? 
r_long_range_B_other         ?      ?      ? ?    'X-RAY DIFFRACTION' ? 
r_rigid_bond_restr           ?      ?      ? ?    'X-RAY DIFFRACTION' ? 
r_sphericity_free            ?      ?      ? ?    'X-RAY DIFFRACTION' ? 
r_sphericity_bonded          ?      ?      ? ?    'X-RAY DIFFRACTION' ? 
# 
_refine_ls_shell.pdbx_refine_id                   'X-RAY DIFFRACTION' 
_refine_ls_shell.pdbx_total_number_of_bins_used   20 
_refine_ls_shell.d_res_high                       2.200 
_refine_ls_shell.d_res_low                        2.257 
_refine_ls_shell.number_reflns_R_work             870 
_refine_ls_shell.R_factor_R_work                  0.199 
_refine_ls_shell.percent_reflns_obs               100.00 
_refine_ls_shell.R_factor_R_free                  0.225 
_refine_ls_shell.R_factor_R_free_error            ? 
_refine_ls_shell.percent_reflns_R_free            ? 
_refine_ls_shell.number_reflns_R_free             51 
_refine_ls_shell.number_reflns_all                ? 
_refine_ls_shell.R_factor_all                     ? 
# 
_struct.entry_id                  4BXI 
_struct.title                     'Crystal structure of ATP binding domain of AgrC from Staphylococcus aureus' 
_struct.pdbx_model_details        ? 
_struct.pdbx_CASP_flag            ? 
_struct.pdbx_model_type_details   ? 
# 
_struct_keywords.entry_id        4BXI 
_struct_keywords.pdbx_keywords   'ATP-BINDING PROTEIN' 
_struct_keywords.text            'ATP-BINDING PROTEIN' 
# 
loop_
_struct_asym.id 
_struct_asym.pdbx_blank_PDB_chainid_flag 
_struct_asym.pdbx_modified 
_struct_asym.entity_id 
_struct_asym.details 
A N N 1 ? 
B N N 2 ? 
C N N 2 ? 
D N N 3 ? 
E N N 4 ? 
F N N 3 ? 
G N N 5 ? 
# 
_struct_biol.id   1 
# 
loop_
_struct_conf.conf_type_id 
_struct_conf.id 
_struct_conf.pdbx_PDB_helix_id 
_struct_conf.beg_label_comp_id 
_struct_conf.beg_label_asym_id 
_struct_conf.beg_label_seq_id 
_struct_conf.pdbx_beg_PDB_ins_code 
_struct_conf.end_label_comp_id 
_struct_conf.end_label_asym_id 
_struct_conf.end_label_seq_id 
_struct_conf.pdbx_end_PDB_ins_code 
_struct_conf.beg_auth_comp_id 
_struct_conf.beg_auth_asym_id 
_struct_conf.beg_auth_seq_id 
_struct_conf.end_auth_comp_id 
_struct_conf.end_auth_asym_id 
_struct_conf.end_auth_seq_id 
_struct_conf.pdbx_PDB_helix_class 
_struct_conf.details 
_struct_conf.pdbx_PDB_helix_length 
HELX_P HELX_P1 1 GLY A 7   ? ASN A 10  ? GLY A 284 ASN A 287 5 ? 4  
HELX_P HELX_P2 2 VAL A 13  ? GLU A 15  ? VAL A 290 GLU A 292 5 ? 3  
HELX_P HELX_P3 3 ILE A 16  ? MET A 30  ? ILE A 293 MET A 307 1 ? 15 
HELX_P HELX_P4 4 ASN A 48  ? ALA A 66  ? ASN A 325 ALA A 343 1 ? 19 
HELX_P HELX_P5 5 ASP A 97  ? SER A 110 ? ASP A 374 SER A 387 1 ? 14 
HELX_P HELX_P6 6 GLY A 119 ? ALA A 130 ? GLY A 396 ALA A 407 1 ? 12 
# 
_struct_conf_type.id          HELX_P 
_struct_conf_type.criteria    ? 
_struct_conf_type.reference   ? 
# 
_struct_sheet.id               AA 
_struct_sheet.type             ? 
_struct_sheet.number_strands   6 
_struct_sheet.details          ? 
# 
loop_
_struct_sheet_order.sheet_id 
_struct_sheet_order.range_id_1 
_struct_sheet_order.range_id_2 
_struct_sheet_order.offset 
_struct_sheet_order.sense 
AA 1 2 ? parallel      
AA 2 3 ? parallel      
AA 3 4 ? anti-parallel 
AA 4 5 ? anti-parallel 
AA 5 6 ? anti-parallel 
# 
loop_
_struct_sheet_range.sheet_id 
_struct_sheet_range.id 
_struct_sheet_range.beg_label_comp_id 
_struct_sheet_range.beg_label_asym_id 
_struct_sheet_range.beg_label_seq_id 
_struct_sheet_range.pdbx_beg_PDB_ins_code 
_struct_sheet_range.end_label_comp_id 
_struct_sheet_range.end_label_asym_id 
_struct_sheet_range.end_label_seq_id 
_struct_sheet_range.pdbx_end_PDB_ins_code 
_struct_sheet_range.beg_auth_comp_id 
_struct_sheet_range.beg_auth_asym_id 
_struct_sheet_range.beg_auth_seq_id 
_struct_sheet_range.end_auth_comp_id 
_struct_sheet_range.end_auth_asym_id 
_struct_sheet_range.end_auth_seq_id 
AA 1 ILE A 3   ? ASN A 6   ? ILE A 280 ASN A 283 
AA 2 ILE A 34  ? GLU A 37  ? ILE A 311 GLU A 314 
AA 3 ILE A 75  ? GLU A 81  ? ILE A 352 GLU A 358 
AA 4 SER A 85  ? LYS A 93  ? SER A 362 LYS A 370 
AA 5 PHE A 143 ? ILE A 151 ? PHE A 420 ILE A 428 
AA 6 VAL A 133 ? GLU A 140 ? VAL A 410 GLU A 417 
# 
loop_
_pdbx_struct_sheet_hbond.sheet_id 
_pdbx_struct_sheet_hbond.range_id_1 
_pdbx_struct_sheet_hbond.range_id_2 
_pdbx_struct_sheet_hbond.range_1_label_atom_id 
_pdbx_struct_sheet_hbond.range_1_label_comp_id 
_pdbx_struct_sheet_hbond.range_1_label_asym_id 
_pdbx_struct_sheet_hbond.range_1_label_seq_id 
_pdbx_struct_sheet_hbond.range_1_PDB_ins_code 
_pdbx_struct_sheet_hbond.range_1_auth_atom_id 
_pdbx_struct_sheet_hbond.range_1_auth_comp_id 
_pdbx_struct_sheet_hbond.range_1_auth_asym_id 
_pdbx_struct_sheet_hbond.range_1_auth_seq_id 
_pdbx_struct_sheet_hbond.range_2_label_atom_id 
_pdbx_struct_sheet_hbond.range_2_label_comp_id 
_pdbx_struct_sheet_hbond.range_2_label_asym_id 
_pdbx_struct_sheet_hbond.range_2_label_seq_id 
_pdbx_struct_sheet_hbond.range_2_PDB_ins_code 
_pdbx_struct_sheet_hbond.range_2_auth_atom_id 
_pdbx_struct_sheet_hbond.range_2_auth_comp_id 
_pdbx_struct_sheet_hbond.range_2_auth_asym_id 
_pdbx_struct_sheet_hbond.range_2_auth_seq_id 
AA 1 2 N LYS A 4   ? N LYS A 281 O ILE A 34  ? O ILE A 311 
AA 2 3 N SER A 35  ? N SER A 312 O ILE A 75  ? O ILE A 352 
AA 3 4 N ILE A 80  ? N ILE A 357 O THR A 87  ? O THR A 364 
AA 4 5 N ASN A 92  ? N ASN A 369 O PHE A 144 ? O PHE A 421 
AA 5 6 N GLU A 149 ? N GLU A 426 O LEU A 134 ? O LEU A 411 
# 
loop_
_struct_site.id 
_struct_site.pdbx_evidence_code 
_struct_site.pdbx_auth_asym_id 
_struct_site.pdbx_auth_comp_id 
_struct_site.pdbx_auth_seq_id 
_struct_site.pdbx_auth_ins_code 
_struct_site.pdbx_num_residues 
_struct_site.details 
AC1 Software A GOL 1431 ? 5 'BINDING SITE FOR RESIDUE GOL A 1431' 
AC2 Software A GOL 1432 ? 6 'BINDING SITE FOR RESIDUE GOL A 1432' 
AC3 Software A MPD 1435 ? 4 'BINDING SITE FOR RESIDUE MPD A 1435' 
AC4 Software A MPD 1433 ? 8 'BINDING SITE FOR RESIDUE MPD A 1433' 
AC5 Software A ACT 1434 ? 5 'BINDING SITE FOR RESIDUE ACT A 1434' 
# 
loop_
_struct_site_gen.id 
_struct_site_gen.site_id 
_struct_site_gen.pdbx_num_res 
_struct_site_gen.label_comp_id 
_struct_site_gen.label_asym_id 
_struct_site_gen.label_seq_id 
_struct_site_gen.pdbx_auth_ins_code 
_struct_site_gen.auth_comp_id 
_struct_site_gen.auth_asym_id 
_struct_site_gen.auth_seq_id 
_struct_site_gen.label_atom_id 
_struct_site_gen.label_alt_id 
_struct_site_gen.symmetry 
_struct_site_gen.details 
1  AC1 5 ASN A 10  ? ASN A 287  . ? 1_555 ? 
2  AC1 5 PRO A 39  ? PRO A 316  . ? 1_555 ? 
3  AC1 5 LYS A 124 ? LYS A 401  . ? 4_545 ? 
4  AC1 5 ASP A 128 ? ASP A 405  . ? 4_545 ? 
5  AC1 5 HOH G .   ? HOH A 2011 . ? 1_555 ? 
6  AC2 6 SER A 44  ? SER A 321  . ? 1_555 ? 
7  AC2 6 ILE A 45  ? ILE A 322  . ? 1_555 ? 
8  AC2 6 LEU A 47  ? LEU A 324  . ? 1_555 ? 
9  AC2 6 MET A 49  ? MET A 326  . ? 1_555 ? 
10 AC2 6 LEU A 52  ? LEU A 329  . ? 1_555 ? 
11 AC2 6 HOH G .   ? HOH A 2017 . ? 1_555 ? 
12 AC3 4 ILE A 8   ? ILE A 285  . ? 3_444 ? 
13 AC3 4 THR A 21  ? THR A 298  . ? 3_444 ? 
14 AC3 4 ILE A 50  ? ILE A 327  . ? 5_444 ? 
15 AC3 4 HOH G .   ? HOH A 2031 . ? 1_555 ? 
16 AC4 8 LEU A 5   ? LEU A 282  . ? 1_555 ? 
17 AC4 8 GLY A 7   ? GLY A 284  . ? 1_555 ? 
18 AC4 8 GLU A 9   ? GLU A 286  . ? 1_555 ? 
19 AC4 8 PHE A 105 ? PHE A 382  . ? 4_545 ? 
20 AC4 8 LEU A 135 ? LEU A 412  . ? 4_545 ? 
21 AC4 8 THR A 137 ? THR A 414  . ? 4_545 ? 
22 AC4 8 HOH G .   ? HOH A 2002 . ? 1_555 ? 
23 AC4 8 HOH G .   ? HOH A 2041 . ? 4_545 ? 
24 AC5 5 MET A 30  ? MET A 307  . ? 1_555 ? 
25 AC5 5 SER A 67  ? SER A 344  . ? 1_555 ? 
26 AC5 5 THR A 68  ? THR A 345  . ? 1_555 ? 
27 AC5 5 ILE A 70  ? ILE A 347  . ? 1_555 ? 
28 AC5 5 PRO A 73  ? PRO A 350  . ? 1_555 ? 
# 
_atom_sites.entry_id                    4BXI 
_atom_sites.fract_transf_matrix[1][1]   0.00981131 
_atom_sites.fract_transf_matrix[1][2]   -0.00925636 
_atom_sites.fract_transf_matrix[1][3]   0.00619457 
_atom_sites.fract_transf_matrix[2][1]   0.00413681 
_atom_sites.fract_transf_matrix[2][2]   -0.00463622 
_atom_sites.fract_transf_matrix[2][3]   -0.01347987 
_atom_sites.fract_transf_matrix[3][1]   0.00683117 
_atom_sites.fract_transf_matrix[3][2]   0.00702642 
_atom_sites.fract_transf_matrix[3][3]   -0.00032023 
_atom_sites.fract_transf_vector[1]      -0.122346 
_atom_sites.fract_transf_vector[2]      -0.343018 
_atom_sites.fract_transf_vector[3]      -0.065880 
# 
loop_
_atom_type.symbol 
C 
N 
O 
S 
# 
loop_
_atom_site.group_PDB 
_atom_site.id 
_atom_site.type_symbol 
_atom_site.label_atom_id 
_atom_site.label_alt_id 
_atom_site.label_comp_id 
_atom_site.label_asym_id 
_atom_site.label_entity_id 
_atom_site.label_seq_id 
_atom_site.pdbx_PDB_ins_code 
_atom_site.Cartn_x 
_atom_site.Cartn_y 
_atom_site.Cartn_z 
_atom_site.occupancy 
_atom_site.B_iso_or_equiv 
_atom_site.pdbx_formal_charge 
_atom_site.auth_seq_id 
_atom_site.auth_comp_id 
_atom_site.auth_asym_id 
_atom_site.auth_atom_id 
_atom_site.pdbx_PDB_model_num 
ATOM   1    N N   . ASN A 1 1   ? 12.284  16.673  4.491   1.00 67.13 ? 278  ASN A N   1 
ATOM   2    C CA  . ASN A 1 1   ? 12.012  15.245  4.137   1.00 65.38 ? 278  ASN A CA  1 
ATOM   3    C C   . ASN A 1 1   ? 12.126  14.286  5.337   1.00 63.42 ? 278  ASN A C   1 
ATOM   4    O O   . ASN A 1 1   ? 12.696  14.642  6.372   1.00 63.53 ? 278  ASN A O   1 
ATOM   5    C CB  . ASN A 1 1   ? 12.900  14.764  2.950   1.00 65.43 ? 278  ASN A CB  1 
ATOM   6    C CG  . ASN A 1 1   ? 14.321  15.321  2.981   1.00 61.76 ? 278  ASN A CG  1 
ATOM   7    O OD1 . ASN A 1 1   ? 14.851  15.636  4.037   1.00 64.78 ? 278  ASN A OD1 1 
ATOM   8    N ND2 . ASN A 1 1   ? 14.941  15.432  1.813   1.00 59.78 ? 278  ASN A ND2 1 
ATOM   9    N N   . ALA A 1 2   ? 11.511  13.107  5.211   1.00 56.11 ? 279  ALA A N   1 
ATOM   10   C CA  . ALA A 1 2   ? 11.792  11.956  6.075   1.00 48.76 ? 279  ALA A CA  1 
ATOM   11   C C   . ALA A 1 2   ? 11.433  10.638  5.354   1.00 42.31 ? 279  ALA A C   1 
ATOM   12   O O   . ALA A 1 2   ? 10.251  10.253  5.269   1.00 37.66 ? 279  ALA A O   1 
ATOM   13   C CB  . ALA A 1 2   ? 11.039  12.087  7.384   1.00 49.16 ? 279  ALA A CB  1 
ATOM   14   N N   . ILE A 1 3   ? 12.451  9.978   4.805   1.00 36.51 ? 280  ILE A N   1 
ATOM   15   C CA  . ILE A 1 3   ? 12.289  8.692   4.121   1.00 35.28 ? 280  ILE A CA  1 
ATOM   16   C C   . ILE A 1 3   ? 13.263  7.682   4.707   1.00 35.45 ? 280  ILE A C   1 
ATOM   17   O O   . ILE A 1 3   ? 14.489  7.849   4.591   1.00 35.01 ? 280  ILE A O   1 
ATOM   18   C CB  . ILE A 1 3   ? 12.571  8.766   2.604   1.00 35.72 ? 280  ILE A CB  1 
ATOM   19   C CG1 . ILE A 1 3   ? 11.831  9.926   1.951   1.00 36.23 ? 280  ILE A CG1 1 
ATOM   20   C CG2 . ILE A 1 3   ? 12.184  7.453   1.928   1.00 36.37 ? 280  ILE A CG2 1 
ATOM   21   C CD1 . ILE A 1 3   ? 12.292  10.203  0.539   1.00 37.56 ? 280  ILE A CD1 1 
ATOM   22   N N   . LYS A 1 4   ? 12.725  6.646   5.337   1.00 33.12 ? 281  LYS A N   1 
ATOM   23   C CA  . LYS A 1 4   ? 13.542  5.587   5.866   1.00 33.95 ? 281  LYS A CA  1 
ATOM   24   C C   . LYS A 1 4   ? 13.601  4.443   4.861   1.00 34.52 ? 281  LYS A C   1 
ATOM   25   O O   . LYS A 1 4   ? 12.567  3.921   4.422   1.00 32.57 ? 281  LYS A O   1 
ATOM   26   C CB  . LYS A 1 4   ? 13.013  5.108   7.205   1.00 36.40 ? 281  LYS A CB  1 
ATOM   27   C CG  . LYS A 1 4   ? 13.893  4.031   7.817   1.00 40.92 ? 281  LYS A CG  1 
ATOM   28   C CD  . LYS A 1 4   ? 13.385  3.598   9.179   1.00 44.29 ? 281  LYS A CD  1 
ATOM   29   C CE  . LYS A 1 4   ? 14.277  2.522   9.755   1.00 47.39 ? 281  LYS A CE  1 
ATOM   30   N NZ  . LYS A 1 4   ? 13.586  1.796   10.853  1.00 51.87 ? 281  LYS A NZ  1 
ATOM   31   N N   . LEU A 1 5   ? 14.826  4.069   4.498   1.00 33.79 ? 282  LEU A N   1 
ATOM   32   C CA  . LEU A 1 5   ? 15.079  3.071   3.474   1.00 35.57 ? 282  LEU A CA  1 
ATOM   33   C C   . LEU A 1 5   ? 15.553  1.778   4.126   1.00 36.83 ? 282  LEU A C   1 
ATOM   34   O O   . LEU A 1 5   ? 16.647  1.719   4.696   1.00 37.10 ? 282  LEU A O   1 
ATOM   35   C CB  . LEU A 1 5   ? 16.128  3.589   2.511   1.00 34.99 ? 282  LEU A CB  1 
ATOM   36   C CG  . LEU A 1 5   ? 15.829  4.962   1.903   1.00 35.47 ? 282  LEU A CG  1 
ATOM   37   C CD1 . LEU A 1 5   ? 17.063  5.464   1.184   1.00 35.46 ? 282  LEU A CD1 1 
ATOM   38   C CD2 . LEU A 1 5   ? 14.633  4.912   0.962   1.00 36.65 ? 282  LEU A CD2 1 
ATOM   39   N N   . ASN A 1 6   ? 14.728  0.743   4.039   1.00 36.76 ? 283  ASN A N   1 
ATOM   40   C CA  . ASN A 1 6   ? 14.997  -0.515  4.715   1.00 38.97 ? 283  ASN A CA  1 
ATOM   41   C C   . ASN A 1 6   ? 14.795  -1.725  3.781   1.00 37.30 ? 283  ASN A C   1 
ATOM   42   O O   . ASN A 1 6   ? 13.903  -2.550  3.971   1.00 36.78 ? 283  ASN A O   1 
ATOM   43   C CB  . ASN A 1 6   ? 14.111  -0.591  5.962   1.00 44.54 ? 283  ASN A CB  1 
ATOM   44   C CG  . ASN A 1 6   ? 14.712  -1.426  7.076   1.00 51.03 ? 283  ASN A CG  1 
ATOM   45   O OD1 . ASN A 1 6   ? 14.211  -1.397  8.202   1.00 60.24 ? 283  ASN A OD1 1 
ATOM   46   N ND2 . ASN A 1 6   ? 15.772  -2.183  6.776   1.00 50.72 ? 283  ASN A ND2 1 
ATOM   47   N N   . GLY A 1 7   ? 15.666  -1.823  2.785   1.00 37.25 ? 284  GLY A N   1 
ATOM   48   C CA  . GLY A 1 7   ? 15.691  -2.930  1.832   1.00 36.36 ? 284  GLY A CA  1 
ATOM   49   C C   . GLY A 1 7   ? 15.202  -2.541  0.451   1.00 36.87 ? 284  GLY A C   1 
ATOM   50   O O   . GLY A 1 7   ? 14.759  -3.396  -0.321  1.00 36.96 ? 284  GLY A O   1 
ATOM   51   N N   . ILE A 1 8   ? 15.294  -1.258  0.114   1.00 37.01 ? 285  ILE A N   1 
ATOM   52   C CA  . ILE A 1 8   ? 14.830  -0.786  -1.191  1.00 38.27 ? 285  ILE A CA  1 
ATOM   53   C C   . ILE A 1 8   ? 15.450  -1.564  -2.337  1.00 36.63 ? 285  ILE A C   1 
ATOM   54   O O   . ILE A 1 8   ? 14.777  -1.843  -3.327  1.00 34.90 ? 285  ILE A O   1 
ATOM   55   C CB  . ILE A 1 8   ? 15.064  0.726   -1.397  1.00 40.89 ? 285  ILE A CB  1 
ATOM   56   C CG1 . ILE A 1 8   ? 16.534  1.109   -1.145  1.00 42.26 ? 285  ILE A CG1 1 
ATOM   57   C CG2 . ILE A 1 8   ? 14.137  1.499   -0.479  1.00 42.50 ? 285  ILE A CG2 1 
ATOM   58   C CD1 . ILE A 1 8   ? 16.904  2.486   -1.645  1.00 45.75 ? 285  ILE A CD1 1 
ATOM   59   N N   . GLU A 1 9   ? 16.720  -1.938  -2.172  1.00 36.46 ? 286  GLU A N   1 
ATOM   60   C CA  . GLU A 1 9   ? 17.449  -2.734  -3.167  1.00 36.36 ? 286  GLU A CA  1 
ATOM   61   C C   . GLU A 1 9   ? 16.921  -4.159  -3.323  1.00 35.31 ? 286  GLU A C   1 
ATOM   62   O O   . GLU A 1 9   ? 17.257  -4.830  -4.286  1.00 34.10 ? 286  GLU A O   1 
ATOM   63   C CB  . GLU A 1 9   ? 18.951  -2.781  -2.830  1.00 37.77 ? 286  GLU A CB  1 
ATOM   64   C CG  . GLU A 1 9   ? 19.329  -3.623  -1.606  1.00 38.26 ? 286  GLU A CG  1 
ATOM   65   C CD  . GLU A 1 9   ? 19.025  -2.971  -0.258  1.00 38.32 ? 286  GLU A CD  1 
ATOM   66   O OE1 . GLU A 1 9   ? 18.642  -1.786  -0.208  1.00 39.83 ? 286  GLU A OE1 1 
ATOM   67   O OE2 . GLU A 1 9   ? 19.164  -3.655  0.774   1.00 39.01 ? 286  GLU A OE2 1 
ATOM   68   N N   . ASN A 1 10  ? 16.121  -4.634  -2.369  1.00 35.37 ? 287  ASN A N   1 
ATOM   69   C CA  . ASN A 1 10  ? 15.509  -5.958  -2.477  1.00 34.30 ? 287  ASN A CA  1 
ATOM   70   C C   . ASN A 1 10  ? 14.322  -6.012  -3.434  1.00 35.29 ? 287  ASN A C   1 
ATOM   71   O O   . ASN A 1 10  ? 13.890  -7.106  -3.815  1.00 34.44 ? 287  ASN A O   1 
ATOM   72   C CB  . ASN A 1 10  ? 15.082  -6.480  -1.105  1.00 34.97 ? 287  ASN A CB  1 
ATOM   73   C CG  . ASN A 1 10  ? 16.274  -6.870  -0.235  1.00 37.52 ? 287  ASN A CG  1 
ATOM   74   O OD1 . ASN A 1 10  ? 17.326  -7.255  -0.742  1.00 35.44 ? 287  ASN A OD1 1 
ATOM   75   N ND2 . ASN A 1 10  ? 16.117  -6.745  1.071   1.00 36.26 ? 287  ASN A ND2 1 
ATOM   76   N N   . LEU A 1 11  ? 13.781  -4.854  -3.812  1.00 36.04 ? 288  LEU A N   1 
ATOM   77   C CA  . LEU A 1 11  ? 12.692  -4.829  -4.791  1.00 36.65 ? 288  LEU A CA  1 
ATOM   78   C C   . LEU A 1 11  ? 13.261  -4.945  -6.194  1.00 36.87 ? 288  LEU A C   1 
ATOM   79   O O   . LEU A 1 11  ? 13.830  -3.994  -6.713  1.00 36.27 ? 288  LEU A O   1 
ATOM   80   C CB  . LEU A 1 11  ? 11.860  -3.559  -4.683  1.00 36.30 ? 288  LEU A CB  1 
ATOM   81   C CG  . LEU A 1 11  ? 10.657  -3.514  -5.644  1.00 37.52 ? 288  LEU A CG  1 
ATOM   82   C CD1 . LEU A 1 11  ? 9.737   -4.713  -5.444  1.00 37.37 ? 288  LEU A CD1 1 
ATOM   83   C CD2 . LEU A 1 11  ? 9.890   -2.217  -5.476  1.00 37.32 ? 288  LEU A CD2 1 
ATOM   84   N N   . LYS A 1 12  ? 13.101  -6.106  -6.813  1.00 37.29 ? 289  LYS A N   1 
ATOM   85   C CA  . LYS A 1 12  ? 13.659  -6.318  -8.147  1.00 40.51 ? 289  LYS A CA  1 
ATOM   86   C C   . LYS A 1 12  ? 12.597  -6.489  -9.231  1.00 38.30 ? 289  LYS A C   1 
ATOM   87   O O   . LYS A 1 12  ? 12.902  -6.914  -10.332 1.00 40.32 ? 289  LYS A O   1 
ATOM   88   C CB  . LYS A 1 12  ? 14.647  -7.485  -8.106  1.00 44.20 ? 289  LYS A CB  1 
ATOM   89   C CG  . LYS A 1 12  ? 15.681  -7.261  -7.008  1.00 48.92 ? 289  LYS A CG  1 
ATOM   90   C CD  . LYS A 1 12  ? 16.972  -8.022  -7.217  1.00 54.83 ? 289  LYS A CD  1 
ATOM   91   C CE  . LYS A 1 12  ? 17.898  -7.811  -6.029  1.00 59.44 ? 289  LYS A CE  1 
ATOM   92   N NZ  . LYS A 1 12  ? 19.319  -8.120  -6.352  1.00 64.18 ? 289  LYS A NZ  1 
ATOM   93   N N   . VAL A 1 13  ? 11.358  -6.116  -8.926  1.00 35.69 ? 290  VAL A N   1 
ATOM   94   C CA  . VAL A 1 13  ? 10.308  -6.022  -9.935  1.00 34.00 ? 290  VAL A CA  1 
ATOM   95   C C   . VAL A 1 13  ? 10.405  -4.603  -10.499 1.00 36.24 ? 290  VAL A C   1 
ATOM   96   O O   . VAL A 1 13  ? 9.885   -3.655  -9.919  1.00 34.88 ? 290  VAL A O   1 
ATOM   97   C CB  . VAL A 1 13  ? 8.925   -6.289  -9.320  1.00 33.13 ? 290  VAL A CB  1 
ATOM   98   C CG1 . VAL A 1 13  ? 7.824   -6.165  -10.364 1.00 33.68 ? 290  VAL A CG1 1 
ATOM   99   C CG2 . VAL A 1 13  ? 8.902   -7.663  -8.678  1.00 34.49 ? 290  VAL A CG2 1 
ATOM   100  N N   . ARG A 1 14  ? 11.097  -4.468  -11.624 1.00 36.83 ? 291  ARG A N   1 
ATOM   101  C CA  . ARG A 1 14  ? 11.459  -3.163  -12.162 1.00 39.10 ? 291  ARG A CA  1 
ATOM   102  C C   . ARG A 1 14  ? 10.267  -2.296  -12.548 1.00 34.61 ? 291  ARG A C   1 
ATOM   103  O O   . ARG A 1 14  ? 10.318  -1.080  -12.381 1.00 32.22 ? 291  ARG A O   1 
ATOM   104  C CB  . ARG A 1 14  ? 12.341  -3.340  -13.390 1.00 44.78 ? 291  ARG A CB  1 
ATOM   105  C CG  . ARG A 1 14  ? 13.717  -3.916  -13.095 1.00 53.29 ? 291  ARG A CG  1 
ATOM   106  C CD  . ARG A 1 14  ? 14.176  -4.835  -14.220 1.00 60.72 ? 291  ARG A CD  1 
ATOM   107  N NE  . ARG A 1 14  ? 15.625  -4.807  -14.390 1.00 68.69 ? 291  ARG A NE  1 
ATOM   108  C CZ  . ARG A 1 14  ? 16.294  -3.932  -15.143 1.00 75.37 ? 291  ARG A CZ  1 
ATOM   109  N NH1 . ARG A 1 14  ? 15.659  -2.978  -15.827 1.00 76.80 ? 291  ARG A NH1 1 
ATOM   110  N NH2 . ARG A 1 14  ? 17.620  -4.013  -15.212 1.00 78.68 ? 291  ARG A NH2 1 
ATOM   111  N N   . GLU A 1 15  ? 9.205   -2.934  -13.039 1.00 31.25 ? 292  GLU A N   1 
ATOM   112  C CA  . GLU A 1 15  ? 8.062   -2.244  -13.623 1.00 32.85 ? 292  GLU A CA  1 
ATOM   113  C C   . GLU A 1 15  ? 7.264   -1.364  -12.663 1.00 30.96 ? 292  GLU A C   1 
ATOM   114  O O   . GLU A 1 15  ? 6.559   -0.470  -13.112 1.00 29.69 ? 292  GLU A O   1 
ATOM   115  C CB  . GLU A 1 15  ? 7.110   -3.230  -14.306 1.00 35.58 ? 292  GLU A CB  1 
ATOM   116  C CG  . GLU A 1 15  ? 7.638   -3.792  -15.625 1.00 38.62 ? 292  GLU A CG  1 
ATOM   117  C CD  . GLU A 1 15  ? 8.547   -5.008  -15.470 1.00 42.67 ? 292  GLU A CD  1 
ATOM   118  O OE1 . GLU A 1 15  ? 8.747   -5.522  -14.331 1.00 41.15 ? 292  GLU A OE1 1 
ATOM   119  O OE2 . GLU A 1 15  ? 9.059   -5.457  -16.521 1.00 47.47 ? 292  GLU A OE2 1 
ATOM   120  N N   . ILE A 1 16  ? 7.384   -1.614  -11.363 1.00 29.24 ? 293  ILE A N   1 
ATOM   121  C CA  . ILE A 1 16  ? 6.675   -0.822  -10.349 1.00 29.51 ? 293  ILE A CA  1 
ATOM   122  C C   . ILE A 1 16  ? 7.583   0.131   -9.575  1.00 28.97 ? 293  ILE A C   1 
ATOM   123  O O   . ILE A 1 16  ? 7.117   0.831   -8.684  1.00 27.65 ? 293  ILE A O   1 
ATOM   124  C CB  . ILE A 1 16  ? 5.915   -1.722  -9.352  1.00 28.59 ? 293  ILE A CB  1 
ATOM   125  C CG1 . ILE A 1 16  ? 6.892   -2.662  -8.630  1.00 28.33 ? 293  ILE A CG1 1 
ATOM   126  C CG2 . ILE A 1 16  ? 4.818   -2.491  -10.086 1.00 29.54 ? 293  ILE A CG2 1 
ATOM   127  C CD1 . ILE A 1 16  ? 6.260   -3.551  -7.595  1.00 28.66 ? 293  ILE A CD1 1 
ATOM   128  N N   . LYS A 1 17  ? 8.862   0.182   -9.929  1.00 30.89 ? 294  LYS A N   1 
ATOM   129  C CA  . LYS A 1 17  ? 9.817   1.021   -9.188  1.00 32.72 ? 294  LYS A CA  1 
ATOM   130  C C   . LYS A 1 17  ? 9.536   2.507   -9.341  1.00 30.47 ? 294  LYS A C   1 
ATOM   131  O O   . LYS A 1 17  ? 9.493   3.234   -8.350  1.00 30.39 ? 294  LYS A O   1 
ATOM   132  C CB  . LYS A 1 17  ? 11.249  0.728   -9.612  1.00 35.43 ? 294  LYS A CB  1 
ATOM   133  C CG  . LYS A 1 17  ? 11.781  -0.586  -9.072  1.00 40.94 ? 294  LYS A CG  1 
ATOM   134  C CD  . LYS A 1 17  ? 13.229  -0.781  -9.494  1.00 46.38 ? 294  LYS A CD  1 
ATOM   135  C CE  . LYS A 1 17  ? 13.854  -1.948  -8.753  1.00 53.38 ? 294  LYS A CE  1 
ATOM   136  N NZ  . LYS A 1 17  ? 15.213  -2.278  -9.273  1.00 58.67 ? 294  LYS A NZ  1 
ATOM   137  N N   . GLY A 1 18  ? 9.373   2.963   -10.582 1.00 29.13 ? 295  GLY A N   1 
ATOM   138  C CA  . GLY A 1 18  ? 9.044   4.369   -10.836 1.00 29.41 ? 295  GLY A CA  1 
ATOM   139  C C   . GLY A 1 18  ? 7.746   4.782   -10.158 1.00 28.05 ? 295  GLY A C   1 
ATOM   140  O O   . GLY A 1 18  ? 7.665   5.856   -9.577  1.00 29.44 ? 295  GLY A O   1 
ATOM   141  N N   . LEU A 1 19  ? 6.743   3.912   -10.214 1.00 27.97 ? 296  LEU A N   1 
ATOM   142  C CA  . LEU A 1 19  ? 5.467   4.146   -9.540  1.00 28.20 ? 296  LEU A CA  1 
ATOM   143  C C   . LEU A 1 19  ? 5.651   4.372   -8.046  1.00 28.22 ? 296  LEU A C   1 
ATOM   144  O O   . LEU A 1 19  ? 5.147   5.337   -7.487  1.00 28.00 ? 296  LEU A O   1 
ATOM   145  C CB  . LEU A 1 19  ? 4.531   2.966   -9.777  1.00 30.06 ? 296  LEU A CB  1 
ATOM   146  C CG  . LEU A 1 19  ? 3.192   2.967   -9.038  1.00 30.34 ? 296  LEU A CG  1 
ATOM   147  C CD1 . LEU A 1 19  ? 2.425   4.240   -9.347  1.00 32.08 ? 296  LEU A CD1 1 
ATOM   148  C CD2 . LEU A 1 19  ? 2.393   1.742   -9.440  1.00 31.02 ? 296  LEU A CD2 1 
ATOM   149  N N   . ILE A 1 20  ? 6.387   3.475   -7.409  1.00 29.19 ? 297  ILE A N   1 
ATOM   150  C CA  . ILE A 1 20  ? 6.613   3.542   -5.982  1.00 30.90 ? 297  ILE A CA  1 
ATOM   151  C C   . ILE A 1 20  ? 7.405   4.801   -5.639  1.00 31.02 ? 297  ILE A C   1 
ATOM   152  O O   . ILE A 1 20  ? 7.074   5.505   -4.687  1.00 29.87 ? 297  ILE A O   1 
ATOM   153  C CB  . ILE A 1 20  ? 7.351   2.283   -5.490  1.00 33.62 ? 297  ILE A CB  1 
ATOM   154  C CG1 . ILE A 1 20  ? 6.370   1.103   -5.467  1.00 35.17 ? 297  ILE A CG1 1 
ATOM   155  C CG2 . ILE A 1 20  ? 7.926   2.502   -4.096  1.00 34.43 ? 297  ILE A CG2 1 
ATOM   156  C CD1 . ILE A 1 20  ? 7.038   -0.249  -5.550  1.00 37.13 ? 297  ILE A CD1 1 
ATOM   157  N N   . THR A 1 21  ? 8.450   5.066   -6.417  1.00 29.02 ? 298  THR A N   1 
ATOM   158  C CA  . THR A 1 21  ? 9.235   6.291   -6.269  1.00 29.73 ? 298  THR A CA  1 
ATOM   159  C C   . THR A 1 21  ? 8.355   7.534   -6.368  1.00 29.56 ? 298  THR A C   1 
ATOM   160  O O   . THR A 1 21  ? 8.428   8.408   -5.502  1.00 28.93 ? 298  THR A O   1 
ATOM   161  C CB  . THR A 1 21  ? 10.344  6.376   -7.332  1.00 30.67 ? 298  THR A CB  1 
ATOM   162  O OG1 . THR A 1 21  ? 11.305  5.353   -7.077  1.00 31.87 ? 298  THR A OG1 1 
ATOM   163  C CG2 . THR A 1 21  ? 11.038  7.725   -7.304  1.00 29.85 ? 298  THR A CG2 1 
ATOM   164  N N   . ALA A 1 22  ? 7.524   7.611   -7.406  1.00 28.01 ? 299  ALA A N   1 
ATOM   165  C CA  . ALA A 1 22  ? 6.646   8.766   -7.574  1.00 29.76 ? 299  ALA A CA  1 
ATOM   166  C C   . ALA A 1 22  ? 5.717   8.975   -6.370  1.00 31.33 ? 299  ALA A C   1 
ATOM   167  O O   . ALA A 1 22  ? 5.559   10.107  -5.890  1.00 30.56 ? 299  ALA A O   1 
ATOM   168  C CB  . ALA A 1 22  ? 5.838   8.654   -8.858  1.00 29.59 ? 299  ALA A CB  1 
ATOM   169  N N   . LYS A 1 23  ? 5.116   7.896   -5.873  1.00 31.54 ? 300  LYS A N   1 
ATOM   170  C CA  . LYS A 1 23  ? 4.208   8.003   -4.710  1.00 32.89 ? 300  LYS A CA  1 
ATOM   171  C C   . LYS A 1 23  ? 4.940   8.395   -3.436  1.00 31.68 ? 300  LYS A C   1 
ATOM   172  O O   . LYS A 1 23  ? 4.441   9.201   -2.667  1.00 33.13 ? 300  LYS A O   1 
ATOM   173  C CB  . LYS A 1 23  ? 3.418   6.714   -4.488  1.00 31.71 ? 300  LYS A CB  1 
ATOM   174  C CG  . LYS A 1 23  ? 2.471   6.358   -5.618  1.00 32.33 ? 300  LYS A CG  1 
ATOM   175  C CD  . LYS A 1 23  ? 1.451   7.462   -5.869  1.00 33.79 ? 300  LYS A CD  1 
ATOM   176  C CE  . LYS A 1 23  ? 0.440   7.030   -6.905  1.00 34.84 ? 300  LYS A CE  1 
ATOM   177  N NZ  . LYS A 1 23  ? -0.434  8.151   -7.343  1.00 37.09 ? 300  LYS A NZ  1 
ATOM   178  N N   . ILE A 1 24  ? 6.127   7.842   -3.227  1.00 32.42 ? 301  ILE A N   1 
ATOM   179  C CA  . ILE A 1 24  ? 6.943   8.204   -2.073  1.00 33.71 ? 301  ILE A CA  1 
ATOM   180  C C   . ILE A 1 24  ? 7.305   9.696   -2.065  1.00 35.52 ? 301  ILE A C   1 
ATOM   181  O O   . ILE A 1 24  ? 7.267   10.340  -1.008  1.00 33.97 ? 301  ILE A O   1 
ATOM   182  C CB  . ILE A 1 24  ? 8.211   7.344   -1.999  1.00 34.19 ? 301  ILE A CB  1 
ATOM   183  C CG1 . ILE A 1 24  ? 7.829   5.934   -1.547  1.00 36.06 ? 301  ILE A CG1 1 
ATOM   184  C CG2 . ILE A 1 24  ? 9.237   7.948   -1.044  1.00 33.95 ? 301  ILE A CG2 1 
ATOM   185  C CD1 . ILE A 1 24  ? 8.956   4.945   -1.648  1.00 38.44 ? 301  ILE A CD1 1 
ATOM   186  N N   . LEU A 1 25  ? 7.662   10.227  -3.233  1.00 34.39 ? 302  LEU A N   1 
ATOM   187  C CA  . LEU A 1 25  ? 8.000   11.639  -3.364  1.00 37.17 ? 302  LEU A CA  1 
ATOM   188  C C   . LEU A 1 25  ? 6.763   12.529  -3.212  1.00 37.27 ? 302  LEU A C   1 
ATOM   189  O O   . LEU A 1 25  ? 6.859   13.631  -2.669  1.00 34.94 ? 302  LEU A O   1 
ATOM   190  C CB  . LEU A 1 25  ? 8.719   11.917  -4.695  1.00 36.92 ? 302  LEU A CB  1 
ATOM   191  C CG  . LEU A 1 25  ? 10.073  11.204  -4.825  1.00 39.41 ? 302  LEU A CG  1 
ATOM   192  C CD1 . LEU A 1 25  ? 10.634  11.301  -6.237  1.00 39.89 ? 302  LEU A CD1 1 
ATOM   193  C CD2 . LEU A 1 25  ? 11.078  11.730  -3.812  1.00 41.38 ? 302  LEU A CD2 1 
ATOM   194  N N   . ARG A 1 26  ? 5.605   12.050  -3.662  1.00 37.33 ? 303  ARG A N   1 
ATOM   195  C CA  . ARG A 1 26  ? 4.356   12.775  -3.424  1.00 39.63 ? 303  ARG A CA  1 
ATOM   196  C C   . ARG A 1 26  ? 4.071   12.890  -1.921  1.00 39.15 ? 303  ARG A C   1 
ATOM   197  O O   . ARG A 1 26  ? 3.782   13.982  -1.416  1.00 40.01 ? 303  ARG A O   1 
ATOM   198  C CB  . ARG A 1 26  ? 3.184   12.104  -4.128  1.00 44.25 ? 303  ARG A CB  1 
ATOM   199  C CG  . ARG A 1 26  ? 1.949   12.983  -4.158  1.00 49.16 ? 303  ARG A CG  1 
ATOM   200  C CD  . ARG A 1 26  ? 0.817   12.382  -4.974  1.00 55.80 ? 303  ARG A CD  1 
ATOM   201  N NE  . ARG A 1 26  ? -0.233  11.850  -4.113  1.00 63.62 ? 303  ARG A NE  1 
ATOM   202  C CZ  . ARG A 1 26  ? -1.475  11.569  -4.505  1.00 67.88 ? 303  ARG A CZ  1 
ATOM   203  N NH1 . ARG A 1 26  ? -1.852  11.758  -5.768  1.00 72.79 ? 303  ARG A NH1 1 
ATOM   204  N NH2 . ARG A 1 26  ? -2.349  11.092  -3.622  1.00 68.18 ? 303  ARG A NH2 1 
ATOM   205  N N   . ALA A 1 27  ? 4.178   11.772  -1.213  1.00 35.16 ? 304  ALA A N   1 
ATOM   206  C CA  . ALA A 1 27  ? 4.058   11.763  0.244   1.00 36.25 ? 304  ALA A CA  1 
ATOM   207  C C   . ALA A 1 27  ? 4.959   12.823  0.878   1.00 38.24 ? 304  ALA A C   1 
ATOM   208  O O   . ALA A 1 27  ? 4.540   13.550  1.777   1.00 35.94 ? 304  ALA A O   1 
ATOM   209  C CB  . ALA A 1 27  ? 4.392   10.389  0.805   1.00 34.27 ? 304  ALA A CB  1 
ATOM   210  N N   . GLN A 1 28  ? 6.186   12.908  0.382   1.00 40.63 ? 305  GLN A N   1 
ATOM   211  C CA  . GLN A 1 28  ? 7.170   13.873  0.871   1.00 46.09 ? 305  GLN A CA  1 
ATOM   212  C C   . GLN A 1 28  ? 6.817   15.318  0.530   1.00 48.29 ? 305  GLN A C   1 
ATOM   213  O O   . GLN A 1 28  ? 6.887   16.194  1.385   1.00 49.63 ? 305  GLN A O   1 
ATOM   214  C CB  . GLN A 1 28  ? 8.542   13.513  0.323   1.00 46.78 ? 305  GLN A CB  1 
ATOM   215  C CG  . GLN A 1 28  ? 9.018   12.198  0.887   1.00 49.78 ? 305  GLN A CG  1 
ATOM   216  C CD  . GLN A 1 28  ? 9.417   12.350  2.325   1.00 54.37 ? 305  GLN A CD  1 
ATOM   217  O OE1 . GLN A 1 28  ? 8.736   11.894  3.255   1.00 56.58 ? 305  GLN A OE1 1 
ATOM   218  N NE2 . GLN A 1 28  ? 10.507  13.044  2.516   1.00 54.24 ? 305  GLN A NE2 1 
ATOM   219  N N   . GLU A 1 29  ? 6.412   15.552  -0.709  1.00 53.08 ? 306  GLU A N   1 
ATOM   220  C CA  . GLU A 1 29  ? 5.843   16.838  -1.112  1.00 56.91 ? 306  GLU A CA  1 
ATOM   221  C C   . GLU A 1 29  ? 4.856   17.322  -0.041  1.00 56.67 ? 306  GLU A C   1 
ATOM   222  O O   . GLU A 1 29  ? 4.862   18.490  0.341   1.00 57.45 ? 306  GLU A O   1 
ATOM   223  C CB  . GLU A 1 29  ? 5.130   16.686  -2.462  1.00 62.24 ? 306  GLU A CB  1 
ATOM   224  C CG  . GLU A 1 29  ? 4.702   17.980  -3.134  1.00 69.32 ? 306  GLU A CG  1 
ATOM   225  C CD  . GLU A 1 29  ? 3.845   17.749  -4.377  1.00 73.35 ? 306  GLU A CD  1 
ATOM   226  O OE1 . GLU A 1 29  ? 3.801   16.606  -4.890  1.00 69.43 ? 306  GLU A OE1 1 
ATOM   227  O OE2 . GLU A 1 29  ? 3.216   18.723  -4.848  1.00 77.90 ? 306  GLU A OE2 1 
ATOM   228  N N   . MET A 1 30  ? 4.029   16.409  0.458   1.00 55.07 ? 307  MET A N   1 
ATOM   229  C CA  . MET A 1 30  ? 3.026   16.751  1.455   1.00 52.42 ? 307  MET A CA  1 
ATOM   230  C C   . MET A 1 30  ? 3.455   16.523  2.903   1.00 48.98 ? 307  MET A C   1 
ATOM   231  O O   . MET A 1 30  ? 2.610   16.443  3.788   1.00 49.10 ? 307  MET A O   1 
ATOM   232  C CB  . MET A 1 30  ? 1.749   15.996  1.162   1.00 57.99 ? 307  MET A CB  1 
ATOM   233  C CG  . MET A 1 30  ? 0.940   16.665  0.071   1.00 64.54 ? 307  MET A CG  1 
ATOM   234  S SD  . MET A 1 30  ? -0.412  15.595  -0.387  1.00 76.51 ? 307  MET A SD  1 
ATOM   235  C CE  . MET A 1 30  ? 0.493   14.333  -1.260  1.00 71.72 ? 307  MET A CE  1 
ATOM   236  N N   . ASN A 1 31  ? 4.760   16.436  3.138   1.00 44.70 ? 308  ASN A N   1 
ATOM   237  C CA  . ASN A 1 31  ? 5.318   16.375  4.487   1.00 45.16 ? 308  ASN A CA  1 
ATOM   238  C C   . ASN A 1 31  ? 4.893   15.172  5.298   1.00 39.82 ? 308  ASN A C   1 
ATOM   239  O O   . ASN A 1 31  ? 4.733   15.272  6.509   1.00 37.64 ? 308  ASN A O   1 
ATOM   240  C CB  . ASN A 1 31  ? 4.973   17.655  5.255   1.00 48.40 ? 308  ASN A CB  1 
ATOM   241  C CG  . ASN A 1 31  ? 5.316   18.888  4.472   1.00 54.57 ? 308  ASN A CG  1 
ATOM   242  O OD1 . ASN A 1 31  ? 6.444   19.031  3.997   1.00 56.46 ? 308  ASN A OD1 1 
ATOM   243  N ND2 . ASN A 1 31  ? 4.337   19.773  4.292   1.00 58.78 ? 308  ASN A ND2 1 
ATOM   244  N N   . ILE A 1 32  ? 4.729   14.028  4.639   1.00 36.26 ? 309  ILE A N   1 
ATOM   245  C CA  . ILE A 1 32  ? 4.398   12.800  5.348   1.00 33.69 ? 309  ILE A CA  1 
ATOM   246  C C   . ILE A 1 32  ? 5.629   11.905  5.401   1.00 32.52 ? 309  ILE A C   1 
ATOM   247  O O   . ILE A 1 32  ? 6.077   11.426  4.359   1.00 33.15 ? 309  ILE A O   1 
ATOM   248  C CB  . ILE A 1 32  ? 3.226   12.062  4.659   1.00 34.11 ? 309  ILE A CB  1 
ATOM   249  C CG1 . ILE A 1 32  ? 1.997   12.987  4.580   1.00 35.21 ? 309  ILE A CG1 1 
ATOM   250  C CG2 . ILE A 1 32  ? 2.914   10.760  5.393   1.00 33.31 ? 309  ILE A CG2 1 
ATOM   251  C CD1 . ILE A 1 32  ? 0.935   12.571  3.579   1.00 36.41 ? 309  ILE A CD1 1 
ATOM   252  N N   . PRO A 1 33  ? 6.167   11.651  6.610   1.00 32.90 ? 310  PRO A N   1 
ATOM   253  C CA  . PRO A 1 33  ? 7.244   10.676  6.758   1.00 32.93 ? 310  PRO A CA  1 
ATOM   254  C C   . PRO A 1 33  ? 6.866   9.309   6.202   1.00 33.61 ? 310  PRO A C   1 
ATOM   255  O O   . PRO A 1 33  ? 5.727   8.859   6.353   1.00 33.83 ? 310  PRO A O   1 
ATOM   256  C CB  . PRO A 1 33  ? 7.449   10.582  8.272   1.00 33.55 ? 310  PRO A CB  1 
ATOM   257  C CG  . PRO A 1 33  ? 6.924   11.865  8.820   1.00 33.68 ? 310  PRO A CG  1 
ATOM   258  C CD  . PRO A 1 33  ? 5.840   12.312  7.889   1.00 33.93 ? 310  PRO A CD  1 
ATOM   259  N N   . ILE A 1 34  ? 7.824   8.649   5.574   1.00 33.06 ? 311  ILE A N   1 
ATOM   260  C CA  . ILE A 1 34  ? 7.550   7.397   4.932   1.00 35.08 ? 311  ILE A CA  1 
ATOM   261  C C   . ILE A 1 34  ? 8.690   6.410   5.151   1.00 34.75 ? 311  ILE A C   1 
ATOM   262  O O   . ILE A 1 34  ? 9.883   6.766   5.086   1.00 32.98 ? 311  ILE A O   1 
ATOM   263  C CB  . ILE A 1 34  ? 7.185   7.622   3.442   1.00 37.90 ? 311  ILE A CB  1 
ATOM   264  C CG1 . ILE A 1 34  ? 6.603   6.347   2.820   1.00 41.10 ? 311  ILE A CG1 1 
ATOM   265  C CG2 . ILE A 1 34  ? 8.372   8.131   2.651   1.00 40.64 ? 311  ILE A CG2 1 
ATOM   266  C CD1 . ILE A 1 34  ? 5.542   6.629   1.772   1.00 40.53 ? 311  ILE A CD1 1 
ATOM   267  N N   . SER A 1 35  ? 8.301   5.177   5.439   1.00 32.84 ? 312  SER A N   1 
ATOM   268  C CA  . SER A 1 35  ? 9.220   4.071   5.645   1.00 36.15 ? 312  SER A CA  1 
ATOM   269  C C   . SER A 1 35  ? 8.955   3.007   4.580   1.00 36.39 ? 312  SER A C   1 
ATOM   270  O O   . SER A 1 35  ? 7.788   2.684   4.303   1.00 33.60 ? 312  SER A O   1 
ATOM   271  C CB  . SER A 1 35  ? 8.997   3.476   7.031   1.00 37.52 ? 312  SER A CB  1 
ATOM   272  O OG  . SER A 1 35  ? 10.070  2.631   7.360   1.00 44.69 ? 312  SER A OG  1 
ATOM   273  N N   . ILE A 1 36  ? 10.027  2.487   3.981   1.00 36.31 ? 313  ILE A N   1 
ATOM   274  C CA  . ILE A 1 36  ? 9.954   1.395   3.007   1.00 38.28 ? 313  ILE A CA  1 
ATOM   275  C C   . ILE A 1 36  ? 10.771  0.218   3.524   1.00 39.57 ? 313  ILE A C   1 
ATOM   276  O O   . ILE A 1 36  ? 12.000  0.317   3.666   1.00 36.06 ? 313  ILE A O   1 
ATOM   277  C CB  . ILE A 1 36  ? 10.478  1.783   1.611   1.00 41.00 ? 313  ILE A CB  1 
ATOM   278  C CG1 . ILE A 1 36  ? 9.846   3.086   1.141   1.00 45.92 ? 313  ILE A CG1 1 
ATOM   279  C CG2 . ILE A 1 36  ? 10.141  0.687   0.598   1.00 42.22 ? 313  ILE A CG2 1 
ATOM   280  C CD1 . ILE A 1 36  ? 10.631  4.326   1.498   1.00 50.26 ? 313  ILE A CD1 1 
ATOM   281  N N   . GLU A 1 37  ? 10.079  -0.893  3.782   1.00 38.47 ? 314  GLU A N   1 
ATOM   282  C CA  . GLU A 1 37  ? 10.664  -2.070  4.415   1.00 38.95 ? 314  GLU A CA  1 
ATOM   283  C C   . GLU A 1 37  ? 10.514  -3.295  3.508   1.00 36.91 ? 314  GLU A C   1 
ATOM   284  O O   . GLU A 1 37  ? 9.409   -3.747  3.247   1.00 38.30 ? 314  GLU A O   1 
ATOM   285  C CB  . GLU A 1 37  ? 9.980   -2.300  5.760   1.00 43.86 ? 314  GLU A CB  1 
ATOM   286  C CG  . GLU A 1 37  ? 10.165  -1.140  6.746   1.00 51.67 ? 314  GLU A CG  1 
ATOM   287  C CD  . GLU A 1 37  ? 8.930   -0.828  7.587   1.00 57.11 ? 314  GLU A CD  1 
ATOM   288  O OE1 . GLU A 1 37  ? 8.170   -1.758  7.913   1.00 64.15 ? 314  GLU A OE1 1 
ATOM   289  O OE2 . GLU A 1 37  ? 8.721   0.357   7.935   1.00 60.77 ? 314  GLU A OE2 1 
ATOM   290  N N   . ILE A 1 38  ? 11.628  -3.815  3.010   1.00 34.97 ? 315  ILE A N   1 
ATOM   291  C CA  . ILE A 1 38  ? 11.626  -5.006  2.162   1.00 34.56 ? 315  ILE A CA  1 
ATOM   292  C C   . ILE A 1 38  ? 12.697  -5.969  2.699   1.00 36.35 ? 315  ILE A C   1 
ATOM   293  O O   . ILE A 1 38  ? 13.836  -5.954  2.238   1.00 33.37 ? 315  ILE A O   1 
ATOM   294  C CB  . ILE A 1 38  ? 11.881  -4.652  0.686   1.00 33.23 ? 315  ILE A CB  1 
ATOM   295  C CG1 . ILE A 1 38  ? 10.912  -3.548  0.233   1.00 34.52 ? 315  ILE A CG1 1 
ATOM   296  C CG2 . ILE A 1 38  ? 11.726  -5.880  -0.202  1.00 33.19 ? 315  ILE A CG2 1 
ATOM   297  C CD1 . ILE A 1 38  ? 11.138  -3.034  -1.159  1.00 34.34 ? 315  ILE A CD1 1 
ATOM   298  N N   . PRO A 1 39  ? 12.328  -6.792  3.699   1.00 38.14 ? 316  PRO A N   1 
ATOM   299  C CA  . PRO A 1 39  ? 13.302  -7.646  4.399   1.00 40.26 ? 316  PRO A CA  1 
ATOM   300  C C   . PRO A 1 39  ? 14.009  -8.655  3.494   1.00 41.55 ? 316  PRO A C   1 
ATOM   301  O O   . PRO A 1 39  ? 15.193  -8.873  3.663   1.00 42.00 ? 316  PRO A O   1 
ATOM   302  C CB  . PRO A 1 39  ? 12.466  -8.356  5.477   1.00 39.86 ? 316  PRO A CB  1 
ATOM   303  C CG  . PRO A 1 39  ? 11.051  -8.183  5.074   1.00 40.93 ? 316  PRO A CG  1 
ATOM   304  C CD  . PRO A 1 39  ? 10.970  -6.936  4.246   1.00 39.72 ? 316  PRO A CD  1 
ATOM   305  N N   . ASP A 1 40  ? 13.294  -9.229  2.529   1.00 40.95 ? 317  ASP A N   1 
ATOM   306  C CA  . ASP A 1 40  ? 13.863  -10.194 1.605   1.00 41.36 ? 317  ASP A CA  1 
ATOM   307  C C   . ASP A 1 40  ? 13.718  -9.757  0.159   1.00 41.76 ? 317  ASP A C   1 
ATOM   308  O O   . ASP A 1 40  ? 12.886  -8.901  -0.182  1.00 38.81 ? 317  ASP A O   1 
ATOM   309  C CB  . ASP A 1 40  ? 13.193  -11.557 1.814   1.00 45.06 ? 317  ASP A CB  1 
ATOM   310  C CG  . ASP A 1 40  ? 13.511  -12.147 3.177   1.00 48.38 ? 317  ASP A CG  1 
ATOM   311  O OD1 . ASP A 1 40  ? 14.696  -12.466 3.403   1.00 52.72 ? 317  ASP A OD1 1 
ATOM   312  O OD2 . ASP A 1 40  ? 12.594  -12.260 4.026   1.00 51.43 ? 317  ASP A OD2 1 
ATOM   313  N N   . GLU A 1 41  ? 14.537  -10.370 -0.686  1.00 41.16 ? 318  GLU A N   1 
ATOM   314  C CA  . GLU A 1 41  ? 14.527  -10.117 -2.113  1.00 44.44 ? 318  GLU A CA  1 
ATOM   315  C C   . GLU A 1 41  ? 13.171  -10.502 -2.706  1.00 41.85 ? 318  GLU A C   1 
ATOM   316  O O   . GLU A 1 41  ? 12.632  -11.566 -2.405  1.00 39.32 ? 318  GLU A O   1 
ATOM   317  C CB  . GLU A 1 41  ? 15.640  -10.910 -2.794  1.00 47.37 ? 318  GLU A CB  1 
ATOM   318  C CG  . GLU A 1 41  ? 15.717  -10.695 -4.292  1.00 54.20 ? 318  GLU A CG  1 
ATOM   319  C CD  . GLU A 1 41  ? 16.793  -11.541 -4.946  1.00 60.51 ? 318  GLU A CD  1 
ATOM   320  O OE1 . GLU A 1 41  ? 16.902  -12.737 -4.602  1.00 66.68 ? 318  GLU A OE1 1 
ATOM   321  O OE2 . GLU A 1 41  ? 17.529  -11.010 -5.803  1.00 63.24 ? 318  GLU A OE2 1 
ATOM   322  N N   . VAL A 1 42  ? 12.627  -9.610  -3.528  1.00 40.19 ? 319  VAL A N   1 
ATOM   323  C CA  . VAL A 1 42  ? 11.366  -9.835  -4.226  1.00 38.92 ? 319  VAL A CA  1 
ATOM   324  C C   . VAL A 1 42  ? 11.655  -9.646  -5.707  1.00 37.63 ? 319  VAL A C   1 
ATOM   325  O O   . VAL A 1 42  ? 11.779  -8.526  -6.183  1.00 35.15 ? 319  VAL A O   1 
ATOM   326  C CB  . VAL A 1 42  ? 10.265  -8.865  -3.741  1.00 38.49 ? 319  VAL A CB  1 
ATOM   327  C CG1 . VAL A 1 42  ? 9.003   -8.998  -4.586  1.00 38.67 ? 319  VAL A CG1 1 
ATOM   328  C CG2 . VAL A 1 42  ? 9.947   -9.102  -2.268  1.00 37.63 ? 319  VAL A CG2 1 
ATOM   329  N N   . SER A 1 43  ? 11.789  -10.755 -6.428  1.00 38.88 ? 320  SER A N   1 
ATOM   330  C CA  . SER A 1 43  ? 12.151  -10.697 -7.841  1.00 40.81 ? 320  SER A CA  1 
ATOM   331  C C   . SER A 1 43  ? 10.971  -10.980 -8.758  1.00 38.69 ? 320  SER A C   1 
ATOM   332  O O   . SER A 1 43  ? 11.071  -10.778 -9.956  1.00 40.79 ? 320  SER A O   1 
ATOM   333  C CB  . SER A 1 43  ? 13.303  -11.668 -8.142  1.00 43.16 ? 320  SER A CB  1 
ATOM   334  O OG  . SER A 1 43  ? 12.984  -12.983 -7.725  1.00 45.44 ? 320  SER A OG  1 
ATOM   335  N N   . SER A 1 44  ? 9.860   -11.456 -8.211  1.00 37.97 ? 321  SER A N   1 
ATOM   336  C CA  . SER A 1 44  ? 8.656   -11.606 -9.011  1.00 39.97 ? 321  SER A CA  1 
ATOM   337  C C   . SER A 1 44  ? 7.416   -11.607 -8.143  1.00 38.32 ? 321  SER A C   1 
ATOM   338  O O   . SER A 1 44  ? 7.446   -12.008 -6.986  1.00 39.87 ? 321  SER A O   1 
ATOM   339  C CB  . SER A 1 44  ? 8.713   -12.889 -9.862  1.00 42.97 ? 321  SER A CB  1 
ATOM   340  O OG  . SER A 1 44  ? 8.664   -14.047 -9.051  1.00 45.09 ? 321  SER A OG  1 
ATOM   341  N N   . ILE A 1 45  ? 6.326   -11.117 -8.710  1.00 37.25 ? 322  ILE A N   1 
ATOM   342  C CA  . ILE A 1 45  ? 5.045   -11.104 -8.036  1.00 35.61 ? 322  ILE A CA  1 
ATOM   343  C C   . ILE A 1 45  ? 4.062   -11.709 -9.030  1.00 35.59 ? 322  ILE A C   1 
ATOM   344  O O   . ILE A 1 45  ? 4.027   -11.312 -10.190 1.00 35.02 ? 322  ILE A O   1 
ATOM   345  C CB  . ILE A 1 45  ? 4.657   -9.669  -7.637  1.00 34.84 ? 322  ILE A CB  1 
ATOM   346  C CG1 . ILE A 1 45  ? 5.664   -9.123  -6.617  1.00 34.73 ? 322  ILE A CG1 1 
ATOM   347  C CG2 . ILE A 1 45  ? 3.247   -9.615  -7.066  1.00 35.62 ? 322  ILE A CG2 1 
ATOM   348  C CD1 . ILE A 1 45  ? 5.520   -7.642  -6.345  1.00 35.92 ? 322  ILE A CD1 1 
ATOM   349  N N   . ASN A 1 46  ? 3.275   -12.676 -8.578  1.00 35.51 ? 323  ASN A N   1 
ATOM   350  C CA  . ASN A 1 46  ? 2.379   -13.403 -9.460  1.00 35.30 ? 323  ASN A CA  1 
ATOM   351  C C   . ASN A 1 46  ? 1.065   -12.664 -9.674  1.00 35.40 ? 323  ASN A C   1 
ATOM   352  O O   . ASN A 1 46  ? -0.011  -13.164 -9.349  1.00 34.85 ? 323  ASN A O   1 
ATOM   353  C CB  . ASN A 1 46  ? 2.128   -14.817 -8.928  1.00 38.20 ? 323  ASN A CB  1 
ATOM   354  C CG  . ASN A 1 46  ? 1.345   -15.675 -9.911  1.00 39.03 ? 323  ASN A CG  1 
ATOM   355  O OD1 . ASN A 1 46  ? 1.432   -15.488 -11.124 1.00 39.49 ? 323  ASN A OD1 1 
ATOM   356  N ND2 . ASN A 1 46  ? 0.549   -16.588 -9.389  1.00 38.09 ? 323  ASN A ND2 1 
ATOM   357  N N   . LEU A 1 47  ? 1.171   -11.456 -10.219 1.00 35.73 ? 324  LEU A N   1 
ATOM   358  C CA  . LEU A 1 47  ? 0.012   -10.672 -10.631 1.00 34.05 ? 324  LEU A CA  1 
ATOM   359  C C   . LEU A 1 47  ? 0.458   -9.822  -11.802 1.00 35.15 ? 324  LEU A C   1 
ATOM   360  O O   . LEU A 1 47  ? 1.561   -9.268  -11.783 1.00 34.44 ? 324  LEU A O   1 
ATOM   361  C CB  . LEU A 1 47  ? -0.495  -9.788  -9.499  1.00 34.40 ? 324  LEU A CB  1 
ATOM   362  C CG  . LEU A 1 47  ? -1.714  -8.904  -9.800  1.00 36.05 ? 324  LEU A CG  1 
ATOM   363  C CD1 . LEU A 1 47  ? -2.923  -9.748  -10.197 1.00 35.23 ? 324  LEU A CD1 1 
ATOM   364  C CD2 . LEU A 1 47  ? -2.059  -8.017  -8.609  1.00 35.74 ? 324  LEU A CD2 1 
ATOM   365  N N   . ASN A 1 48  ? -0.390  -9.725  -12.826 1.00 34.38 ? 325  ASN A N   1 
ATOM   366  C CA  . ASN A 1 48  ? -0.024  -8.996  -14.033 1.00 34.75 ? 325  ASN A CA  1 
ATOM   367  C C   . ASN A 1 48  ? 0.236   -7.532  -13.707 1.00 34.17 ? 325  ASN A C   1 
ATOM   368  O O   . ASN A 1 48  ? -0.313  -6.984  -12.744 1.00 31.54 ? 325  ASN A O   1 
ATOM   369  C CB  . ASN A 1 48  ? -1.117  -9.104  -15.102 1.00 34.86 ? 325  ASN A CB  1 
ATOM   370  C CG  . ASN A 1 48  ? -2.371  -8.360  -14.722 1.00 33.44 ? 325  ASN A CG  1 
ATOM   371  O OD1 . ASN A 1 48  ? -2.494  -7.165  -14.974 1.00 33.93 ? 325  ASN A OD1 1 
ATOM   372  N ND2 . ASN A 1 48  ? -3.311  -9.058  -14.110 1.00 34.94 ? 325  ASN A ND2 1 
ATOM   373  N N   . MET A 1 49  ? 1.067   -6.922  -14.542 1.00 33.62 ? 326  MET A N   1 
ATOM   374  C CA  . MET A 1 49  ? 1.564   -5.569  -14.337 1.00 35.02 ? 326  MET A CA  1 
ATOM   375  C C   . MET A 1 49  ? 0.453   -4.530  -14.224 1.00 31.89 ? 326  MET A C   1 
ATOM   376  O O   . MET A 1 49  ? 0.581   -3.581  -13.467 1.00 31.00 ? 326  MET A O   1 
ATOM   377  C CB  . MET A 1 49  ? 2.496   -5.199  -15.495 1.00 39.59 ? 326  MET A CB  1 
ATOM   378  C CG  . MET A 1 49  ? 3.345   -3.970  -15.235 1.00 46.04 ? 326  MET A CG  1 
ATOM   379  S SD  . MET A 1 49  ? 3.901   -3.223  -16.771 1.00 56.89 ? 326  MET A SD  1 
ATOM   380  C CE  . MET A 1 49  ? 2.396   -2.410  -17.302 1.00 54.29 ? 326  MET A CE  1 
ATOM   381  N N   . ILE A 1 50  ? -0.624  -4.714  -14.980 1.00 31.12 ? 327  ILE A N   1 
ATOM   382  C CA  . ILE A 1 50  ? -1.744  -3.774  -14.976 1.00 32.54 ? 327  ILE A CA  1 
ATOM   383  C C   . ILE A 1 50  ? -2.431  -3.701  -13.606 1.00 32.12 ? 327  ILE A C   1 
ATOM   384  O O   . ILE A 1 50  ? -2.550  -2.617  -13.020 1.00 31.96 ? 327  ILE A O   1 
ATOM   385  C CB  . ILE A 1 50  ? -2.822  -4.115  -16.028 1.00 32.73 ? 327  ILE A CB  1 
ATOM   386  C CG1 . ILE A 1 50  ? -2.201  -4.365  -17.412 1.00 34.80 ? 327  ILE A CG1 1 
ATOM   387  C CG2 . ILE A 1 50  ? -3.882  -3.009  -16.075 1.00 33.05 ? 327  ILE A CG2 1 
ATOM   388  C CD1 . ILE A 1 50  ? -1.293  -3.264  -17.907 1.00 35.32 ? 327  ILE A CD1 1 
ATOM   389  N N   . ASP A 1 51  ? -2.892  -4.846  -13.113 1.00 31.57 ? 328  ASP A N   1 
ATOM   390  C CA  . ASP A 1 51  ? -3.562  -4.888  -11.826 1.00 32.89 ? 328  ASP A CA  1 
ATOM   391  C C   . ASP A 1 51  ? -2.585  -4.605  -10.676 1.00 31.42 ? 328  ASP A C   1 
ATOM   392  O O   . ASP A 1 51  ? -2.973  -4.035  -9.676  1.00 27.30 ? 328  ASP A O   1 
ATOM   393  C CB  . ASP A 1 51  ? -4.245  -6.231  -11.603 1.00 34.56 ? 328  ASP A CB  1 
ATOM   394  C CG  . ASP A 1 51  ? -5.458  -6.427  -12.495 1.00 37.28 ? 328  ASP A CG  1 
ATOM   395  O OD1 . ASP A 1 51  ? -6.181  -5.447  -12.777 1.00 37.53 ? 328  ASP A OD1 1 
ATOM   396  O OD2 . ASP A 1 51  ? -5.686  -7.579  -12.918 1.00 40.25 ? 328  ASP A OD2 1 
ATOM   397  N N   . LEU A 1 52  ? -1.323  -4.992  -10.830 1.00 30.95 ? 329  LEU A N   1 
ATOM   398  C CA  . LEU A 1 52  ? -0.338  -4.756  -9.766  1.00 31.67 ? 329  LEU A CA  1 
ATOM   399  C C   . LEU A 1 52  ? -0.025  -3.264  -9.614  1.00 30.36 ? 329  LEU A C   1 
ATOM   400  O O   . LEU A 1 52  ? 0.005   -2.735  -8.501  1.00 30.89 ? 329  LEU A O   1 
ATOM   401  C CB  . LEU A 1 52  ? 0.934   -5.562  -10.026 1.00 31.48 ? 329  LEU A CB  1 
ATOM   402  C CG  . LEU A 1 52  ? 2.062   -5.419  -9.013  1.00 32.40 ? 329  LEU A CG  1 
ATOM   403  C CD1 . LEU A 1 52  ? 1.634   -5.830  -7.620  1.00 32.03 ? 329  LEU A CD1 1 
ATOM   404  C CD2 . LEU A 1 52  ? 3.243   -6.238  -9.488  1.00 33.61 ? 329  LEU A CD2 1 
ATOM   405  N N   . SER A 1 53  ? 0.181   -2.595  -10.741 1.00 29.93 ? 330  SER A N   1 
ATOM   406  C CA  . SER A 1 53  ? 0.410   -1.148  -10.767 1.00 29.78 ? 330  SER A CA  1 
ATOM   407  C C   . SER A 1 53  ? -0.780  -0.360  -10.225 1.00 29.23 ? 330  SER A C   1 
ATOM   408  O O   . SER A 1 53  ? -0.619  0.523   -9.387  1.00 28.22 ? 330  SER A O   1 
ATOM   409  C CB  . SER A 1 53  ? 0.719   -0.697  -12.198 1.00 29.61 ? 330  SER A CB  1 
ATOM   410  O OG  . SER A 1 53  ? 1.903   -1.330  -12.646 1.00 30.39 ? 330  SER A OG  1 
ATOM   411  N N   . ARG A 1 54  ? -1.966  -0.688  -10.719 1.00 30.43 ? 331  ARG A N   1 
ATOM   412  C CA  . ARG A 1 54  ? -3.203  -0.052  -10.279 1.00 34.23 ? 331  ARG A CA  1 
ATOM   413  C C   . ARG A 1 54  ? -3.401  -0.206  -8.764  1.00 31.79 ? 331  ARG A C   1 
ATOM   414  O O   . ARG A 1 54  ? -3.702  0.765   -8.068  1.00 30.25 ? 331  ARG A O   1 
ATOM   415  C CB  . ARG A 1 54  ? -4.390  -0.646  -11.045 1.00 37.85 ? 331  ARG A CB  1 
ATOM   416  C CG  . ARG A 1 54  ? -5.708  0.090   -10.864 1.00 45.16 ? 331  ARG A CG  1 
ATOM   417  C CD  . ARG A 1 54  ? -5.953  1.142   -11.938 1.00 49.40 ? 331  ARG A CD  1 
ATOM   418  N NE  . ARG A 1 54  ? -7.262  1.790   -11.792 1.00 55.39 ? 331  ARG A NE  1 
ATOM   419  C CZ  . ARG A 1 54  ? -7.487  3.005   -11.288 1.00 57.20 ? 331  ARG A CZ  1 
ATOM   420  N NH1 . ARG A 1 54  ? -6.497  3.771   -10.860 1.00 58.54 ? 331  ARG A NH1 1 
ATOM   421  N NH2 . ARG A 1 54  ? -8.733  3.463   -11.210 1.00 61.66 ? 331  ARG A NH2 1 
ATOM   422  N N   . SER A 1 55  ? -3.220  -1.421  -8.258  1.00 30.98 ? 332  SER A N   1 
ATOM   423  C CA  . SER A 1 55  ? -3.428  -1.701  -6.827  1.00 30.65 ? 332  SER A CA  1 
ATOM   424  C C   . SER A 1 55  ? -2.444  -0.923  -5.947  1.00 29.93 ? 332  SER A C   1 
ATOM   425  O O   . SER A 1 55  ? -2.821  -0.348  -4.924  1.00 29.47 ? 332  SER A O   1 
ATOM   426  C CB  . SER A 1 55  ? -3.268  -3.207  -6.557  1.00 31.14 ? 332  SER A CB  1 
ATOM   427  O OG  . SER A 1 55  ? -4.235  -3.944  -7.279  1.00 32.87 ? 332  SER A OG  1 
ATOM   428  N N   . ILE A 1 56  ? -1.177  -0.921  -6.349  1.00 29.11 ? 333  ILE A N   1 
ATOM   429  C CA  . ILE A 1 56  ? -0.138  -0.190  -5.619  1.00 28.96 ? 333  ILE A CA  1 
ATOM   430  C C   . ILE A 1 56  ? -0.460  1.298   -5.614  1.00 27.86 ? 333  ILE A C   1 
ATOM   431  O O   . ILE A 1 56  ? -0.415  1.941   -4.568  1.00 27.46 ? 333  ILE A O   1 
ATOM   432  C CB  . ILE A 1 56  ? 1.274   -0.490  -6.198  1.00 29.22 ? 333  ILE A CB  1 
ATOM   433  C CG1 . ILE A 1 56  ? 1.686   -1.907  -5.784  1.00 31.35 ? 333  ILE A CG1 1 
ATOM   434  C CG2 . ILE A 1 56  ? 2.317   0.500   -5.703  1.00 29.24 ? 333  ILE A CG2 1 
ATOM   435  C CD1 . ILE A 1 56  ? 2.889   -2.471  -6.528  1.00 31.51 ? 333  ILE A CD1 1 
ATOM   436  N N   . GLY A 1 57  ? -0.803  1.835   -6.782  1.00 29.24 ? 334  GLY A N   1 
ATOM   437  C CA  . GLY A 1 57  ? -1.162  3.247   -6.902  1.00 29.34 ? 334  GLY A CA  1 
ATOM   438  C C   . GLY A 1 57  ? -2.337  3.640   -6.029  1.00 28.53 ? 334  GLY A C   1 
ATOM   439  O O   . GLY A 1 57  ? -2.272  4.636   -5.309  1.00 28.15 ? 334  GLY A O   1 
ATOM   440  N N   . ILE A 1 58  ? -3.405  2.845   -6.073  1.00 28.75 ? 335  ILE A N   1 
ATOM   441  C CA  . ILE A 1 58  ? -4.610  3.138   -5.295  1.00 29.03 ? 335  ILE A CA  1 
ATOM   442  C C   . ILE A 1 58  ? -4.294  3.086   -3.806  1.00 28.74 ? 335  ILE A C   1 
ATOM   443  O O   . ILE A 1 58  ? -4.699  3.963   -3.046  1.00 28.16 ? 335  ILE A O   1 
ATOM   444  C CB  . ILE A 1 58  ? -5.743  2.138   -5.621  1.00 31.01 ? 335  ILE A CB  1 
ATOM   445  C CG1 . ILE A 1 58  ? -6.300  2.411   -7.020  1.00 32.46 ? 335  ILE A CG1 1 
ATOM   446  C CG2 . ILE A 1 58  ? -6.873  2.222   -4.595  1.00 30.67 ? 335  ILE A CG2 1 
ATOM   447  C CD1 . ILE A 1 58  ? -7.229  1.321   -7.519  1.00 34.37 ? 335  ILE A CD1 1 
ATOM   448  N N   . ILE A 1 59  ? -3.573  2.045   -3.397  1.00 27.63 ? 336  ILE A N   1 
ATOM   449  C CA  . ILE A 1 59  ? -3.289  1.820   -1.982  1.00 28.10 ? 336  ILE A CA  1 
ATOM   450  C C   . ILE A 1 59  ? -2.424  2.951   -1.415  1.00 28.19 ? 336  ILE A C   1 
ATOM   451  O O   . ILE A 1 59  ? -2.718  3.483   -0.346  1.00 25.38 ? 336  ILE A O   1 
ATOM   452  C CB  . ILE A 1 59  ? -2.627  0.446   -1.764  1.00 27.84 ? 336  ILE A CB  1 
ATOM   453  C CG1 . ILE A 1 59  ? -3.690  -0.651  -1.878  1.00 28.58 ? 336  ILE A CG1 1 
ATOM   454  C CG2 . ILE A 1 59  ? -1.930  0.385   -0.417  1.00 27.55 ? 336  ILE A CG2 1 
ATOM   455  C CD1 . ILE A 1 59  ? -3.118  -2.051  -1.926  1.00 28.97 ? 336  ILE A CD1 1 
ATOM   456  N N   . LEU A 1 60  ? -1.379  3.333   -2.146  1.00 27.58 ? 337  LEU A N   1 
ATOM   457  C CA  . LEU A 1 60  ? -0.539  4.442   -1.704  1.00 27.58 ? 337  LEU A CA  1 
ATOM   458  C C   . LEU A 1 60  ? -1.287  5.765   -1.725  1.00 28.10 ? 337  LEU A C   1 
ATOM   459  O O   . LEU A 1 60  ? -1.099  6.592   -0.827  1.00 28.18 ? 337  LEU A O   1 
ATOM   460  C CB  . LEU A 1 60  ? 0.740   4.545   -2.530  1.00 28.03 ? 337  LEU A CB  1 
ATOM   461  C CG  . LEU A 1 60  ? 1.736   3.405   -2.300  1.00 29.16 ? 337  LEU A CG  1 
ATOM   462  C CD1 . LEU A 1 60  ? 2.865   3.449   -3.326  1.00 30.37 ? 337  LEU A CD1 1 
ATOM   463  C CD2 . LEU A 1 60  ? 2.291   3.454   -0.895  1.00 29.75 ? 337  LEU A CD2 1 
ATOM   464  N N   . ASP A 1 61  ? -2.111  5.986   -2.744  1.00 28.50 ? 338  ASP A N   1 
ATOM   465  C CA  . ASP A 1 61  ? -2.935  7.194   -2.771  1.00 30.91 ? 338  ASP A CA  1 
ATOM   466  C C   . ASP A 1 61  ? -3.911  7.217   -1.589  1.00 31.10 ? 338  ASP A C   1 
ATOM   467  O O   . ASP A 1 61  ? -4.092  8.259   -0.958  1.00 29.38 ? 338  ASP A O   1 
ATOM   468  C CB  . ASP A 1 61  ? -3.712  7.319   -4.080  1.00 33.09 ? 338  ASP A CB  1 
ATOM   469  C CG  . ASP A 1 61  ? -2.869  7.863   -5.217  1.00 36.85 ? 338  ASP A CG  1 
ATOM   470  O OD1 . ASP A 1 61  ? -1.791  8.457   -4.966  1.00 39.27 ? 338  ASP A OD1 1 
ATOM   471  O OD2 . ASP A 1 61  ? -3.296  7.701   -6.381  1.00 41.03 ? 338  ASP A OD2 1 
ATOM   472  N N   . ASN A 1 62  ? -4.535  6.075   -1.293  1.00 30.73 ? 339  ASN A N   1 
ATOM   473  C CA  . ASN A 1 62  ? -5.409  5.983   -0.122  1.00 31.24 ? 339  ASN A CA  1 
ATOM   474  C C   . ASN A 1 62  ? -4.677  6.396   1.141   1.00 32.87 ? 339  ASN A C   1 
ATOM   475  O O   . ASN A 1 62  ? -5.209  7.165   1.941   1.00 32.31 ? 339  ASN A O   1 
ATOM   476  C CB  . ASN A 1 62  ? -5.940  4.565   0.085   1.00 32.12 ? 339  ASN A CB  1 
ATOM   477  C CG  . ASN A 1 62  ? -6.984  4.170   -0.932  1.00 32.22 ? 339  ASN A CG  1 
ATOM   478  O OD1 . ASN A 1 62  ? -7.517  5.017   -1.646  1.00 32.41 ? 339  ASN A OD1 1 
ATOM   479  N ND2 . ASN A 1 62  ? -7.287  2.872   -1.001  1.00 31.44 ? 339  ASN A ND2 1 
ATOM   480  N N   . ALA A 1 63  ? -3.465  5.863   1.328   1.00 31.94 ? 340  ALA A N   1 
ATOM   481  C CA  . ALA A 1 63  ? -2.685  6.135   2.538   1.00 31.04 ? 340  ALA A CA  1 
ATOM   482  C C   . ALA A 1 63  ? -2.285  7.608   2.665   1.00 31.55 ? 340  ALA A C   1 
ATOM   483  O O   . ALA A 1 63  ? -2.322  8.178   3.755   1.00 32.13 ? 340  ALA A O   1 
ATOM   484  C CB  . ALA A 1 63  ? -1.448  5.253   2.581   1.00 31.40 ? 340  ALA A CB  1 
ATOM   485  N N   . ILE A 1 64  ? -1.881  8.201   1.553   1.00 31.09 ? 341  ILE A N   1 
ATOM   486  C CA  . ILE A 1 64  ? -1.546  9.622   1.495   1.00 32.86 ? 341  ILE A CA  1 
ATOM   487  C C   . ILE A 1 64  ? -2.760  10.499  1.822   1.00 35.17 ? 341  ILE A C   1 
ATOM   488  O O   . ILE A 1 64  ? -2.705  11.339  2.731   1.00 36.31 ? 341  ILE A O   1 
ATOM   489  C CB  . ILE A 1 64  ? -0.981  9.985   0.106   1.00 32.07 ? 341  ILE A CB  1 
ATOM   490  C CG1 . ILE A 1 64  ? 0.418   9.374   -0.065  1.00 31.10 ? 341  ILE A CG1 1 
ATOM   491  C CG2 . ILE A 1 64  ? -0.910  11.501  -0.077  1.00 33.55 ? 341  ILE A CG2 1 
ATOM   492  C CD1 . ILE A 1 64  ? 0.947   9.425   -1.480  1.00 31.90 ? 341  ILE A CD1 1 
ATOM   493  N N   . GLU A 1 65  ? -3.855  10.289  1.093   1.00 37.67 ? 342  GLU A N   1 
ATOM   494  C CA  . GLU A 1 65  ? -5.091  11.042  1.315   1.00 40.05 ? 342  GLU A CA  1 
ATOM   495  C C   . GLU A 1 65  ? -5.567  10.931  2.766   1.00 40.99 ? 342  GLU A C   1 
ATOM   496  O O   . GLU A 1 65  ? -5.943  11.926  3.374   1.00 41.60 ? 342  GLU A O   1 
ATOM   497  C CB  . GLU A 1 65  ? -6.189  10.581  0.355   1.00 39.34 ? 342  GLU A CB  1 
ATOM   498  N N   . ALA A 1 66  ? -5.502  9.726   3.328   1.00 43.42 ? 343  ALA A N   1 
ATOM   499  C CA  . ALA A 1 66  ? -5.927  9.484   4.707   1.00 43.06 ? 343  ALA A CA  1 
ATOM   500  C C   . ALA A 1 66  ? -4.987  10.077  5.752   1.00 44.37 ? 343  ALA A C   1 
ATOM   501  O O   . ALA A 1 66  ? -5.309  10.047  6.938   1.00 46.42 ? 343  ALA A O   1 
ATOM   502  C CB  . ALA A 1 66  ? -6.075  7.991   4.959   1.00 42.07 ? 343  ALA A CB  1 
ATOM   503  N N   . SER A 1 67  ? -3.820  10.565  5.328   1.00 41.82 ? 344  SER A N   1 
ATOM   504  C CA  . SER A 1 67  ? -2.817  11.076  6.246   1.00 40.99 ? 344  SER A CA  1 
ATOM   505  C C   . SER A 1 67  ? -2.792  12.604  6.314   1.00 43.09 ? 344  SER A C   1 
ATOM   506  O O   . SER A 1 67  ? -2.089  13.152  7.148   1.00 43.01 ? 344  SER A O   1 
ATOM   507  C CB  . SER A 1 67  ? -1.422  10.581  5.843   1.00 39.58 ? 344  SER A CB  1 
ATOM   508  O OG  . SER A 1 67  ? -1.315  9.172   5.920   1.00 38.13 ? 344  SER A OG  1 
ATOM   509  N N   . THR A 1 68  ? -3.533  13.285  5.441   1.00 47.93 ? 345  THR A N   1 
ATOM   510  C CA  . THR A 1 68  ? -3.403  14.747  5.298   1.00 54.25 ? 345  THR A CA  1 
ATOM   511  C C   . THR A 1 68  ? -4.019  15.546  6.463   1.00 56.38 ? 345  THR A C   1 
ATOM   512  O O   . THR A 1 68  ? -3.534  16.624  6.791   1.00 55.98 ? 345  THR A O   1 
ATOM   513  C CB  . THR A 1 68  ? -4.003  15.251  3.968   1.00 54.58 ? 345  THR A CB  1 
ATOM   514  O OG1 . THR A 1 68  ? -5.379  14.862  3.887   1.00 59.99 ? 345  THR A OG1 1 
ATOM   515  C CG2 . THR A 1 68  ? -3.236  14.682  2.776   1.00 52.89 ? 345  THR A CG2 1 
ATOM   516  N N   . GLU A 1 69  ? -5.062  15.006  7.091   1.00 56.61 ? 346  GLU A N   1 
ATOM   517  C CA  . GLU A 1 69  ? -5.673  15.644  8.251   1.00 59.90 ? 346  GLU A CA  1 
ATOM   518  C C   . GLU A 1 69  ? -5.078  15.163  9.575   1.00 62.32 ? 346  GLU A C   1 
ATOM   519  O O   . GLU A 1 69  ? -5.561  15.546  10.636  1.00 64.89 ? 346  GLU A O   1 
ATOM   520  C CB  . GLU A 1 69  ? -7.183  15.387  8.255   1.00 62.87 ? 346  GLU A CB  1 
ATOM   521  N N   . ILE A 1 70  ? -4.033  14.339  9.520   1.00 62.14 ? 347  ILE A N   1 
ATOM   522  C CA  . ILE A 1 70  ? -3.458  13.725  10.720  1.00 59.71 ? 347  ILE A CA  1 
ATOM   523  C C   . ILE A 1 70  ? -2.316  14.583  11.259  1.00 59.99 ? 347  ILE A C   1 
ATOM   524  O O   . ILE A 1 70  ? -1.539  15.150  10.488  1.00 60.32 ? 347  ILE A O   1 
ATOM   525  C CB  . ILE A 1 70  ? -2.959  12.291  10.428  1.00 59.45 ? 347  ILE A CB  1 
ATOM   526  C CG1 . ILE A 1 70  ? -4.093  11.421  9.855   1.00 61.07 ? 347  ILE A CG1 1 
ATOM   527  C CG2 . ILE A 1 70  ? -2.372  11.648  11.675  1.00 57.86 ? 347  ILE A CG2 1 
ATOM   528  C CD1 . ILE A 1 70  ? -5.259  11.180  10.796  1.00 63.04 ? 347  ILE A CD1 1 
ATOM   529  N N   . ASP A 1 71  ? -2.219  14.661  12.586  1.00 60.30 ? 348  ASP A N   1 
ATOM   530  C CA  . ASP A 1 71  ? -1.313  15.596  13.263  1.00 61.99 ? 348  ASP A CA  1 
ATOM   531  C C   . ASP A 1 71  ? 0.155   15.231  13.064  1.00 60.10 ? 348  ASP A C   1 
ATOM   532  O O   . ASP A 1 71  ? 0.966   16.078  12.674  1.00 67.06 ? 348  ASP A O   1 
ATOM   533  C CB  . ASP A 1 71  ? -1.634  15.665  14.765  1.00 61.68 ? 348  ASP A CB  1 
ATOM   534  N N   . ASP A 1 72  ? 0.490   13.974  13.336  1.00 53.82 ? 349  ASP A N   1 
ATOM   535  C CA  . ASP A 1 72  ? 1.857   13.485  13.179  1.00 53.05 ? 349  ASP A CA  1 
ATOM   536  C C   . ASP A 1 72  ? 1.851   12.272  12.230  1.00 46.39 ? 349  ASP A C   1 
ATOM   537  O O   . ASP A 1 72  ? 1.979   11.133  12.669  1.00 42.77 ? 349  ASP A O   1 
ATOM   538  C CB  . ASP A 1 72  ? 2.422   13.118  14.555  1.00 59.46 ? 349  ASP A CB  1 
ATOM   539  C CG  . ASP A 1 72  ? 3.853   12.618  14.495  1.00 67.31 ? 349  ASP A CG  1 
ATOM   540  O OD1 . ASP A 1 72  ? 4.566   12.898  13.501  1.00 78.53 ? 349  ASP A OD1 1 
ATOM   541  O OD2 . ASP A 1 72  ? 4.267   11.931  15.455  1.00 74.71 ? 349  ASP A OD2 1 
ATOM   542  N N   . PRO A 1 73  ? 1.692   12.517  10.921  1.00 41.56 ? 350  PRO A N   1 
ATOM   543  C CA  . PRO A 1 73  ? 1.460   11.396  10.011  1.00 40.37 ? 350  PRO A CA  1 
ATOM   544  C C   . PRO A 1 73  ? 2.667   10.484  9.831   1.00 37.91 ? 350  PRO A C   1 
ATOM   545  O O   . PRO A 1 73  ? 3.800   10.879  10.101  1.00 37.78 ? 350  PRO A O   1 
ATOM   546  C CB  . PRO A 1 73  ? 1.100   12.082  8.696   1.00 40.99 ? 350  PRO A CB  1 
ATOM   547  C CG  . PRO A 1 73  ? 1.798   13.403  8.763   1.00 43.02 ? 350  PRO A CG  1 
ATOM   548  C CD  . PRO A 1 73  ? 1.760   13.806  10.210  1.00 41.36 ? 350  PRO A CD  1 
ATOM   549  N N   . ILE A 1 74  ? 2.409   9.260   9.391   1.00 37.77 ? 351  ILE A N   1 
ATOM   550  C CA  . ILE A 1 74  ? 3.464   8.372   8.912   1.00 36.05 ? 351  ILE A CA  1 
ATOM   551  C C   . ILE A 1 74  ? 2.872   7.256   8.056   1.00 35.05 ? 351  ILE A C   1 
ATOM   552  O O   . ILE A 1 74  ? 1.781   6.751   8.346   1.00 34.11 ? 351  ILE A O   1 
ATOM   553  C CB  . ILE A 1 74  ? 4.304   7.782   10.074  1.00 41.12 ? 351  ILE A CB  1 
ATOM   554  C CG1 . ILE A 1 74  ? 5.349   6.794   9.534   1.00 43.22 ? 351  ILE A CG1 1 
ATOM   555  C CG2 . ILE A 1 74  ? 3.414   7.125   11.123  1.00 41.92 ? 351  ILE A CG2 1 
ATOM   556  C CD1 . ILE A 1 74  ? 6.536   6.615   10.441  1.00 46.74 ? 351  ILE A CD1 1 
ATOM   557  N N   . ILE A 1 75  ? 3.593   6.906   6.994   1.00 30.20 ? 352  ILE A N   1 
ATOM   558  C CA  . ILE A 1 75  ? 3.229   5.824   6.112   1.00 29.33 ? 352  ILE A CA  1 
ATOM   559  C C   . ILE A 1 75  ? 4.357   4.790   6.125   1.00 29.74 ? 352  ILE A C   1 
ATOM   560  O O   . ILE A 1 75  ? 5.537   5.131   5.965   1.00 28.73 ? 352  ILE A O   1 
ATOM   561  C CB  . ILE A 1 75  ? 2.941   6.349   4.692   1.00 28.09 ? 352  ILE A CB  1 
ATOM   562  C CG1 . ILE A 1 75  ? 1.731   7.299   4.737   1.00 28.85 ? 352  ILE A CG1 1 
ATOM   563  C CG2 . ILE A 1 75  ? 2.714   5.187   3.728   1.00 27.55 ? 352  ILE A CG2 1 
ATOM   564  C CD1 . ILE A 1 75  ? 1.412   8.003   3.441   1.00 29.00 ? 352  ILE A CD1 1 
ATOM   565  N N   . ARG A 1 76  ? 3.995   3.540   6.371   1.00 29.40 ? 353  ARG A N   1 
ATOM   566  C CA  . ARG A 1 76  ? 4.929   2.438   6.258   1.00 32.33 ? 353  ARG A CA  1 
ATOM   567  C C   . ARG A 1 76  ? 4.499   1.597   5.077   1.00 31.68 ? 353  ARG A C   1 
ATOM   568  O O   . ARG A 1 76  ? 3.318   1.291   4.921   1.00 31.98 ? 353  ARG A O   1 
ATOM   569  C CB  . ARG A 1 76  ? 4.997   1.614   7.541   1.00 33.69 ? 353  ARG A CB  1 
ATOM   570  C CG  . ARG A 1 76  ? 5.265   2.473   8.772   1.00 39.16 ? 353  ARG A CG  1 
ATOM   571  C CD  . ARG A 1 76  ? 5.927   1.701   9.904   1.00 44.92 ? 353  ARG A CD  1 
ATOM   572  N NE  . ARG A 1 76  ? 6.174   2.558   11.076  1.00 51.09 ? 353  ARG A NE  1 
ATOM   573  C CZ  . ARG A 1 76  ? 7.254   3.324   11.292  1.00 55.35 ? 353  ARG A CZ  1 
ATOM   574  N NH1 . ARG A 1 76  ? 8.258   3.388   10.421  1.00 58.28 ? 353  ARG A NH1 1 
ATOM   575  N NH2 . ARG A 1 76  ? 7.332   4.047   12.407  1.00 58.52 ? 353  ARG A NH2 1 
ATOM   576  N N   . VAL A 1 77  ? 5.469   1.255   4.242   1.00 29.68 ? 354  VAL A N   1 
ATOM   577  C CA  . VAL A 1 77  ? 5.246   0.464   3.046   1.00 30.33 ? 354  VAL A CA  1 
ATOM   578  C C   . VAL A 1 77  ? 6.136   -0.757  3.118   1.00 31.11 ? 354  VAL A C   1 
ATOM   579  O O   . VAL A 1 77  ? 7.347   -0.629  3.330   1.00 31.61 ? 354  VAL A O   1 
ATOM   580  C CB  . VAL A 1 77  ? 5.627   1.249   1.786   1.00 29.36 ? 354  VAL A CB  1 
ATOM   581  C CG1 . VAL A 1 77  ? 5.418   0.398   0.536   1.00 30.56 ? 354  VAL A CG1 1 
ATOM   582  C CG2 . VAL A 1 77  ? 4.828   2.541   1.698   1.00 29.74 ? 354  VAL A CG2 1 
ATOM   583  N N   . ALA A 1 78  ? 5.558   -1.934  2.911   1.00 31.14 ? 355  ALA A N   1 
ATOM   584  C CA  . ALA A 1 78  ? 6.338   -3.171  2.947   1.00 31.16 ? 355  ALA A CA  1 
ATOM   585  C C   . ALA A 1 78  ? 5.964   -4.131  1.827   1.00 31.25 ? 355  ALA A C   1 
ATOM   586  O O   . ALA A 1 78  ? 4.813   -4.189  1.392   1.00 31.00 ? 355  ALA A O   1 
ATOM   587  C CB  . ALA A 1 78  ? 6.189   -3.849  4.290   1.00 31.02 ? 355  ALA A CB  1 
ATOM   588  N N   . PHE A 1 79  ? 6.976   -4.832  1.330   1.00 32.01 ? 356  PHE A N   1 
ATOM   589  C CA  . PHE A 1 79  ? 6.791   -6.010  0.493   1.00 33.17 ? 356  PHE A CA  1 
ATOM   590  C C   . PHE A 1 79  ? 7.396   -7.163  1.279   1.00 35.54 ? 356  PHE A C   1 
ATOM   591  O O   . PHE A 1 79  ? 8.594   -7.126  1.594   1.00 34.89 ? 356  PHE A O   1 
ATOM   592  C CB  . PHE A 1 79  ? 7.530   -5.887  -0.834  1.00 31.70 ? 356  PHE A CB  1 
ATOM   593  C CG  . PHE A 1 79  ? 6.904   -4.948  -1.811  1.00 31.80 ? 356  PHE A CG  1 
ATOM   594  C CD1 . PHE A 1 79  ? 7.207   -3.596  -1.787  1.00 32.91 ? 356  PHE A CD1 1 
ATOM   595  C CD2 . PHE A 1 79  ? 6.052   -5.424  -2.800  1.00 32.63 ? 356  PHE A CD2 1 
ATOM   596  C CE1 . PHE A 1 79  ? 6.653   -2.726  -2.710  1.00 32.75 ? 356  PHE A CE1 1 
ATOM   597  C CE2 . PHE A 1 79  ? 5.491   -4.561  -3.727  1.00 33.14 ? 356  PHE A CE2 1 
ATOM   598  C CZ  . PHE A 1 79  ? 5.794   -3.207  -3.685  1.00 33.54 ? 356  PHE A CZ  1 
ATOM   599  N N   . ILE A 1 80  ? 6.574   -8.169  1.590   1.00 39.37 ? 357  ILE A N   1 
ATOM   600  C CA  . ILE A 1 80  ? 6.986   -9.314  2.407   1.00 42.42 ? 357  ILE A CA  1 
ATOM   601  C C   . ILE A 1 80  ? 6.914   -10.607 1.590   1.00 43.33 ? 357  ILE A C   1 
ATOM   602  O O   . ILE A 1 80  ? 5.855   -10.980 1.091   1.00 43.45 ? 357  ILE A O   1 
ATOM   603  C CB  . ILE A 1 80  ? 6.092   -9.476  3.661   1.00 44.05 ? 357  ILE A CB  1 
ATOM   604  C CG1 . ILE A 1 80  ? 5.947   -8.159  4.437   1.00 44.53 ? 357  ILE A CG1 1 
ATOM   605  C CG2 . ILE A 1 80  ? 6.640   -10.568 4.582   1.00 45.28 ? 357  ILE A CG2 1 
ATOM   606  C CD1 . ILE A 1 80  ? 7.177   -7.734  5.202   1.00 45.77 ? 357  ILE A CD1 1 
ATOM   607  N N   . GLU A 1 81  ? 8.052   -11.272 1.451   1.00 47.41 ? 358  GLU A N   1 
ATOM   608  C CA  . GLU A 1 81  ? 8.150   -12.553 0.747   1.00 52.62 ? 358  GLU A CA  1 
ATOM   609  C C   . GLU A 1 81  ? 7.903   -13.674 1.744   1.00 52.00 ? 358  GLU A C   1 
ATOM   610  O O   . GLU A 1 81  ? 8.573   -13.742 2.766   1.00 50.88 ? 358  GLU A O   1 
ATOM   611  C CB  . GLU A 1 81  ? 9.546   -12.711 0.134   1.00 56.39 ? 358  GLU A CB  1 
ATOM   612  C CG  . GLU A 1 81  ? 9.737   -13.951 -0.739  1.00 62.30 ? 358  GLU A CG  1 
ATOM   613  C CD  . GLU A 1 81  ? 9.412   -13.716 -2.205  1.00 65.93 ? 358  GLU A CD  1 
ATOM   614  O OE1 . GLU A 1 81  ? 9.460   -12.556 -2.659  1.00 69.40 ? 358  GLU A OE1 1 
ATOM   615  O OE2 . GLU A 1 81  ? 9.117   -14.699 -2.917  1.00 72.62 ? 358  GLU A OE2 1 
ATOM   616  N N   . SER A 1 82  ? 6.921   -14.524 1.457   1.00 53.32 ? 359  SER A N   1 
ATOM   617  C CA  . SER A 1 82  ? 6.696   -15.760 2.209   1.00 54.21 ? 359  SER A CA  1 
ATOM   618  C C   . SER A 1 82  ? 7.112   -16.941 1.339   1.00 55.44 ? 359  SER A C   1 
ATOM   619  O O   . SER A 1 82  ? 7.625   -16.756 0.232   1.00 55.40 ? 359  SER A O   1 
ATOM   620  C CB  . SER A 1 82  ? 5.222   -15.893 2.590   1.00 55.14 ? 359  SER A CB  1 
ATOM   621  O OG  . SER A 1 82  ? 4.866   -14.921 3.549   1.00 60.00 ? 359  SER A OG  1 
ATOM   622  N N   . GLU A 1 83  ? 6.890   -18.154 1.838   1.00 57.28 ? 360  GLU A N   1 
ATOM   623  C CA  . GLU A 1 83  ? 7.203   -19.366 1.085   1.00 58.14 ? 360  GLU A CA  1 
ATOM   624  C C   . GLU A 1 83  ? 6.432   -19.412 -0.234  1.00 55.28 ? 360  GLU A C   1 
ATOM   625  O O   . GLU A 1 83  ? 7.003   -19.713 -1.282  1.00 54.77 ? 360  GLU A O   1 
ATOM   626  C CB  . GLU A 1 83  ? 6.877   -20.613 1.919   1.00 60.09 ? 360  GLU A CB  1 
ATOM   627  N N   . ASN A 1 84  ? 5.144   -19.083 -0.173  1.00 52.26 ? 361  ASN A N   1 
ATOM   628  C CA  . ASN A 1 84  ? 4.248   -19.220 -1.316  1.00 50.61 ? 361  ASN A CA  1 
ATOM   629  C C   . ASN A 1 84  ? 3.519   -17.922 -1.707  1.00 47.39 ? 361  ASN A C   1 
ATOM   630  O O   . ASN A 1 84  ? 2.531   -17.964 -2.445  1.00 45.90 ? 361  ASN A O   1 
ATOM   631  C CB  . ASN A 1 84  ? 3.214   -20.306 -0.992  1.00 51.08 ? 361  ASN A CB  1 
ATOM   632  C CG  . ASN A 1 84  ? 2.455   -20.780 -2.212  1.00 53.80 ? 361  ASN A CG  1 
ATOM   633  O OD1 . ASN A 1 84  ? 2.959   -20.734 -3.343  1.00 56.39 ? 361  ASN A OD1 1 
ATOM   634  N ND2 . ASN A 1 84  ? 1.231   -21.242 -1.992  1.00 55.22 ? 361  ASN A ND2 1 
ATOM   635  N N   . SER A 1 85  ? 3.984   -16.776 -1.216  1.00 45.00 ? 362  SER A N   1 
ATOM   636  C CA  . SER A 1 85  ? 3.327   -15.509 -1.548  1.00 42.20 ? 362  SER A CA  1 
ATOM   637  C C   . SER A 1 85  ? 4.207   -14.276 -1.358  1.00 40.61 ? 362  SER A C   1 
ATOM   638  O O   . SER A 1 85  ? 5.256   -14.319 -0.695  1.00 38.46 ? 362  SER A O   1 
ATOM   639  C CB  . SER A 1 85  ? 2.047   -15.339 -0.727  1.00 40.70 ? 362  SER A CB  1 
ATOM   640  O OG  . SER A 1 85  ? 2.355   -15.045 0.621   1.00 40.53 ? 362  SER A OG  1 
ATOM   641  N N   . VAL A 1 86  ? 3.753   -13.178 -1.967  1.00 38.60 ? 363  VAL A N   1 
ATOM   642  C CA  . VAL A 1 86  ? 4.285   -11.848 -1.707  1.00 36.49 ? 363  VAL A CA  1 
ATOM   643  C C   . VAL A 1 86  ? 3.145   -11.005 -1.198  1.00 35.10 ? 363  VAL A C   1 
ATOM   644  O O   . VAL A 1 86  ? 2.071   -10.989 -1.800  1.00 34.41 ? 363  VAL A O   1 
ATOM   645  C CB  . VAL A 1 86  ? 4.870   -11.186 -2.964  1.00 36.59 ? 363  VAL A CB  1 
ATOM   646  C CG1 . VAL A 1 86  ? 5.377   -9.784  -2.635  1.00 36.83 ? 363  VAL A CG1 1 
ATOM   647  C CG2 . VAL A 1 86  ? 5.988   -12.047 -3.537  1.00 35.90 ? 363  VAL A CG2 1 
ATOM   648  N N   . THR A 1 87  ? 3.380   -10.324 -0.079  1.00 34.03 ? 364  THR A N   1 
ATOM   649  C CA  . THR A 1 87  ? 2.400   -9.433  0.504   1.00 35.18 ? 364  THR A CA  1 
ATOM   650  C C   . THR A 1 87  ? 2.887   -7.985  0.401   1.00 34.51 ? 364  THR A C   1 
ATOM   651  O O   . THR A 1 87  ? 4.016   -7.661  0.796   1.00 34.09 ? 364  THR A O   1 
ATOM   652  C CB  . THR A 1 87  ? 2.106   -9.795  1.973   1.00 37.34 ? 364  THR A CB  1 
ATOM   653  O OG1 . THR A 1 87  ? 1.742   -11.171 2.062   1.00 38.67 ? 364  THR A OG1 1 
ATOM   654  C CG2 . THR A 1 87  ? 0.949   -8.973  2.512   1.00 39.43 ? 364  THR A CG2 1 
ATOM   655  N N   . PHE A 1 88  ? 2.028   -7.136  -0.168  1.00 31.99 ? 365  PHE A N   1 
ATOM   656  C CA  . PHE A 1 88  ? 2.227   -5.694  -0.202  1.00 29.83 ? 365  PHE A CA  1 
ATOM   657  C C   . PHE A 1 88  ? 1.380   -5.093  0.908   1.00 30.25 ? 365  PHE A C   1 
ATOM   658  O O   . PHE A 1 88  ? 0.149   -5.280  0.924   1.00 29.25 ? 365  PHE A O   1 
ATOM   659  C CB  . PHE A 1 88  ? 1.785   -5.139  -1.556  1.00 30.16 ? 365  PHE A CB  1 
ATOM   660  C CG  . PHE A 1 88  ? 1.920   -3.650  -1.680  1.00 29.38 ? 365  PHE A CG  1 
ATOM   661  C CD1 . PHE A 1 88  ? 3.164   -3.046  -1.599  1.00 31.21 ? 365  PHE A CD1 1 
ATOM   662  C CD2 . PHE A 1 88  ? 0.811   -2.854  -1.910  1.00 30.73 ? 365  PHE A CD2 1 
ATOM   663  C CE1 . PHE A 1 88  ? 3.297   -1.673  -1.710  1.00 30.54 ? 365  PHE A CE1 1 
ATOM   664  C CE2 . PHE A 1 88  ? 0.939   -1.481  -2.041  1.00 30.11 ? 365  PHE A CE2 1 
ATOM   665  C CZ  . PHE A 1 88  ? 2.184   -0.894  -1.939  1.00 29.88 ? 365  PHE A CZ  1 
ATOM   666  N N   . ILE A 1 89  ? 2.029   -4.392  1.839   1.00 30.34 ? 366  ILE A N   1 
ATOM   667  C CA  . ILE A 1 89  ? 1.347   -3.813  2.992   1.00 32.23 ? 366  ILE A CA  1 
ATOM   668  C C   . ILE A 1 89  ? 1.655   -2.338  3.084   1.00 31.01 ? 366  ILE A C   1 
ATOM   669  O O   . ILE A 1 89  ? 2.813   -1.931  3.019   1.00 31.51 ? 366  ILE A O   1 
ATOM   670  C CB  . ILE A 1 89  ? 1.813   -4.423  4.327   1.00 36.61 ? 366  ILE A CB  1 
ATOM   671  C CG1 . ILE A 1 89  ? 1.913   -5.940  4.234   1.00 39.75 ? 366  ILE A CG1 1 
ATOM   672  C CG2 . ILE A 1 89  ? 0.872   -3.998  5.456   1.00 37.22 ? 366  ILE A CG2 1 
ATOM   673  C CD1 . ILE A 1 89  ? 2.600   -6.581  5.423   1.00 41.91 ? 366  ILE A CD1 1 
ATOM   674  N N   . VAL A 1 90  ? 0.615   -1.539  3.239   1.00 29.06 ? 367  VAL A N   1 
ATOM   675  C CA  . VAL A 1 90  ? 0.767   -0.142  3.512   1.00 28.48 ? 367  VAL A CA  1 
ATOM   676  C C   . VAL A 1 90  ? -0.029  0.201   4.767   1.00 30.33 ? 367  VAL A C   1 
ATOM   677  O O   . VAL A 1 90  ? -1.218  -0.146  4.886   1.00 29.42 ? 367  VAL A O   1 
ATOM   678  C CB  . VAL A 1 90  ? 0.292   0.696   2.314   1.00 28.70 ? 367  VAL A CB  1 
ATOM   679  C CG1 . VAL A 1 90  ? 0.409   2.181   2.620   1.00 28.71 ? 367  VAL A CG1 1 
ATOM   680  C CG2 . VAL A 1 90  ? 1.076   0.314   1.062   1.00 28.63 ? 367  VAL A CG2 1 
ATOM   681  N N   . MET A 1 91  ? 0.633   0.870   5.704   1.00 31.35 ? 368  MET A N   1 
ATOM   682  C CA  . MET A 1 91  ? -0.005  1.340   6.915   1.00 33.37 ? 368  MET A CA  1 
ATOM   683  C C   . MET A 1 91  ? 0.135   2.838   6.973   1.00 33.17 ? 368  MET A C   1 
ATOM   684  O O   . MET A 1 91  ? 1.225   3.372   6.760   1.00 33.54 ? 368  MET A O   1 
ATOM   685  C CB  . MET A 1 91  ? 0.669   0.773   8.157   1.00 38.58 ? 368  MET A CB  1 
ATOM   686  C CG  . MET A 1 91  ? 0.833   -0.728  8.183   1.00 43.78 ? 368  MET A CG  1 
ATOM   687  S SD  . MET A 1 91  ? 1.881   -1.224  9.562   1.00 53.26 ? 368  MET A SD  1 
ATOM   688  C CE  . MET A 1 91  ? 1.202   -0.325  10.954  1.00 51.59 ? 368  MET A CE  1 
ATOM   689  N N   . ASN A 1 92  ? -0.951  3.522   7.290   1.00 31.88 ? 369  ASN A N   1 
ATOM   690  C CA  . ASN A 1 92  ? -0.857  4.927   7.645   1.00 33.02 ? 369  ASN A CA  1 
ATOM   691  C C   . ASN A 1 92  ? -1.484  5.183   8.997   1.00 34.30 ? 369  ASN A C   1 
ATOM   692  O O   . ASN A 1 92  ? -2.485  4.555   9.375   1.00 33.05 ? 369  ASN A O   1 
ATOM   693  C CB  . ASN A 1 92  ? -1.461  5.834   6.579   1.00 31.33 ? 369  ASN A CB  1 
ATOM   694  C CG  . ASN A 1 92  ? -2.960  5.736   6.495   1.00 32.11 ? 369  ASN A CG  1 
ATOM   695  O OD1 . ASN A 1 92  ? -3.676  6.590   7.029   1.00 37.83 ? 369  ASN A OD1 1 
ATOM   696  N ND2 . ASN A 1 92  ? -3.452  4.724   5.811   1.00 30.06 ? 369  ASN A ND2 1 
ATOM   697  N N   . LYS A 1 93  ? -0.874  6.103   9.728   1.00 35.97 ? 370  LYS A N   1 
ATOM   698  C CA  . LYS A 1 93  ? -1.406  6.528   11.006  1.00 39.42 ? 370  LYS A CA  1 
ATOM   699  C C   . LYS A 1 93  ? -2.743  7.208   10.782  1.00 37.22 ? 370  LYS A C   1 
ATOM   700  O O   . LYS A 1 93  ? -2.831  8.197   10.072  1.00 35.53 ? 370  LYS A O   1 
ATOM   701  C CB  . LYS A 1 93  ? -0.447  7.493   11.685  1.00 41.49 ? 370  LYS A CB  1 
ATOM   702  C CG  . LYS A 1 93  ? -0.784  7.781   13.141  1.00 47.45 ? 370  LYS A CG  1 
ATOM   703  C CD  . LYS A 1 93  ? -0.496  9.234   13.500  1.00 52.09 ? 370  LYS A CD  1 
ATOM   704  C CE  . LYS A 1 93  ? 0.112   9.378   14.883  1.00 55.61 ? 370  LYS A CE  1 
ATOM   705  N NZ  . LYS A 1 93  ? 1.451   8.728   14.966  1.00 57.59 ? 370  LYS A NZ  1 
ATOM   706  N N   . CYS A 1 94  ? -3.791  6.651   11.370  1.00 40.10 ? 371  CYS A N   1 
ATOM   707  C CA  . CYS A 1 94  ? -5.101  7.304   11.392  1.00 43.23 ? 371  CYS A CA  1 
ATOM   708  C C   . CYS A 1 94  ? -5.482  7.741   12.825  1.00 46.75 ? 371  CYS A C   1 
ATOM   709  O O   . CYS A 1 94  ? -6.436  8.483   13.003  1.00 48.09 ? 371  CYS A O   1 
ATOM   710  C CB  . CYS A 1 94  ? -6.162  6.368   10.807  1.00 41.79 ? 371  CYS A CB  1 
ATOM   711  S SG  . CYS A 1 94  ? -6.339  4.822   11.727  1.00 43.08 ? 371  CYS A SG  1 
ATOM   712  N N   . ALA A 1 95  ? -4.712  7.308   13.827  1.00 50.13 ? 372  ALA A N   1 
ATOM   713  C CA  . ALA A 1 95  ? -4.976  7.640   15.231  1.00 53.41 ? 372  ALA A CA  1 
ATOM   714  C C   . ALA A 1 95  ? -6.430  7.282   15.594  1.00 55.48 ? 372  ALA A C   1 
ATOM   715  O O   . ALA A 1 95  ? -6.816  6.119   15.459  1.00 55.50 ? 372  ALA A O   1 
ATOM   716  C CB  . ALA A 1 95  ? -4.653  9.107   15.505  1.00 53.43 ? 372  ALA A CB  1 
ATOM   717  N N   . ASP A 1 96  ? -7.228  8.256   16.032  1.00 58.21 ? 373  ASP A N   1 
ATOM   718  C CA  . ASP A 1 96  ? -8.641  8.020   16.365  1.00 63.69 ? 373  ASP A CA  1 
ATOM   719  C C   . ASP A 1 96  ? -9.575  8.437   15.229  1.00 59.87 ? 373  ASP A C   1 
ATOM   720  O O   . ASP A 1 96  ? -10.801 8.315   15.367  1.00 59.17 ? 373  ASP A O   1 
ATOM   721  C CB  . ASP A 1 96  ? -9.035  8.785   17.641  1.00 68.64 ? 373  ASP A CB  1 
ATOM   722  C CG  . ASP A 1 96  ? -8.377  8.225   18.890  1.00 72.53 ? 373  ASP A CG  1 
ATOM   723  O OD1 . ASP A 1 96  ? -8.521  7.014   19.156  1.00 74.42 ? 373  ASP A OD1 1 
ATOM   724  O OD2 . ASP A 1 96  ? -7.714  9.003   19.609  1.00 79.57 ? 373  ASP A OD2 1 
ATOM   725  N N   . ASP A 1 97  ? -9.006  8.907   14.111  1.00 54.12 ? 374  ASP A N   1 
ATOM   726  C CA  . ASP A 1 97  ? -9.794  9.448   12.995  1.00 55.29 ? 374  ASP A CA  1 
ATOM   727  C C   . ASP A 1 97  ? -10.383 8.345   12.095  1.00 51.47 ? 374  ASP A C   1 
ATOM   728  O O   . ASP A 1 97  ? -10.139 8.284   10.881  1.00 51.12 ? 374  ASP A O   1 
ATOM   729  C CB  . ASP A 1 97  ? -8.964  10.452  12.184  1.00 57.94 ? 374  ASP A CB  1 
ATOM   730  C CG  . ASP A 1 97  ? -9.818  11.315  11.259  1.00 63.21 ? 374  ASP A CG  1 
ATOM   731  O OD1 . ASP A 1 97  ? -11.066 11.288  11.373  1.00 64.37 ? 374  ASP A OD1 1 
ATOM   732  O OD2 . ASP A 1 97  ? -9.234  12.017  10.402  1.00 68.58 ? 374  ASP A OD2 1 
ATOM   733  N N   . ILE A 1 98  ? -11.192 7.495   12.719  1.00 48.64 ? 375  ILE A N   1 
ATOM   734  C CA  . ILE A 1 98  ? -11.961 6.466   12.029  1.00 49.43 ? 375  ILE A CA  1 
ATOM   735  C C   . ILE A 1 98  ? -12.884 7.074   10.956  1.00 47.71 ? 375  ILE A C   1 
ATOM   736  O O   . ILE A 1 98  ? -12.991 6.514   9.866   1.00 44.70 ? 375  ILE A O   1 
ATOM   737  C CB  . ILE A 1 98  ? -12.731 5.585   13.049  1.00 52.06 ? 375  ILE A CB  1 
ATOM   738  C CG1 . ILE A 1 98  ? -11.717 4.754   13.852  1.00 54.65 ? 375  ILE A CG1 1 
ATOM   739  C CG2 . ILE A 1 98  ? -13.742 4.678   12.358  1.00 53.82 ? 375  ILE A CG2 1 
ATOM   740  C CD1 . ILE A 1 98  ? -12.311 3.908   14.956  1.00 57.20 ? 375  ILE A CD1 1 
ATOM   741  N N   . PRO A 1 99  ? -13.531 8.228   11.247  1.00 45.41 ? 376  PRO A N   1 
ATOM   742  C CA  . PRO A 1 99  ? -14.363 8.880   10.220  1.00 45.27 ? 376  PRO A CA  1 
ATOM   743  C C   . PRO A 1 99  ? -13.647 9.106   8.876   1.00 45.30 ? 376  PRO A C   1 
ATOM   744  O O   . PRO A 1 99  ? -14.278 9.009   7.821   1.00 40.54 ? 376  PRO A O   1 
ATOM   745  C CB  . PRO A 1 99  ? -14.724 10.218  10.867  1.00 45.07 ? 376  PRO A CB  1 
ATOM   746  C CG  . PRO A 1 99  ? -14.741 9.925   12.337  1.00 45.86 ? 376  PRO A CG  1 
ATOM   747  C CD  . PRO A 1 99  ? -13.654 8.906   12.556  1.00 45.21 ? 376  PRO A CD  1 
ATOM   748  N N   . ARG A 1 100 ? -12.346 9.404   8.928   1.00 44.93 ? 377  ARG A N   1 
ATOM   749  C CA  . ARG A 1 100 ? -11.539 9.568   7.719   1.00 43.68 ? 377  ARG A CA  1 
ATOM   750  C C   . ARG A 1 100 ? -11.491 8.266   6.917   1.00 41.40 ? 377  ARG A C   1 
ATOM   751  O O   . ARG A 1 100 ? -11.629 8.284   5.697   1.00 45.87 ? 377  ARG A O   1 
ATOM   752  C CB  . ARG A 1 100 ? -10.121 10.028  8.082   1.00 46.02 ? 377  ARG A CB  1 
ATOM   753  N N   . ILE A 1 101 ? -11.316 7.140   7.611   1.00 39.62 ? 378  ILE A N   1 
ATOM   754  C CA  . ILE A 1 101 ? -11.332 5.825   6.972   1.00 37.64 ? 378  ILE A CA  1 
ATOM   755  C C   . ILE A 1 101 ? -12.725 5.516   6.436   1.00 38.44 ? 378  ILE A C   1 
ATOM   756  O O   . ILE A 1 101 ? -12.859 5.023   5.315   1.00 36.32 ? 378  ILE A O   1 
ATOM   757  C CB  . ILE A 1 101 ? -10.867 4.695   7.923   1.00 35.61 ? 378  ILE A CB  1 
ATOM   758  C CG1 . ILE A 1 101 ? -9.471  4.990   8.473   1.00 35.86 ? 378  ILE A CG1 1 
ATOM   759  C CG2 . ILE A 1 101 ? -10.892 3.345   7.212   1.00 36.25 ? 378  ILE A CG2 1 
ATOM   760  C CD1 . ILE A 1 101 ? -8.472  5.481   7.442   1.00 38.00 ? 378  ILE A CD1 1 
ATOM   761  N N   . HIS A 1 102 ? -13.757 5.825   7.224   1.00 38.23 ? 379  HIS A N   1 
ATOM   762  C CA  . HIS A 1 102 ? -15.142 5.694   6.764   1.00 39.26 ? 379  HIS A CA  1 
ATOM   763  C C   . HIS A 1 102 ? -15.375 6.493   5.476   1.00 40.48 ? 379  HIS A C   1 
ATOM   764  O O   . HIS A 1 102 ? -16.028 6.001   4.550   1.00 38.98 ? 379  HIS A O   1 
ATOM   765  C CB  . HIS A 1 102 ? -16.125 6.140   7.858   1.00 40.00 ? 379  HIS A CB  1 
ATOM   766  C CG  . HIS A 1 102 ? -17.535 6.303   7.382   1.00 40.10 ? 379  HIS A CG  1 
ATOM   767  N ND1 . HIS A 1 102 ? -18.361 5.231   7.114   1.00 41.11 ? 379  HIS A ND1 1 
ATOM   768  C CD2 . HIS A 1 102 ? -18.273 7.416   7.146   1.00 41.49 ? 379  HIS A CD2 1 
ATOM   769  C CE1 . HIS A 1 102 ? -19.544 5.676   6.724   1.00 40.49 ? 379  HIS A CE1 1 
ATOM   770  N NE2 . HIS A 1 102 ? -19.513 6.998   6.729   1.00 41.89 ? 379  HIS A NE2 1 
ATOM   771  N N   . GLU A 1 103 ? -14.840 7.713   5.427   1.00 41.42 ? 380  GLU A N   1 
ATOM   772  C CA  . GLU A 1 103 ? -14.940 8.574   4.238   1.00 44.81 ? 380  GLU A CA  1 
ATOM   773  C C   . GLU A 1 103 ? -14.356 7.882   2.992   1.00 43.72 ? 380  GLU A C   1 
ATOM   774  O O   . GLU A 1 103 ? -14.948 7.915   1.916   1.00 43.62 ? 380  GLU A O   1 
ATOM   775  C CB  . GLU A 1 103 ? -14.231 9.916   4.484   1.00 43.10 ? 380  GLU A CB  1 
ATOM   776  N N   . LEU A 1 104 ? -13.201 7.249   3.168   1.00 43.29 ? 381  LEU A N   1 
ATOM   777  C CA  . LEU A 1 104 ? -12.557 6.456   2.115   1.00 43.04 ? 381  LEU A CA  1 
ATOM   778  C C   . LEU A 1 104 ? -13.527 5.425   1.560   1.00 41.12 ? 381  LEU A C   1 
ATOM   779  O O   . LEU A 1 104 ? -13.715 5.324   0.337   1.00 38.97 ? 381  LEU A O   1 
ATOM   780  C CB  . LEU A 1 104 ? -11.324 5.740   2.682   1.00 47.38 ? 381  LEU A CB  1 
ATOM   781  C CG  . LEU A 1 104 ? -10.126 5.455   1.784   1.00 52.26 ? 381  LEU A CG  1 
ATOM   782  C CD1 . LEU A 1 104 ? -9.198  4.480   2.495   1.00 51.79 ? 381  LEU A CD1 1 
ATOM   783  C CD2 . LEU A 1 104 ? -10.542 4.911   0.425   1.00 55.68 ? 381  LEU A CD2 1 
ATOM   784  N N   . PHE A 1 105 ? -14.139 4.652   2.463   1.00 38.97 ? 382  PHE A N   1 
ATOM   785  C CA  . PHE A 1 105 ? -15.117 3.641   2.068   1.00 40.37 ? 382  PHE A CA  1 
ATOM   786  C C   . PHE A 1 105 ? -16.335 4.269   1.381   1.00 42.41 ? 382  PHE A C   1 
ATOM   787  O O   . PHE A 1 105 ? -16.785 3.780   0.344   1.00 44.40 ? 382  PHE A O   1 
ATOM   788  C CB  . PHE A 1 105 ? -15.553 2.780   3.265   1.00 39.26 ? 382  PHE A CB  1 
ATOM   789  C CG  . PHE A 1 105 ? -14.605 1.656   3.583   1.00 36.78 ? 382  PHE A CG  1 
ATOM   790  C CD1 . PHE A 1 105 ? -13.443 1.879   4.307   1.00 36.63 ? 382  PHE A CD1 1 
ATOM   791  C CD2 . PHE A 1 105 ? -14.879 0.372   3.158   1.00 37.91 ? 382  PHE A CD2 1 
ATOM   792  C CE1 . PHE A 1 105 ? -12.574 0.841   4.605   1.00 36.35 ? 382  PHE A CE1 1 
ATOM   793  C CE2 . PHE A 1 105 ? -14.016 -0.672  3.446   1.00 37.96 ? 382  PHE A CE2 1 
ATOM   794  C CZ  . PHE A 1 105 ? -12.859 -0.442  4.170   1.00 37.57 ? 382  PHE A CZ  1 
ATOM   795  N N   . GLN A 1 106 ? -16.848 5.354   1.949   1.00 47.41 ? 383  GLN A N   1 
ATOM   796  C CA  . GLN A 1 106 ? -18.002 6.065   1.385   1.00 53.22 ? 383  GLN A CA  1 
ATOM   797  C C   . GLN A 1 106 ? -17.776 6.480   -0.064  1.00 52.80 ? 383  GLN A C   1 
ATOM   798  O O   . GLN A 1 106 ? -18.599 6.199   -0.939  1.00 53.72 ? 383  GLN A O   1 
ATOM   799  C CB  . GLN A 1 106 ? -18.303 7.320   2.203   1.00 57.38 ? 383  GLN A CB  1 
ATOM   800  C CG  . GLN A 1 106 ? -18.928 7.046   3.550   1.00 62.22 ? 383  GLN A CG  1 
ATOM   801  C CD  . GLN A 1 106 ? -20.407 6.755   3.440   1.00 69.59 ? 383  GLN A CD  1 
ATOM   802  O OE1 . GLN A 1 106 ? -20.809 5.667   3.018   1.00 76.30 ? 383  GLN A OE1 1 
ATOM   803  N NE2 . GLN A 1 106 ? -21.229 7.725   3.828   1.00 71.99 ? 383  GLN A NE2 1 
ATOM   804  N N   . GLU A 1 107 ? -16.658 7.156   -0.300  1.00 52.25 ? 384  GLU A N   1 
ATOM   805  C CA  . GLU A 1 107 ? -16.303 7.634   -1.633  1.00 54.40 ? 384  GLU A CA  1 
ATOM   806  C C   . GLU A 1 107 ? -16.124 6.487   -2.627  1.00 53.27 ? 384  GLU A C   1 
ATOM   807  O O   . GLU A 1 107 ? -16.665 6.544   -3.729  1.00 52.55 ? 384  GLU A O   1 
ATOM   808  C CB  . GLU A 1 107 ? -15.024 8.474   -1.569  1.00 57.30 ? 384  GLU A CB  1 
ATOM   809  C CG  . GLU A 1 107 ? -15.212 9.792   -0.832  1.00 62.88 ? 384  GLU A CG  1 
ATOM   810  C CD  . GLU A 1 107 ? -13.908 10.529  -0.582  1.00 69.58 ? 384  GLU A CD  1 
ATOM   811  O OE1 . GLU A 1 107 ? -12.872 9.866   -0.346  1.00 77.17 ? 384  GLU A OE1 1 
ATOM   812  O OE2 . GLU A 1 107 ? -13.921 11.779  -0.610  1.00 71.90 ? 384  GLU A OE2 1 
ATOM   813  N N   . SER A 1 108 ? -15.387 5.447   -2.220  1.00 49.97 ? 385  SER A N   1 
ATOM   814  C CA  . SER A 1 108 ? -15.062 4.315   -3.097  1.00 47.57 ? 385  SER A CA  1 
ATOM   815  C C   . SER A 1 108 ? -16.286 3.547   -3.564  1.00 50.58 ? 385  SER A C   1 
ATOM   816  O O   . SER A 1 108 ? -16.303 3.030   -4.686  1.00 51.68 ? 385  SER A O   1 
ATOM   817  C CB  . SER A 1 108 ? -14.134 3.325   -2.385  1.00 45.83 ? 385  SER A CB  1 
ATOM   818  O OG  . SER A 1 108 ? -12.862 3.882   -2.142  1.00 45.85 ? 385  SER A OG  1 
ATOM   819  N N   . PHE A 1 109 ? -17.293 3.448   -2.699  1.00 49.91 ? 386  PHE A N   1 
ATOM   820  C CA  . PHE A 1 109 ? -18.439 2.570   -2.957  1.00 51.87 ? 386  PHE A CA  1 
ATOM   821  C C   . PHE A 1 109 ? -19.780 3.299   -3.151  1.00 55.03 ? 386  PHE A C   1 
ATOM   822  O O   . PHE A 1 109 ? -20.820 2.650   -3.205  1.00 59.50 ? 386  PHE A O   1 
ATOM   823  C CB  . PHE A 1 109 ? -18.560 1.533   -1.828  1.00 47.04 ? 386  PHE A CB  1 
ATOM   824  C CG  . PHE A 1 109 ? -17.426 0.551   -1.785  1.00 45.68 ? 386  PHE A CG  1 
ATOM   825  C CD1 . PHE A 1 109 ? -17.340 -0.468  -2.731  1.00 44.95 ? 386  PHE A CD1 1 
ATOM   826  C CD2 . PHE A 1 109 ? -16.441 0.640   -0.807  1.00 44.18 ? 386  PHE A CD2 1 
ATOM   827  C CE1 . PHE A 1 109 ? -16.289 -1.376  -2.702  1.00 44.87 ? 386  PHE A CE1 1 
ATOM   828  C CE2 . PHE A 1 109 ? -15.391 -0.264  -0.771  1.00 45.88 ? 386  PHE A CE2 1 
ATOM   829  C CZ  . PHE A 1 109 ? -15.311 -1.274  -1.720  1.00 45.65 ? 386  PHE A CZ  1 
ATOM   830  N N   . SER A 1 110 ? -19.764 4.624   -3.276  1.00 61.30 ? 387  SER A N   1 
ATOM   831  C CA  . SER A 1 110 ? -21.012 5.406   -3.372  1.00 67.14 ? 387  SER A CA  1 
ATOM   832  C C   . SER A 1 110 ? -21.839 5.062   -4.617  1.00 70.00 ? 387  SER A C   1 
ATOM   833  O O   . SER A 1 110 ? -21.376 5.205   -5.751  1.00 76.68 ? 387  SER A O   1 
ATOM   834  C CB  . SER A 1 110 ? -20.717 6.910   -3.343  1.00 67.38 ? 387  SER A CB  1 
ATOM   835  O OG  . SER A 1 110 ? -19.772 7.266   -4.337  1.00 68.80 ? 387  SER A OG  1 
ATOM   836  N N   . LEU A 1 118 ? -13.683 5.384   -7.218  1.00 78.50 ? 395  LEU A N   1 
ATOM   837  C CA  . LEU A 1 118 ? -13.021 4.154   -7.646  1.00 80.76 ? 395  LEU A CA  1 
ATOM   838  C C   . LEU A 1 118 ? -11.620 4.046   -7.015  1.00 77.17 ? 395  LEU A C   1 
ATOM   839  O O   . LEU A 1 118 ? -10.592 4.191   -7.693  1.00 87.60 ? 395  LEU A O   1 
ATOM   840  C CB  . LEU A 1 118 ? -12.952 4.076   -9.184  1.00 84.30 ? 395  LEU A CB  1 
ATOM   841  C CG  . LEU A 1 118 ? -14.127 3.450   -9.956  1.00 86.41 ? 395  LEU A CG  1 
ATOM   842  C CD1 . LEU A 1 118 ? -14.130 1.930   -9.834  1.00 86.91 ? 395  LEU A CD1 1 
ATOM   843  C CD2 . LEU A 1 118 ? -15.468 4.020   -9.520  1.00 87.63 ? 395  LEU A CD2 1 
ATOM   844  N N   . GLY A 1 119 ? -11.599 3.812   -5.705  1.00 62.64 ? 396  GLY A N   1 
ATOM   845  C CA  . GLY A 1 119 ? -10.371 3.507   -4.972  1.00 51.63 ? 396  GLY A CA  1 
ATOM   846  C C   . GLY A 1 119 ? -10.491 2.094   -4.425  1.00 46.25 ? 396  GLY A C   1 
ATOM   847  O O   . GLY A 1 119 ? -10.128 1.126   -5.101  1.00 38.20 ? 396  GLY A O   1 
ATOM   848  N N   . LEU A 1 120 ? -11.054 1.965   -3.223  1.00 42.03 ? 397  LEU A N   1 
ATOM   849  C CA  . LEU A 1 120 ? -11.276 0.638   -2.625  1.00 42.40 ? 397  LEU A CA  1 
ATOM   850  C C   . LEU A 1 120 ? -12.116 -0.300  -3.507  1.00 39.75 ? 397  LEU A C   1 
ATOM   851  O O   . LEU A 1 120 ? -11.881 -1.505  -3.494  1.00 37.39 ? 397  LEU A O   1 
ATOM   852  C CB  . LEU A 1 120 ? -11.897 0.738   -1.219  1.00 43.58 ? 397  LEU A CB  1 
ATOM   853  C CG  . LEU A 1 120 ? -11.001 1.342   -0.124  1.00 44.56 ? 397  LEU A CG  1 
ATOM   854  C CD1 . LEU A 1 120 ? -11.782 1.526   1.173   1.00 45.94 ? 397  LEU A CD1 1 
ATOM   855  C CD2 . LEU A 1 120 ? -9.759  0.487   0.126   1.00 44.73 ? 397  LEU A CD2 1 
ATOM   856  N N   . SER A 1 121 ? -13.060 0.238   -4.282  1.00 38.39 ? 398  SER A N   1 
ATOM   857  C CA  . SER A 1 121 ? -13.900 -0.601  -5.145  1.00 40.94 ? 398  SER A CA  1 
ATOM   858  C C   . SER A 1 121 ? -13.126 -1.215  -6.299  1.00 39.08 ? 398  SER A C   1 
ATOM   859  O O   . SER A 1 121 ? -13.302 -2.391  -6.609  1.00 38.72 ? 398  SER A O   1 
ATOM   860  C CB  . SER A 1 121 ? -15.126 0.161   -5.683  1.00 44.66 ? 398  SER A CB  1 
ATOM   861  O OG  . SER A 1 121 ? -14.755 1.361   -6.334  1.00 48.30 ? 398  SER A OG  1 
ATOM   862  N N   . THR A 1 122 ? -12.259 -0.435  -6.935  1.00 38.67 ? 399  THR A N   1 
ATOM   863  C CA  . THR A 1 122 ? -11.404 -0.998  -7.978  1.00 38.92 ? 399  THR A CA  1 
ATOM   864  C C   . THR A 1 122 ? -10.538 -2.090  -7.363  1.00 37.34 ? 399  THR A C   1 
ATOM   865  O O   . THR A 1 122 ? -10.363 -3.166  -7.925  1.00 35.71 ? 399  THR A O   1 
ATOM   866  C CB  . THR A 1 122 ? -10.496 0.078   -8.599  1.00 40.18 ? 399  THR A CB  1 
ATOM   867  O OG1 . THR A 1 122 ? -11.299 1.152   -9.096  1.00 43.46 ? 399  THR A OG1 1 
ATOM   868  C CG2 . THR A 1 122 ? -9.665  -0.505  -9.721  1.00 39.83 ? 399  THR A CG2 1 
ATOM   869  N N   . LEU A 1 123 ? -10.015 -1.798  -6.179  1.00 37.49 ? 400  LEU A N   1 
ATOM   870  C CA  . LEU A 1 123 ? -9.130  -2.718  -5.469  1.00 39.20 ? 400  LEU A CA  1 
ATOM   871  C C   . LEU A 1 123 ? -9.860  -4.033  -5.170  1.00 38.44 ? 400  LEU A C   1 
ATOM   872  O O   . LEU A 1 123 ? -9.347  -5.133  -5.427  1.00 35.71 ? 400  LEU A O   1 
ATOM   873  C CB  . LEU A 1 123 ? -8.666  -2.047  -4.173  1.00 41.28 ? 400  LEU A CB  1 
ATOM   874  C CG  . LEU A 1 123 ? -7.308  -2.379  -3.590  1.00 44.21 ? 400  LEU A CG  1 
ATOM   875  C CD1 . LEU A 1 123 ? -6.202  -2.093  -4.597  1.00 45.12 ? 400  LEU A CD1 1 
ATOM   876  C CD2 . LEU A 1 123 ? -7.114  -1.567  -2.312  1.00 43.37 ? 400  LEU A CD2 1 
ATOM   877  N N   . LYS A 1 124 ? -11.074 -3.913  -4.637  1.00 38.50 ? 401  LYS A N   1 
ATOM   878  C CA  . LYS A 1 124 ? -11.903 -5.088  -4.344  1.00 41.48 ? 401  LYS A CA  1 
ATOM   879  C C   . LYS A 1 124 ? -12.181 -5.912  -5.605  1.00 41.85 ? 401  LYS A C   1 
ATOM   880  O O   . LYS A 1 124 ? -12.132 -7.146  -5.580  1.00 41.00 ? 401  LYS A O   1 
ATOM   881  C CB  . LYS A 1 124 ? -13.221 -4.650  -3.710  1.00 43.80 ? 401  LYS A CB  1 
ATOM   882  C CG  . LYS A 1 124 ? -14.147 -5.779  -3.294  1.00 46.11 ? 401  LYS A CG  1 
ATOM   883  C CD  . LYS A 1 124 ? -15.464 -5.182  -2.830  1.00 49.16 ? 401  LYS A CD  1 
ATOM   884  C CE  . LYS A 1 124 ? -16.431 -6.236  -2.312  1.00 50.33 ? 401  LYS A CE  1 
ATOM   885  N NZ  . LYS A 1 124 ? -17.726 -5.615  -1.909  1.00 49.81 ? 401  LYS A NZ  1 
ATOM   886  N N   . GLU A 1 125 ? -12.473 -5.223  -6.701  1.00 42.29 ? 402  GLU A N   1 
ATOM   887  C CA  . GLU A 1 125 ? -12.760 -5.881  -7.971  1.00 46.72 ? 402  GLU A CA  1 
ATOM   888  C C   . GLU A 1 125 ? -11.561 -6.682  -8.493  1.00 45.91 ? 402  GLU A C   1 
ATOM   889  O O   . GLU A 1 125 ? -11.720 -7.819  -8.955  1.00 42.34 ? 402  GLU A O   1 
ATOM   890  C CB  . GLU A 1 125 ? -13.185 -4.835  -8.998  1.00 54.21 ? 402  GLU A CB  1 
ATOM   891  C CG  . GLU A 1 125 ? -13.788 -5.397  -10.271 1.00 61.22 ? 402  GLU A CG  1 
ATOM   892  C CD  . GLU A 1 125 ? -14.056 -4.307  -11.289 1.00 68.03 ? 402  GLU A CD  1 
ATOM   893  O OE1 . GLU A 1 125 ? -14.818 -3.369  -10.961 1.00 72.93 ? 402  GLU A OE1 1 
ATOM   894  O OE2 . GLU A 1 125 ? -13.500 -4.387  -12.408 1.00 75.51 ? 402  GLU A OE2 1 
ATOM   895  N N   . ILE A 1 126 ? -10.364 -6.098  -8.409  1.00 42.65 ? 403  ILE A N   1 
ATOM   896  C CA  . ILE A 1 126 ? -9.136  -6.826  -8.753  1.00 40.16 ? 403  ILE A CA  1 
ATOM   897  C C   . ILE A 1 126 ? -8.994  -8.097  -7.915  1.00 40.94 ? 403  ILE A C   1 
ATOM   898  O O   . ILE A 1 126 ? -8.740  -9.187  -8.463  1.00 38.62 ? 403  ILE A O   1 
ATOM   899  C CB  . ILE A 1 126 ? -7.873  -5.947  -8.564  1.00 39.96 ? 403  ILE A CB  1 
ATOM   900  C CG1 . ILE A 1 126 ? -7.841  -4.832  -9.619  1.00 38.98 ? 403  ILE A CG1 1 
ATOM   901  C CG2 . ILE A 1 126 ? -6.610  -6.802  -8.632  1.00 39.36 ? 403  ILE A CG2 1 
ATOM   902  C CD1 . ILE A 1 126 ? -6.898  -3.691  -9.304  1.00 40.57 ? 403  ILE A CD1 1 
ATOM   903  N N   . ALA A 1 127 ? -9.145  -7.963  -6.593  1.00 39.96 ? 404  ALA A N   1 
ATOM   904  C CA  . ALA A 1 127 ? -9.004  -9.111  -5.680  1.00 39.65 ? 404  ALA A CA  1 
ATOM   905  C C   . ALA A 1 127 ? -10.079 -10.169 -5.908  1.00 42.35 ? 404  ALA A C   1 
ATOM   906  O O   . ALA A 1 127 ? -9.786  -11.366 -5.902  1.00 42.36 ? 404  ALA A O   1 
ATOM   907  C CB  . ALA A 1 127 ? -9.024  -8.659  -4.226  1.00 39.71 ? 404  ALA A CB  1 
ATOM   908  N N   . ASP A 1 128 ? -11.322 -9.737  -6.096  1.00 44.32 ? 405  ASP A N   1 
ATOM   909  C CA  . ASP A 1 128 ? -12.415 -10.677 -6.355  1.00 48.72 ? 405  ASP A CA  1 
ATOM   910  C C   . ASP A 1 128 ? -12.205 -11.445 -7.660  1.00 50.72 ? 405  ASP A C   1 
ATOM   911  O O   . ASP A 1 128 ? -12.525 -12.627 -7.735  1.00 52.46 ? 405  ASP A O   1 
ATOM   912  C CB  . ASP A 1 128 ? -13.778 -9.970  -6.383  1.00 52.94 ? 405  ASP A CB  1 
ATOM   913  C CG  . ASP A 1 128 ? -14.231 -9.480  -5.004  1.00 56.97 ? 405  ASP A CG  1 
ATOM   914  O OD1 . ASP A 1 128 ? -13.508 -9.678  -3.999  1.00 59.63 ? 405  ASP A OD1 1 
ATOM   915  O OD2 . ASP A 1 128 ? -15.325 -8.874  -4.933  1.00 60.60 ? 405  ASP A OD2 1 
ATOM   916  N N   . ASN A 1 129 ? -11.664 -10.784 -8.679  1.00 51.25 ? 406  ASN A N   1 
ATOM   917  C CA  . ASN A 1 129 ? -11.447 -11.427 -9.977  1.00 52.81 ? 406  ASN A CA  1 
ATOM   918  C C   . ASN A 1 129 ? -10.186 -12.293 -10.050 1.00 53.69 ? 406  ASN A C   1 
ATOM   919  O O   . ASN A 1 129 ? -10.018 -13.038 -11.010 1.00 53.72 ? 406  ASN A O   1 
ATOM   920  C CB  . ASN A 1 129 ? -11.425 -10.384 -11.102 1.00 56.17 ? 406  ASN A CB  1 
ATOM   921  C CG  . ASN A 1 129 ? -12.814 -9.882  -11.455 1.00 60.00 ? 406  ASN A CG  1 
ATOM   922  O OD1 . ASN A 1 129 ? -13.276 -10.055 -12.582 1.00 72.15 ? 406  ASN A OD1 1 
ATOM   923  N ND2 . ASN A 1 129 ? -13.492 -9.271  -10.494 1.00 62.59 ? 406  ASN A ND2 1 
ATOM   924  N N   . ALA A 1 130 ? -9.308  -12.204 -9.050  1.00 52.43 ? 407  ALA A N   1 
ATOM   925  C CA  . ALA A 1 130 ? -8.070  -12.996 -9.028  1.00 49.14 ? 407  ALA A CA  1 
ATOM   926  C C   . ALA A 1 130 ? -8.064  -13.957 -7.846  1.00 49.37 ? 407  ALA A C   1 
ATOM   927  O O   . ALA A 1 130 ? -8.001  -13.531 -6.695  1.00 46.26 ? 407  ALA A O   1 
ATOM   928  C CB  . ALA A 1 130 ? -6.861  -12.079 -8.954  1.00 48.34 ? 407  ALA A CB  1 
ATOM   929  N N   . ASP A 1 131 ? -8.099  -15.255 -8.133  1.00 51.42 ? 408  ASP A N   1 
ATOM   930  C CA  . ASP A 1 131 ? -8.178  -16.276 -7.078  1.00 52.99 ? 408  ASP A CA  1 
ATOM   931  C C   . ASP A 1 131 ? -6.912  -16.380 -6.223  1.00 49.81 ? 408  ASP A C   1 
ATOM   932  O O   . ASP A 1 131 ? -6.966  -16.887 -5.109  1.00 49.81 ? 408  ASP A O   1 
ATOM   933  C CB  . ASP A 1 131 ? -8.522  -17.648 -7.672  1.00 59.41 ? 408  ASP A CB  1 
ATOM   934  C CG  . ASP A 1 131 ? -9.949  -17.721 -8.196  1.00 65.95 ? 408  ASP A CG  1 
ATOM   935  O OD1 . ASP A 1 131 ? -10.852 -17.078 -7.609  1.00 69.64 ? 408  ASP A OD1 1 
ATOM   936  O OD2 . ASP A 1 131 ? -10.170 -18.432 -9.199  1.00 73.90 ? 408  ASP A OD2 1 
ATOM   937  N N   . ASN A 1 132 ? -5.783  -15.891 -6.729  1.00 46.14 ? 409  ASN A N   1 
ATOM   938  C CA  . ASN A 1 132 ? -4.554  -15.865 -5.939  1.00 42.34 ? 409  ASN A CA  1 
ATOM   939  C C   . ASN A 1 132 ? -4.337  -14.554 -5.152  1.00 41.06 ? 409  ASN A C   1 
ATOM   940  O O   . ASN A 1 132 ? -3.286  -14.369 -4.536  1.00 39.15 ? 409  ASN A O   1 
ATOM   941  C CB  . ASN A 1 132 ? -3.350  -16.159 -6.834  1.00 41.76 ? 409  ASN A CB  1 
ATOM   942  C CG  . ASN A 1 132 ? -3.067  -15.045 -7.821  1.00 41.22 ? 409  ASN A CG  1 
ATOM   943  O OD1 . ASN A 1 132 ? -3.985  -14.475 -8.414  1.00 41.38 ? 409  ASN A OD1 1 
ATOM   944  N ND2 . ASN A 1 132 ? -1.798  -14.723 -7.994  1.00 41.13 ? 409  ASN A ND2 1 
ATOM   945  N N   . VAL A 1 133 ? -5.328  -13.662 -5.154  1.00 39.05 ? 410  VAL A N   1 
ATOM   946  C CA  . VAL A 1 133 ? -5.169  -12.354 -4.507  1.00 37.91 ? 410  VAL A CA  1 
ATOM   947  C C   . VAL A 1 133 ? -6.114  -12.176 -3.324  1.00 38.03 ? 410  VAL A C   1 
ATOM   948  O O   . VAL A 1 133 ? -7.333  -12.221 -3.482  1.00 36.25 ? 410  VAL A O   1 
ATOM   949  C CB  . VAL A 1 133 ? -5.363  -11.195 -5.516  1.00 36.26 ? 410  VAL A CB  1 
ATOM   950  C CG1 . VAL A 1 133 ? -5.262  -9.845  -4.818  1.00 36.40 ? 410  VAL A CG1 1 
ATOM   951  C CG2 . VAL A 1 133 ? -4.330  -11.296 -6.634  1.00 36.81 ? 410  VAL A CG2 1 
ATOM   952  N N   . LEU A 1 134 ? -5.529  -11.950 -2.146  1.00 37.57 ? 411  LEU A N   1 
ATOM   953  C CA  . LEU A 1 134 ? -6.282  -11.687 -0.917  1.00 38.71 ? 411  LEU A CA  1 
ATOM   954  C C   . LEU A 1 134 ? -6.087  -10.243 -0.447  1.00 38.29 ? 411  LEU A C   1 
ATOM   955  O O   . LEU A 1 134 ? -4.960  -9.785  -0.237  1.00 39.04 ? 411  LEU A O   1 
ATOM   956  C CB  . LEU A 1 134 ? -5.861  -12.648 0.199   1.00 39.86 ? 411  LEU A CB  1 
ATOM   957  C CG  . LEU A 1 134 ? -5.878  -14.143 -0.165  1.00 43.77 ? 411  LEU A CG  1 
ATOM   958  C CD1 . LEU A 1 134 ? -5.368  -14.978 1.001   1.00 44.28 ? 411  LEU A CD1 1 
ATOM   959  C CD2 . LEU A 1 134 ? -7.279  -14.584 -0.572  1.00 44.96 ? 411  LEU A CD2 1 
ATOM   960  N N   . LEU A 1 135 ? -7.198  -9.541  -0.274  1.00 37.37 ? 412  LEU A N   1 
ATOM   961  C CA  . LEU A 1 135 ? -7.191  -8.152  0.152   1.00 37.64 ? 412  LEU A CA  1 
ATOM   962  C C   . LEU A 1 135 ? -7.730  -8.046  1.573   1.00 37.59 ? 412  LEU A C   1 
ATOM   963  O O   . LEU A 1 135 ? -8.797  -8.570  1.849   1.00 36.40 ? 412  LEU A O   1 
ATOM   964  C CB  . LEU A 1 135 ? -8.087  -7.349  -0.788  1.00 37.77 ? 412  LEU A CB  1 
ATOM   965  C CG  . LEU A 1 135 ? -8.354  -5.903  -0.406  1.00 37.03 ? 412  LEU A CG  1 
ATOM   966  C CD1 . LEU A 1 135 ? -7.049  -5.111  -0.446  1.00 37.52 ? 412  LEU A CD1 1 
ATOM   967  C CD2 . LEU A 1 135 ? -9.386  -5.315  -1.351  1.00 37.38 ? 412  LEU A CD2 1 
ATOM   968  N N   . ASP A 1 136 ? -7.002  -7.374  2.462   1.00 37.66 ? 413  ASP A N   1 
ATOM   969  C CA  . ASP A 1 136 ? -7.495  -7.098  3.817   1.00 37.98 ? 413  ASP A CA  1 
ATOM   970  C C   . ASP A 1 136 ? -7.342  -5.622  4.147   1.00 36.19 ? 413  ASP A C   1 
ATOM   971  O O   . ASP A 1 136 ? -6.427  -4.954  3.656   1.00 33.87 ? 413  ASP A O   1 
ATOM   972  C CB  . ASP A 1 136 ? -6.762  -7.948  4.871   1.00 41.54 ? 413  ASP A CB  1 
ATOM   973  C CG  . ASP A 1 136 ? -7.268  -9.385  4.920   1.00 47.36 ? 413  ASP A CG  1 
ATOM   974  O OD1 . ASP A 1 136 ? -8.486  -9.603  5.147   1.00 51.72 ? 413  ASP A OD1 1 
ATOM   975  O OD2 . ASP A 1 136 ? -6.447  -10.306 4.728   1.00 51.72 ? 413  ASP A OD2 1 
ATOM   976  N N   . THR A 1 137 ? -8.261  -5.125  4.968   1.00 34.09 ? 414  THR A N   1 
ATOM   977  C CA  . THR A 1 137 ? -8.261  -3.750  5.412   1.00 34.39 ? 414  THR A CA  1 
ATOM   978  C C   . THR A 1 137 ? -8.582  -3.769  6.896   1.00 34.13 ? 414  THR A C   1 
ATOM   979  O O   . THR A 1 137 ? -9.600  -4.332  7.308   1.00 33.77 ? 414  THR A O   1 
ATOM   980  C CB  . THR A 1 137 ? -9.295  -2.904  4.645   1.00 36.06 ? 414  THR A CB  1 
ATOM   981  O OG1 . THR A 1 137 ? -10.546 -3.593  4.593   1.00 37.14 ? 414  THR A OG1 1 
ATOM   982  C CG2 . THR A 1 137 ? -8.828  -2.651  3.215   1.00 37.18 ? 414  THR A CG2 1 
ATOM   983  N N   . ILE A 1 138 ? -7.699  -3.166  7.690   1.00 32.95 ? 415  ILE A N   1 
ATOM   984  C CA  . ILE A 1 138 ? -7.692  -3.320  9.139   1.00 34.32 ? 415  ILE A CA  1 
ATOM   985  C C   . ILE A 1 138 ? -7.341  -1.987  9.784   1.00 34.10 ? 415  ILE A C   1 
ATOM   986  O O   . ILE A 1 138 ? -6.456  -1.278  9.313   1.00 32.86 ? 415  ILE A O   1 
ATOM   987  C CB  . ILE A 1 138 ? -6.670  -4.405  9.559   1.00 38.02 ? 415  ILE A CB  1 
ATOM   988  C CG1 . ILE A 1 138 ? -7.144  -5.783  9.092   1.00 41.73 ? 415  ILE A CG1 1 
ATOM   989  C CG2 . ILE A 1 138 ? -6.473  -4.444  11.066  1.00 41.00 ? 415  ILE A CG2 1 
ATOM   990  C CD1 . ILE A 1 138 ? -6.007  -6.736  8.818   1.00 46.26 ? 415  ILE A CD1 1 
ATOM   991  N N   . ILE A 1 139 ? -8.082  -1.613  10.820  1.00 32.54 ? 416  ILE A N   1 
ATOM   992  C CA  . ILE A 1 139 ? -7.670  -0.525  11.687  1.00 35.61 ? 416  ILE A CA  1 
ATOM   993  C C   . ILE A 1 139 ? -7.079  -1.162  12.940  1.00 40.21 ? 416  ILE A C   1 
ATOM   994  O O   . ILE A 1 139 ? -7.761  -1.922  13.635  1.00 41.38 ? 416  ILE A O   1 
ATOM   995  C CB  . ILE A 1 139 ? -8.836  0.391   12.061  1.00 35.48 ? 416  ILE A CB  1 
ATOM   996  C CG1 . ILE A 1 139 ? -9.471  0.982   10.803  1.00 35.55 ? 416  ILE A CG1 1 
ATOM   997  C CG2 . ILE A 1 139 ? -8.366  1.495   12.999  1.00 35.31 ? 416  ILE A CG2 1 
ATOM   998  C CD1 . ILE A 1 139 ? -10.869 1.505   11.020  1.00 35.97 ? 416  ILE A CD1 1 
ATOM   999  N N   . GLU A 1 140 ? -5.803  -0.881  13.216  1.00 43.06 ? 417  GLU A N   1 
ATOM   1000 C CA  . GLU A 1 140 ? -5.120  -1.510  14.348  1.00 45.39 ? 417  GLU A CA  1 
ATOM   1001 C C   . GLU A 1 140 ? -4.072  -0.604  14.977  1.00 45.76 ? 417  GLU A C   1 
ATOM   1002 O O   . GLU A 1 140 ? -3.175  -0.102  14.297  1.00 43.67 ? 417  GLU A O   1 
ATOM   1003 C CB  . GLU A 1 140 ? -4.473  -2.825  13.930  1.00 49.65 ? 417  GLU A CB  1 
ATOM   1004 C CG  . GLU A 1 140 ? -3.913  -3.622  15.100  1.00 54.85 ? 417  GLU A CG  1 
ATOM   1005 C CD  . GLU A 1 140 ? -3.377  -4.975  14.680  1.00 58.91 ? 417  GLU A CD  1 
ATOM   1006 O OE1 . GLU A 1 140 ? -2.315  -5.025  14.026  1.00 63.65 ? 417  GLU A OE1 1 
ATOM   1007 O OE2 . GLU A 1 140 ? -4.015  -5.993  15.013  1.00 67.31 ? 417  GLU A OE2 1 
ATOM   1008 N N   . ASN A 1 141 ? -4.205  -0.414  16.286  1.00 47.00 ? 418  ASN A N   1 
ATOM   1009 C CA  . ASN A 1 141 ? -3.305  0.418   17.079  1.00 48.64 ? 418  ASN A CA  1 
ATOM   1010 C C   . ASN A 1 141 ? -3.059  1.794   16.472  1.00 44.36 ? 418  ASN A C   1 
ATOM   1011 O O   . ASN A 1 141 ? -1.930  2.268   16.427  1.00 43.20 ? 418  ASN A O   1 
ATOM   1012 C CB  . ASN A 1 141 ? -1.990  -0.330  17.339  1.00 52.64 ? 418  ASN A CB  1 
ATOM   1013 C CG  . ASN A 1 141 ? -2.195  -1.590  18.172  1.00 59.66 ? 418  ASN A CG  1 
ATOM   1014 O OD1 . ASN A 1 141 ? -3.078  -1.645  19.039  1.00 63.70 ? 418  ASN A OD1 1 
ATOM   1015 N ND2 . ASN A 1 141 ? -1.382  -2.612  17.912  1.00 61.73 ? 418  ASN A ND2 1 
ATOM   1016 N N   . GLY A 1 142 ? -4.129  2.429   16.005  1.00 40.11 ? 419  GLY A N   1 
ATOM   1017 C CA  . GLY A 1 142 ? -4.047  3.773   15.452  1.00 38.89 ? 419  GLY A CA  1 
ATOM   1018 C C   . GLY A 1 142 ? -3.532  3.856   14.018  1.00 36.11 ? 419  GLY A C   1 
ATOM   1019 O O   . GLY A 1 142 ? -3.278  4.955   13.537  1.00 38.38 ? 419  GLY A O   1 
ATOM   1020 N N   . PHE A 1 143 ? -3.388  2.711   13.349  1.00 34.08 ? 420  PHE A N   1 
ATOM   1021 C CA  . PHE A 1 143 ? -3.001  2.641   11.937  1.00 35.42 ? 420  PHE A CA  1 
ATOM   1022 C C   . PHE A 1 143 ? -4.098  2.042   11.046  1.00 33.98 ? 420  PHE A C   1 
ATOM   1023 O O   . PHE A 1 143 ? -4.792  1.084   11.437  1.00 32.93 ? 420  PHE A O   1 
ATOM   1024 C CB  . PHE A 1 143 ? -1.714  1.822   11.774  1.00 37.27 ? 420  PHE A CB  1 
ATOM   1025 C CG  . PHE A 1 143 ? -0.468  2.572   12.181  1.00 40.88 ? 420  PHE A CG  1 
ATOM   1026 C CD1 . PHE A 1 143 ? -0.118  2.692   13.522  1.00 41.95 ? 420  PHE A CD1 1 
ATOM   1027 C CD2 . PHE A 1 143 ? 0.336   3.186   11.227  1.00 41.18 ? 420  PHE A CD2 1 
ATOM   1028 C CE1 . PHE A 1 143 ? 1.013   3.394   13.898  1.00 43.87 ? 420  PHE A CE1 1 
ATOM   1029 C CE2 . PHE A 1 143 ? 1.469   3.894   11.597  1.00 41.17 ? 420  PHE A CE2 1 
ATOM   1030 C CZ  . PHE A 1 143 ? 1.809   3.998   12.934  1.00 43.54 ? 420  PHE A CZ  1 
ATOM   1031 N N   . PHE A 1 144 ? -4.259  2.609   9.853   1.00 30.67 ? 421  PHE A N   1 
ATOM   1032 C CA  . PHE A 1 144 ? -5.043  1.961   8.819   1.00 30.02 ? 421  PHE A CA  1 
ATOM   1033 C C   . PHE A 1 144 ? -4.110  1.123   7.942   1.00 30.92 ? 421  PHE A C   1 
ATOM   1034 O O   . PHE A 1 144 ? -3.115  1.628   7.404   1.00 30.63 ? 421  PHE A O   1 
ATOM   1035 C CB  . PHE A 1 144 ? -5.815  2.978   8.002   1.00 30.51 ? 421  PHE A CB  1 
ATOM   1036 C CG  . PHE A 1 144 ? -6.631  2.366   6.897   1.00 31.42 ? 421  PHE A CG  1 
ATOM   1037 C CD1 . PHE A 1 144 ? -7.595  1.412   7.175   1.00 31.64 ? 421  PHE A CD1 1 
ATOM   1038 C CD2 . PHE A 1 144 ? -6.447  2.763   5.574   1.00 32.39 ? 421  PHE A CD2 1 
ATOM   1039 C CE1 . PHE A 1 144 ? -8.357  0.849   6.165   1.00 32.32 ? 421  PHE A CE1 1 
ATOM   1040 C CE2 . PHE A 1 144 ? -7.219  2.215   4.558   1.00 32.15 ? 421  PHE A CE2 1 
ATOM   1041 C CZ  . PHE A 1 144 ? -8.169  1.253   4.853   1.00 32.08 ? 421  PHE A CZ  1 
ATOM   1042 N N   . ILE A 1 145 ? -4.442  -0.153  7.818   1.00 28.66 ? 422  ILE A N   1 
ATOM   1043 C CA  . ILE A 1 145 ? -3.617  -1.142  7.167   1.00 30.55 ? 422  ILE A CA  1 
ATOM   1044 C C   . ILE A 1 145 ? -4.329  -1.714  5.951   1.00 30.57 ? 422  ILE A C   1 
ATOM   1045 O O   . ILE A 1 145 ? -5.432  -2.273  6.074   1.00 31.51 ? 422  ILE A O   1 
ATOM   1046 C CB  . ILE A 1 145 ? -3.284  -2.298  8.125   1.00 31.74 ? 422  ILE A CB  1 
ATOM   1047 C CG1 . ILE A 1 145 ? -2.613  -1.751  9.378   1.00 34.34 ? 422  ILE A CG1 1 
ATOM   1048 C CG2 . ILE A 1 145 ? -2.393  -3.325  7.432   1.00 33.30 ? 422  ILE A CG2 1 
ATOM   1049 C CD1 . ILE A 1 145 ? -2.223  -2.812  10.386  1.00 37.32 ? 422  ILE A CD1 1 
ATOM   1050 N N   . GLN A 1 146 ? -3.707  -1.544  4.785   1.00 28.65 ? 423  GLN A N   1 
ATOM   1051 C CA  . GLN A 1 146 ? -4.163  -2.128  3.543   1.00 29.50 ? 423  GLN A CA  1 
ATOM   1052 C C   . GLN A 1 146 ? -3.154  -3.195  3.147   1.00 31.71 ? 423  GLN A C   1 
ATOM   1053 O O   . GLN A 1 146 ? -1.940  -2.929  3.096   1.00 30.70 ? 423  GLN A O   1 
ATOM   1054 C CB  . GLN A 1 146 ? -4.246  -1.081  2.444   1.00 29.59 ? 423  GLN A CB  1 
ATOM   1055 C CG  . GLN A 1 146 ? -5.141  0.104   2.750   1.00 30.48 ? 423  GLN A CG  1 
ATOM   1056 C CD  . GLN A 1 146 ? -4.972  1.221   1.731   1.00 30.28 ? 423  GLN A CD  1 
ATOM   1057 O OE1 . GLN A 1 146 ? -5.619  1.223   0.696   1.00 31.48 ? 423  GLN A OE1 1 
ATOM   1058 N NE2 . GLN A 1 146 ? -4.086  2.164   2.019   1.00 30.34 ? 423  GLN A NE2 1 
ATOM   1059 N N   . LYS A 1 147 ? -3.662  -4.380  2.832   1.00 30.40 ? 424  LYS A N   1 
ATOM   1060 C CA  . LYS A 1 147 ? -2.840  -5.559  2.678   1.00 33.42 ? 424  LYS A CA  1 
ATOM   1061 C C   . LYS A 1 147 ? -3.296  -6.346  1.450   1.00 33.46 ? 424  LYS A C   1 
ATOM   1062 O O   . LYS A 1 147 ? -4.469  -6.707  1.322   1.00 35.40 ? 424  LYS A O   1 
ATOM   1063 C CB  . LYS A 1 147 ? -2.985  -6.397  3.946   1.00 36.68 ? 424  LYS A CB  1 
ATOM   1064 C CG  . LYS A 1 147 ? -1.873  -7.376  4.224   1.00 42.03 ? 424  LYS A CG  1 
ATOM   1065 C CD  . LYS A 1 147 ? -2.029  -7.992  5.621   1.00 42.10 ? 424  LYS A CD  1 
ATOM   1066 N N   . VAL A 1 148 ? -2.373  -6.602  0.537   1.00 32.25 ? 425  VAL A N   1 
ATOM   1067 C CA  . VAL A 1 148 ? -2.657  -7.450  -0.593  1.00 33.24 ? 425  VAL A CA  1 
ATOM   1068 C C   . VAL A 1 148 ? -1.647  -8.575  -0.599  1.00 33.55 ? 425  VAL A C   1 
ATOM   1069 O O   . VAL A 1 148 ? -0.439  -8.344  -0.752  1.00 33.01 ? 425  VAL A O   1 
ATOM   1070 C CB  . VAL A 1 148 ? -2.602  -6.668  -1.916  1.00 34.09 ? 425  VAL A CB  1 
ATOM   1071 C CG1 . VAL A 1 148 ? -2.811  -7.600  -3.088  1.00 34.56 ? 425  VAL A CG1 1 
ATOM   1072 C CG2 . VAL A 1 148 ? -3.661  -5.572  -1.921  1.00 34.44 ? 425  VAL A CG2 1 
ATOM   1073 N N   . GLU A 1 149 ? -2.135  -9.791  -0.398  1.00 34.38 ? 426  GLU A N   1 
ATOM   1074 C CA  . GLU A 1 149 ? -1.290  -10.964 -0.507  1.00 35.81 ? 426  GLU A CA  1 
ATOM   1075 C C   . GLU A 1 149 ? -1.514  -11.613 -1.867  1.00 35.71 ? 426  GLU A C   1 
ATOM   1076 O O   . GLU A 1 149 ? -2.658  -11.869 -2.270  1.00 35.68 ? 426  GLU A O   1 
ATOM   1077 C CB  . GLU A 1 149 ? -1.573  -11.948 0.630   1.00 38.45 ? 426  GLU A CB  1 
ATOM   1078 C CG  . GLU A 1 149 ? -0.799  -13.244 0.488   1.00 40.99 ? 426  GLU A CG  1 
ATOM   1079 C CD  . GLU A 1 149 ? -0.828  -14.110 1.732   1.00 45.00 ? 426  GLU A CD  1 
ATOM   1080 O OE1 . GLU A 1 149 ? -1.741  -13.950 2.568   1.00 49.99 ? 426  GLU A OE1 1 
ATOM   1081 O OE2 . GLU A 1 149 ? 0.075   -14.961 1.867   1.00 46.87 ? 426  GLU A OE2 1 
ATOM   1082 N N   . ILE A 1 150 ? -0.413  -11.871 -2.563  1.00 35.33 ? 427  ILE A N   1 
ATOM   1083 C CA  . ILE A 1 150 ? -0.438  -12.379 -3.923  1.00 36.37 ? 427  ILE A CA  1 
ATOM   1084 C C   . ILE A 1 150 ? 0.266   -13.730 -3.957  1.00 38.99 ? 427  ILE A C   1 
ATOM   1085 O O   . ILE A 1 150 ? 1.496   -13.807 -3.890  1.00 36.81 ? 427  ILE A O   1 
ATOM   1086 C CB  . ILE A 1 150 ? 0.261   -11.414 -4.892  1.00 35.60 ? 427  ILE A CB  1 
ATOM   1087 C CG1 . ILE A 1 150 ? -0.395  -10.029 -4.806  1.00 36.16 ? 427  ILE A CG1 1 
ATOM   1088 C CG2 . ILE A 1 150 ? 0.210   -11.979 -6.311  1.00 35.33 ? 427  ILE A CG2 1 
ATOM   1089 C CD1 . ILE A 1 150 ? 0.429   -8.911  -5.386  1.00 37.40 ? 427  ILE A CD1 1 
ATOM   1090 N N   . ILE A 1 151 ? -0.534  -14.788 -4.072  1.00 43.32 ? 428  ILE A N   1 
ATOM   1091 C CA  . ILE A 1 151 ? -0.068  -16.164 -3.890  1.00 43.91 ? 428  ILE A CA  1 
ATOM   1092 C C   . ILE A 1 151 ? 0.630   -16.629 -5.153  1.00 44.53 ? 428  ILE A C   1 
ATOM   1093 O O   . ILE A 1 151 ? 0.159   -16.357 -6.251  1.00 44.39 ? 428  ILE A O   1 
ATOM   1094 C CB  . ILE A 1 151 ? -1.255  -17.092 -3.531  1.00 47.38 ? 428  ILE A CB  1 
ATOM   1095 C CG1 . ILE A 1 151 ? -1.861  -16.649 -2.196  1.00 47.87 ? 428  ILE A CG1 1 
ATOM   1096 C CG2 . ILE A 1 151 ? -0.821  -18.561 -3.483  1.00 48.20 ? 428  ILE A CG2 1 
ATOM   1097 C CD1 . ILE A 1 151 ? -3.165  -17.326 -1.845  1.00 50.68 ? 428  ILE A CD1 1 
ATOM   1098 N N   . ASN A 1 152 ? 1.768   -17.297 -4.988  1.00 49.71 ? 429  ASN A N   1 
ATOM   1099 C CA  . ASN A 1 152 ? 2.545   -17.813 -6.116  1.00 56.74 ? 429  ASN A CA  1 
ATOM   1100 C C   . ASN A 1 152 ? 1.914   -19.064 -6.724  1.00 61.76 ? 429  ASN A C   1 
ATOM   1101 O O   . ASN A 1 152 ? 1.528   -19.068 -7.891  1.00 61.05 ? 429  ASN A O   1 
ATOM   1102 C CB  . ASN A 1 152 ? 3.980   -18.167 -5.691  1.00 59.32 ? 429  ASN A CB  1 
ATOM   1103 C CG  . ASN A 1 152 ? 4.721   -17.007 -5.046  1.00 61.90 ? 429  ASN A CG  1 
ATOM   1104 O OD1 . ASN A 1 152 ? 5.533   -17.209 -4.143  1.00 64.28 ? 429  ASN A OD1 1 
ATOM   1105 N ND2 . ASN A 1 152 ? 4.459   -15.797 -5.511  1.00 64.00 ? 429  ASN A ND2 1 
ATOM   1106 N N   . ASN A 1 153 ? 1.812   -20.119 -5.913  1.00 69.96 ? 430  ASN A N   1 
ATOM   1107 C CA  . ASN A 1 153 ? 1.543   -21.480 -6.400  1.00 73.18 ? 430  ASN A CA  1 
ATOM   1108 C C   . ASN A 1 153 ? 2.467   -21.865 -7.556  1.00 76.02 ? 430  ASN A C   1 
ATOM   1109 O O   . ASN A 1 153 ? 2.518   -23.027 -7.959  1.00 87.82 ? 430  ASN A O   1 
ATOM   1110 C CB  . ASN A 1 153 ? 0.075   -21.649 -6.818  1.00 70.61 ? 430  ASN A CB  1 
ATOM   1111 C CG  . ASN A 1 153 ? -0.866  -21.775 -5.633  1.00 67.85 ? 430  ASN A CG  1 
ATOM   1112 O OD1 . ASN A 1 153 ? -2.081  -21.615 -5.777  1.00 67.42 ? 430  ASN A OD1 1 
ATOM   1113 N ND2 . ASN A 1 153 ? -0.316  -22.060 -4.457  1.00 63.44 ? 430  ASN A ND2 1 
HETATM 1114 C C1  . GOL B 2 .   ? 17.919  -8.399  2.887   1.00 76.95 ? 1431 GOL A C1  1 
HETATM 1115 O O1  . GOL B 2 .   ? 18.828  -9.464  2.603   1.00 77.09 ? 1431 GOL A O1  1 
HETATM 1116 C C2  . GOL B 2 .   ? 18.015  -7.909  4.335   1.00 80.13 ? 1431 GOL A C2  1 
HETATM 1117 O O2  . GOL B 2 .   ? 17.804  -9.027  5.212   1.00 81.90 ? 1431 GOL A O2  1 
HETATM 1118 C C3  . GOL B 2 .   ? 16.980  -6.810  4.618   1.00 79.26 ? 1431 GOL A C3  1 
HETATM 1119 O O3  . GOL B 2 .   ? 17.594  -5.582  5.027   1.00 79.77 ? 1431 GOL A O3  1 
HETATM 1120 C C1  . GOL C 2 .   ? 6.285   -9.151  -12.257 1.00 63.35 ? 1432 GOL A C1  1 
HETATM 1121 O O1  . GOL C 2 .   ? 6.524   -10.244 -11.365 1.00 59.05 ? 1432 GOL A O1  1 
HETATM 1122 C C2  . GOL C 2 .   ? 4.847   -8.646  -12.125 1.00 65.45 ? 1432 GOL A C2  1 
HETATM 1123 O O2  . GOL C 2 .   ? 3.958   -9.458  -12.899 1.00 65.65 ? 1432 GOL A O2  1 
HETATM 1124 C C3  . GOL C 2 .   ? 4.746   -7.204  -12.617 1.00 66.73 ? 1432 GOL A C3  1 
HETATM 1125 O O3  . GOL C 2 .   ? 5.245   -7.101  -13.954 1.00 66.53 ? 1432 GOL A O3  1 
HETATM 1126 C C1  . MPD D 3 .   ? 19.531  -2.447  6.177   1.00 83.41 ? 1433 MPD A C1  1 
HETATM 1127 C C2  . MPD D 3 .   ? 19.616  -1.207  5.297   1.00 82.36 ? 1433 MPD A C2  1 
HETATM 1128 O O2  . MPD D 3 .   ? 20.963  -0.751  5.222   1.00 87.47 ? 1433 MPD A O2  1 
HETATM 1129 C CM  . MPD D 3 .   ? 18.797  -0.077  5.889   1.00 79.94 ? 1433 MPD A CM  1 
HETATM 1130 C C3  . MPD D 3 .   ? 19.189  -1.562  3.881   1.00 81.55 ? 1433 MPD A C3  1 
HETATM 1131 C C4  . MPD D 3 .   ? 19.515  -0.439  2.901   1.00 80.87 ? 1433 MPD A C4  1 
HETATM 1132 O O4  . MPD D 3 .   ? 20.280  -1.010  1.840   1.00 88.09 ? 1433 MPD A O4  1 
HETATM 1133 C C5  . MPD D 3 .   ? 18.254  0.237   2.370   1.00 76.96 ? 1433 MPD A C5  1 
HETATM 1134 C C   . ACT E 4 .   ? 0.290   16.598  7.247   1.00 82.05 ? 1434 ACT A C   1 
HETATM 1135 O O   . ACT E 4 .   ? -0.600  15.933  7.829   1.00 77.92 ? 1434 ACT A O   1 
HETATM 1136 O OXT . ACT E 4 .   ? 0.290   16.757  6.004   1.00 80.04 ? 1434 ACT A OXT 1 
HETATM 1137 C CH3 . ACT E 4 .   ? 1.394   17.220  8.059   1.00 79.34 ? 1434 ACT A CH3 1 
HETATM 1138 C C1  . MPD F 3 .   ? -18.117 1.887   11.276  1.00 53.86 ? 1435 MPD A C1  1 
HETATM 1139 C C2  . MPD F 3 .   ? -16.847 1.123   11.614  1.00 55.00 ? 1435 MPD A C2  1 
HETATM 1140 O O2  . MPD F 3 .   ? -17.109 -0.258  11.365  1.00 57.31 ? 1435 MPD A O2  1 
HETATM 1141 C CM  . MPD F 3 .   ? -16.552 1.252   13.098  1.00 54.17 ? 1435 MPD A CM  1 
HETATM 1142 C C3  . MPD F 3 .   ? -15.591 1.540   10.821  1.00 57.11 ? 1435 MPD A C3  1 
HETATM 1143 C C4  . MPD F 3 .   ? -15.738 2.289   9.483   1.00 57.84 ? 1435 MPD A C4  1 
HETATM 1144 O O4  . MPD F 3 .   ? -14.508 2.150   8.749   1.00 58.82 ? 1435 MPD A O4  1 
HETATM 1145 C C5  . MPD F 3 .   ? -16.847 1.804   8.565   1.00 58.24 ? 1435 MPD A C5  1 
HETATM 1146 O O   . HOH G 5 .   ? 8.894   15.100  5.523   1.00 65.24 ? 2001 HOH A O   1 
HETATM 1147 O O   . HOH G 5 .   ? 17.565  -1.263  8.375   1.00 51.36 ? 2002 HOH A O   1 
HETATM 1148 O O   . HOH G 5 .   ? 11.638  -7.095  -13.399 1.00 55.39 ? 2003 HOH A O   1 
HETATM 1149 O O   . HOH G 5 .   ? 20.600  -6.541  -4.210  1.00 71.83 ? 2004 HOH A O   1 
HETATM 1150 O O   . HOH G 5 .   ? 6.785   2.203   -12.656 0.50 27.71 ? 2005 HOH A O   1 
HETATM 1151 O O   . HOH G 5 .   ? 5.648   12.317  -7.603  1.00 44.05 ? 2006 HOH A O   1 
HETATM 1152 O O   . HOH G 5 .   ? 1.776   10.203  -8.158  1.00 27.86 ? 2007 HOH A O   1 
HETATM 1153 O O   . HOH G 5 .   ? 8.644   18.488  2.074   1.00 62.23 ? 2008 HOH A O   1 
HETATM 1154 O O   . HOH G 5 .   ? 6.267   21.484  -1.068  1.00 78.45 ? 2009 HOH A O   1 
HETATM 1155 O O   . HOH G 5 .   ? 6.059   -2.564  8.666   1.00 60.62 ? 2010 HOH A O   1 
HETATM 1156 O O   . HOH G 5 .   ? 15.602  -9.705  6.866   1.00 66.91 ? 2011 HOH A O   1 
HETATM 1157 O O   . HOH G 5 .   ? 10.700  -9.126  1.338   1.00 35.03 ? 2012 HOH A O   1 
HETATM 1158 O O   . HOH G 5 .   ? 12.440  -15.663 1.954   1.00 68.15 ? 2013 HOH A O   1 
HETATM 1159 O O   . HOH G 5 .   ? 9.862   -11.170 6.321   1.00 70.45 ? 2014 HOH A O   1 
HETATM 1160 O O   . HOH G 5 .   ? 12.629  -13.629 -4.723  1.00 69.89 ? 2015 HOH A O   1 
HETATM 1161 O O   . HOH G 5 .   ? 9.970   -13.052 -5.200  1.00 56.08 ? 2016 HOH A O   1 
HETATM 1162 O O   . HOH G 5 .   ? 4.775   -12.142 -12.641 1.00 59.92 ? 2017 HOH A O   1 
HETATM 1163 O O   . HOH G 5 .   ? 3.353   -13.469 -5.707  1.00 31.33 ? 2018 HOH A O   1 
HETATM 1164 O O   . HOH G 5 .   ? -2.684  -11.938 -13.107 1.00 28.35 ? 2019 HOH A O   1 
HETATM 1165 O O   . HOH G 5 .   ? 2.453   -8.823  -16.552 1.00 31.56 ? 2020 HOH A O   1 
HETATM 1166 O O   . HOH G 5 .   ? -8.125  -9.410  -11.270 1.00 53.79 ? 2021 HOH A O   1 
HETATM 1167 O O   . HOH G 5 .   ? -8.226  -3.985  -14.245 1.00 69.15 ? 2022 HOH A O   1 
HETATM 1168 O O   . HOH G 5 .   ? -8.853  -7.009  -13.168 1.00 72.13 ? 2023 HOH A O   1 
HETATM 1169 O O   . HOH G 5 .   ? -5.487  6.205   -7.049  1.00 51.27 ? 2024 HOH A O   1 
HETATM 1170 O O   . HOH G 5 .   ? -3.073  5.334   -8.955  1.00 53.90 ? 2025 HOH A O   1 
HETATM 1171 O O   . HOH G 5 .   ? -7.360  8.276   -4.042  1.00 70.13 ? 2026 HOH A O   1 
HETATM 1172 O O   . HOH G 5 .   ? -0.576  9.184   8.676   1.00 31.87 ? 2027 HOH A O   1 
HETATM 1173 O O   . HOH G 5 .   ? 10.764  6.502   9.897   1.00 64.33 ? 2028 HOH A O   1 
HETATM 1174 O O   . HOH G 5 .   ? 3.691   -12.935 2.004   1.00 37.16 ? 2029 HOH A O   1 
HETATM 1175 O O   . HOH G 5 .   ? -2.701  2.518   4.495   1.00 24.89 ? 2030 HOH A O   1 
HETATM 1176 O O   . HOH G 5 .   ? -18.239 2.699   6.118   1.00 63.23 ? 2031 HOH A O   1 
HETATM 1177 O O   . HOH G 5 .   ? -17.060 4.902   -7.149  1.00 64.87 ? 2032 HOH A O   1 
HETATM 1178 O O   . HOH G 5 .   ? -23.092 7.712   -5.873  1.00 71.81 ? 2033 HOH A O   1 
HETATM 1179 O O   . HOH G 5 .   ? -19.022 -3.458  -3.576  1.00 54.77 ? 2034 HOH A O   1 
HETATM 1180 O O   . HOH G 5 .   ? -12.122 -1.932  -12.495 1.00 72.75 ? 2035 HOH A O   1 
HETATM 1181 O O   . HOH G 5 .   ? -10.864 -5.045  -13.427 1.00 76.63 ? 2036 HOH A O   1 
HETATM 1182 O O   . HOH G 5 .   ? 2.178   -12.718 -13.884 1.00 71.61 ? 2037 HOH A O   1 
HETATM 1183 O O   . HOH G 5 .   ? -10.562 -12.701 -2.691  1.00 57.23 ? 2038 HOH A O   1 
HETATM 1184 O O   . HOH G 5 .   ? -9.159  -13.184 -4.656  1.00 30.57 ? 2039 HOH A O   1 
HETATM 1185 O O   . HOH G 5 .   ? -16.240 -7.013  -6.745  1.00 71.61 ? 2040 HOH A O   1 
HETATM 1186 O O   . HOH G 5 .   ? -12.186 -8.847  -1.735  1.00 65.53 ? 2041 HOH A O   1 
HETATM 1187 O O   . HOH G 5 .   ? -3.683  -13.683 -11.013 1.00 45.95 ? 2042 HOH A O   1 
HETATM 1188 O O   . HOH G 5 .   ? -4.493  -9.986  2.464   1.00 39.78 ? 2043 HOH A O   1 
HETATM 1189 O O   . HOH G 5 .   ? -10.038 -10.772 -0.776  1.00 46.25 ? 2044 HOH A O   1 
HETATM 1190 O O   . HOH G 5 .   ? -10.195 -7.255  5.758   1.00 46.52 ? 2045 HOH A O   1 
HETATM 1191 O O   . HOH G 5 .   ? -9.306  -12.420 4.430   1.00 77.56 ? 2046 HOH A O   1 
HETATM 1192 O O   . HOH G 5 .   ? -0.046  -1.913  13.440  1.00 71.07 ? 2047 HOH A O   1 
HETATM 1193 O O   . HOH G 5 .   ? -19.112 2.121   3.353   1.00 70.63 ? 2048 HOH A O   1 
HETATM 1194 O O   . HOH G 5 .   ? -2.946  -15.910 4.493   1.00 65.09 ? 2049 HOH A O   1 
HETATM 1195 O O   . HOH G 5 .   ? 3.922   -18.056 -9.338  1.00 58.95 ? 2050 HOH A O   1 
HETATM 1196 O O   . HOH G 5 .   ? 2.584   -20.155 -10.669 1.00 69.41 ? 2051 HOH A O   1 
HETATM 1197 O O   . HOH G 5 .   ? -4.528  -20.108 -6.255  1.00 66.22 ? 2052 HOH A O   1 
HETATM 1198 O O   . HOH G 5 .   ? -16.782 -14.212 -13.614 1.00 71.62 ? 2053 HOH A O   1 
# 
loop_
_pdbx_poly_seq_scheme.asym_id 
_pdbx_poly_seq_scheme.entity_id 
_pdbx_poly_seq_scheme.seq_id 
_pdbx_poly_seq_scheme.mon_id 
_pdbx_poly_seq_scheme.ndb_seq_num 
_pdbx_poly_seq_scheme.pdb_seq_num 
_pdbx_poly_seq_scheme.auth_seq_num 
_pdbx_poly_seq_scheme.pdb_mon_id 
_pdbx_poly_seq_scheme.auth_mon_id 
_pdbx_poly_seq_scheme.pdb_strand_id 
_pdbx_poly_seq_scheme.pdb_ins_code 
_pdbx_poly_seq_scheme.hetero 
A 1 1   ASN 1   278 278 ASN ASN A . n 
A 1 2   ALA 2   279 279 ALA ALA A . n 
A 1 3   ILE 3   280 280 ILE ILE A . n 
A 1 4   LYS 4   281 281 LYS LYS A . n 
A 1 5   LEU 5   282 282 LEU LEU A . n 
A 1 6   ASN 6   283 283 ASN ASN A . n 
A 1 7   GLY 7   284 284 GLY GLY A . n 
A 1 8   ILE 8   285 285 ILE ILE A . n 
A 1 9   GLU 9   286 286 GLU GLU A . n 
A 1 10  ASN 10  287 287 ASN ASN A . n 
A 1 11  LEU 11  288 288 LEU LEU A . n 
A 1 12  LYS 12  289 289 LYS LYS A . n 
A 1 13  VAL 13  290 290 VAL VAL A . n 
A 1 14  ARG 14  291 291 ARG ARG A . n 
A 1 15  GLU 15  292 292 GLU GLU A . n 
A 1 16  ILE 16  293 293 ILE ILE A . n 
A 1 17  LYS 17  294 294 LYS LYS A . n 
A 1 18  GLY 18  295 295 GLY GLY A . n 
A 1 19  LEU 19  296 296 LEU LEU A . n 
A 1 20  ILE 20  297 297 ILE ILE A . n 
A 1 21  THR 21  298 298 THR THR A . n 
A 1 22  ALA 22  299 299 ALA ALA A . n 
A 1 23  LYS 23  300 300 LYS LYS A . n 
A 1 24  ILE 24  301 301 ILE ILE A . n 
A 1 25  LEU 25  302 302 LEU LEU A . n 
A 1 26  ARG 26  303 303 ARG ARG A . n 
A 1 27  ALA 27  304 304 ALA ALA A . n 
A 1 28  GLN 28  305 305 GLN GLN A . n 
A 1 29  GLU 29  306 306 GLU GLU A . n 
A 1 30  MET 30  307 307 MET MET A . n 
A 1 31  ASN 31  308 308 ASN ASN A . n 
A 1 32  ILE 32  309 309 ILE ILE A . n 
A 1 33  PRO 33  310 310 PRO PRO A . n 
A 1 34  ILE 34  311 311 ILE ILE A . n 
A 1 35  SER 35  312 312 SER SER A . n 
A 1 36  ILE 36  313 313 ILE ILE A . n 
A 1 37  GLU 37  314 314 GLU GLU A . n 
A 1 38  ILE 38  315 315 ILE ILE A . n 
A 1 39  PRO 39  316 316 PRO PRO A . n 
A 1 40  ASP 40  317 317 ASP ASP A . n 
A 1 41  GLU 41  318 318 GLU GLU A . n 
A 1 42  VAL 42  319 319 VAL VAL A . n 
A 1 43  SER 43  320 320 SER SER A . n 
A 1 44  SER 44  321 321 SER SER A . n 
A 1 45  ILE 45  322 322 ILE ILE A . n 
A 1 46  ASN 46  323 323 ASN ASN A . n 
A 1 47  LEU 47  324 324 LEU LEU A . n 
A 1 48  ASN 48  325 325 ASN ASN A . n 
A 1 49  MET 49  326 326 MET MET A . n 
A 1 50  ILE 50  327 327 ILE ILE A . n 
A 1 51  ASP 51  328 328 ASP ASP A . n 
A 1 52  LEU 52  329 329 LEU LEU A . n 
A 1 53  SER 53  330 330 SER SER A . n 
A 1 54  ARG 54  331 331 ARG ARG A . n 
A 1 55  SER 55  332 332 SER SER A . n 
A 1 56  ILE 56  333 333 ILE ILE A . n 
A 1 57  GLY 57  334 334 GLY GLY A . n 
A 1 58  ILE 58  335 335 ILE ILE A . n 
A 1 59  ILE 59  336 336 ILE ILE A . n 
A 1 60  LEU 60  337 337 LEU LEU A . n 
A 1 61  ASP 61  338 338 ASP ASP A . n 
A 1 62  ASN 62  339 339 ASN ASN A . n 
A 1 63  ALA 63  340 340 ALA ALA A . n 
A 1 64  ILE 64  341 341 ILE ILE A . n 
A 1 65  GLU 65  342 342 GLU GLU A . n 
A 1 66  ALA 66  343 343 ALA ALA A . n 
A 1 67  SER 67  344 344 SER SER A . n 
A 1 68  THR 68  345 345 THR THR A . n 
A 1 69  GLU 69  346 346 GLU GLU A . n 
A 1 70  ILE 70  347 347 ILE ILE A . n 
A 1 71  ASP 71  348 348 ASP ASP A . n 
A 1 72  ASP 72  349 349 ASP ASP A . n 
A 1 73  PRO 73  350 350 PRO PRO A . n 
A 1 74  ILE 74  351 351 ILE ILE A . n 
A 1 75  ILE 75  352 352 ILE ILE A . n 
A 1 76  ARG 76  353 353 ARG ARG A . n 
A 1 77  VAL 77  354 354 VAL VAL A . n 
A 1 78  ALA 78  355 355 ALA ALA A . n 
A 1 79  PHE 79  356 356 PHE PHE A . n 
A 1 80  ILE 80  357 357 ILE ILE A . n 
A 1 81  GLU 81  358 358 GLU GLU A . n 
A 1 82  SER 82  359 359 SER SER A . n 
A 1 83  GLU 83  360 360 GLU GLU A . n 
A 1 84  ASN 84  361 361 ASN ASN A . n 
A 1 85  SER 85  362 362 SER SER A . n 
A 1 86  VAL 86  363 363 VAL VAL A . n 
A 1 87  THR 87  364 364 THR THR A . n 
A 1 88  PHE 88  365 365 PHE PHE A . n 
A 1 89  ILE 89  366 366 ILE ILE A . n 
A 1 90  VAL 90  367 367 VAL VAL A . n 
A 1 91  MET 91  368 368 MET MET A . n 
A 1 92  ASN 92  369 369 ASN ASN A . n 
A 1 93  LYS 93  370 370 LYS LYS A . n 
A 1 94  CYS 94  371 371 CYS CYS A . n 
A 1 95  ALA 95  372 372 ALA ALA A . n 
A 1 96  ASP 96  373 373 ASP ASP A . n 
A 1 97  ASP 97  374 374 ASP ASP A . n 
A 1 98  ILE 98  375 375 ILE ILE A . n 
A 1 99  PRO 99  376 376 PRO PRO A . n 
A 1 100 ARG 100 377 377 ARG ARG A . n 
A 1 101 ILE 101 378 378 ILE ILE A . n 
A 1 102 HIS 102 379 379 HIS HIS A . n 
A 1 103 GLU 103 380 380 GLU GLU A . n 
A 1 104 LEU 104 381 381 LEU LEU A . n 
A 1 105 PHE 105 382 382 PHE PHE A . n 
A 1 106 GLN 106 383 383 GLN GLN A . n 
A 1 107 GLU 107 384 384 GLU GLU A . n 
A 1 108 SER 108 385 385 SER SER A . n 
A 1 109 PHE 109 386 386 PHE PHE A . n 
A 1 110 SER 110 387 387 SER SER A . n 
A 1 111 THR 111 388 ?   ?   ?   A . n 
A 1 112 LYS 112 389 ?   ?   ?   A . n 
A 1 113 GLY 113 390 ?   ?   ?   A . n 
A 1 114 GLU 114 391 ?   ?   ?   A . n 
A 1 115 GLY 115 392 ?   ?   ?   A . n 
A 1 116 ARG 116 393 ?   ?   ?   A . n 
A 1 117 GLY 117 394 ?   ?   ?   A . n 
A 1 118 LEU 118 395 395 LEU LEU A . n 
A 1 119 GLY 119 396 396 GLY GLY A . n 
A 1 120 LEU 120 397 397 LEU LEU A . n 
A 1 121 SER 121 398 398 SER SER A . n 
A 1 122 THR 122 399 399 THR THR A . n 
A 1 123 LEU 123 400 400 LEU LEU A . n 
A 1 124 LYS 124 401 401 LYS LYS A . n 
A 1 125 GLU 125 402 402 GLU GLU A . n 
A 1 126 ILE 126 403 403 ILE ILE A . n 
A 1 127 ALA 127 404 404 ALA ALA A . n 
A 1 128 ASP 128 405 405 ASP ASP A . n 
A 1 129 ASN 129 406 406 ASN ASN A . n 
A 1 130 ALA 130 407 407 ALA ALA A . n 
A 1 131 ASP 131 408 408 ASP ASP A . n 
A 1 132 ASN 132 409 409 ASN ASN A . n 
A 1 133 VAL 133 410 410 VAL VAL A . n 
A 1 134 LEU 134 411 411 LEU LEU A . n 
A 1 135 LEU 135 412 412 LEU LEU A . n 
A 1 136 ASP 136 413 413 ASP ASP A . n 
A 1 137 THR 137 414 414 THR THR A . n 
A 1 138 ILE 138 415 415 ILE ILE A . n 
A 1 139 ILE 139 416 416 ILE ILE A . n 
A 1 140 GLU 140 417 417 GLU GLU A . n 
A 1 141 ASN 141 418 418 ASN ASN A . n 
A 1 142 GLY 142 419 419 GLY GLY A . n 
A 1 143 PHE 143 420 420 PHE PHE A . n 
A 1 144 PHE 144 421 421 PHE PHE A . n 
A 1 145 ILE 145 422 422 ILE ILE A . n 
A 1 146 GLN 146 423 423 GLN GLN A . n 
A 1 147 LYS 147 424 424 LYS LYS A . n 
A 1 148 VAL 148 425 425 VAL VAL A . n 
A 1 149 GLU 149 426 426 GLU GLU A . n 
A 1 150 ILE 150 427 427 ILE ILE A . n 
A 1 151 ILE 151 428 428 ILE ILE A . n 
A 1 152 ASN 152 429 429 ASN ASN A . n 
A 1 153 ASN 153 430 430 ASN ASN A . n 
# 
loop_
_pdbx_nonpoly_scheme.asym_id 
_pdbx_nonpoly_scheme.entity_id 
_pdbx_nonpoly_scheme.mon_id 
_pdbx_nonpoly_scheme.ndb_seq_num 
_pdbx_nonpoly_scheme.pdb_seq_num 
_pdbx_nonpoly_scheme.auth_seq_num 
_pdbx_nonpoly_scheme.pdb_mon_id 
_pdbx_nonpoly_scheme.auth_mon_id 
_pdbx_nonpoly_scheme.pdb_strand_id 
_pdbx_nonpoly_scheme.pdb_ins_code 
B 2 GOL 1  1431 1431 GOL GOL A . 
C 2 GOL 1  1432 1432 GOL GOL A . 
D 3 MPD 1  1433 1433 MPD MPD A . 
E 4 ACT 1  1434 1434 ACT ACT A . 
F 3 MPD 1  1435 1435 MPD MPD A . 
G 5 HOH 1  2001 2001 HOH HOH A . 
G 5 HOH 2  2002 2002 HOH HOH A . 
G 5 HOH 3  2003 2003 HOH HOH A . 
G 5 HOH 4  2004 2004 HOH HOH A . 
G 5 HOH 5  2005 2005 HOH HOH A . 
G 5 HOH 6  2006 2006 HOH HOH A . 
G 5 HOH 7  2007 2007 HOH HOH A . 
G 5 HOH 8  2008 2008 HOH HOH A . 
G 5 HOH 9  2009 2009 HOH HOH A . 
G 5 HOH 10 2010 2010 HOH HOH A . 
G 5 HOH 11 2011 2011 HOH HOH A . 
G 5 HOH 12 2012 2012 HOH HOH A . 
G 5 HOH 13 2013 2013 HOH HOH A . 
G 5 HOH 14 2014 2014 HOH HOH A . 
G 5 HOH 15 2015 2015 HOH HOH A . 
G 5 HOH 16 2016 2016 HOH HOH A . 
G 5 HOH 17 2017 2017 HOH HOH A . 
G 5 HOH 18 2018 2018 HOH HOH A . 
G 5 HOH 19 2019 2019 HOH HOH A . 
G 5 HOH 20 2020 2020 HOH HOH A . 
G 5 HOH 21 2021 2021 HOH HOH A . 
G 5 HOH 22 2022 2022 HOH HOH A . 
G 5 HOH 23 2023 2023 HOH HOH A . 
G 5 HOH 24 2024 2024 HOH HOH A . 
G 5 HOH 25 2025 2025 HOH HOH A . 
G 5 HOH 26 2026 2026 HOH HOH A . 
G 5 HOH 27 2027 2027 HOH HOH A . 
G 5 HOH 28 2028 2028 HOH HOH A . 
G 5 HOH 29 2029 2029 HOH HOH A . 
G 5 HOH 30 2030 2030 HOH HOH A . 
G 5 HOH 31 2031 2031 HOH HOH A . 
G 5 HOH 32 2032 2032 HOH HOH A . 
G 5 HOH 33 2033 2033 HOH HOH A . 
G 5 HOH 34 2034 2034 HOH HOH A . 
G 5 HOH 35 2035 2035 HOH HOH A . 
G 5 HOH 36 2036 2036 HOH HOH A . 
G 5 HOH 37 2037 2037 HOH HOH A . 
G 5 HOH 38 2038 2038 HOH HOH A . 
G 5 HOH 39 2039 2039 HOH HOH A . 
G 5 HOH 40 2040 2040 HOH HOH A . 
G 5 HOH 41 2041 2041 HOH HOH A . 
G 5 HOH 42 2042 2042 HOH HOH A . 
G 5 HOH 43 2043 2043 HOH HOH A . 
G 5 HOH 44 2044 2044 HOH HOH A . 
G 5 HOH 45 2045 2045 HOH HOH A . 
G 5 HOH 46 2046 2046 HOH HOH A . 
G 5 HOH 47 2047 2047 HOH HOH A . 
G 5 HOH 48 2048 2048 HOH HOH A . 
G 5 HOH 49 2049 2049 HOH HOH A . 
G 5 HOH 50 2050 2050 HOH HOH A . 
G 5 HOH 51 2051 2051 HOH HOH A . 
G 5 HOH 52 2052 2052 HOH HOH A . 
G 5 HOH 53 2053 2053 HOH HOH A . 
# 
_pdbx_struct_assembly.id                   1 
_pdbx_struct_assembly.details              author_and_software_defined_assembly 
_pdbx_struct_assembly.method_details       PISA 
_pdbx_struct_assembly.oligomeric_details   dimeric 
_pdbx_struct_assembly.oligomeric_count     2 
# 
_pdbx_struct_assembly_gen.assembly_id       1 
_pdbx_struct_assembly_gen.oper_expression   1,2 
_pdbx_struct_assembly_gen.asym_id_list      A,B,C,D,E,F,G 
# 
loop_
_pdbx_struct_assembly_prop.biol_id 
_pdbx_struct_assembly_prop.type 
_pdbx_struct_assembly_prop.value 
_pdbx_struct_assembly_prop.details 
1 'ABSA (A^2)' 4030  ? 
1 MORE         -46.3 ? 
1 'SSA (A^2)'  13690 ? 
# 
loop_
_pdbx_struct_oper_list.id 
_pdbx_struct_oper_list.type 
_pdbx_struct_oper_list.name 
_pdbx_struct_oper_list.symmetry_operation 
_pdbx_struct_oper_list.matrix[1][1] 
_pdbx_struct_oper_list.matrix[1][2] 
_pdbx_struct_oper_list.matrix[1][3] 
_pdbx_struct_oper_list.vector[1] 
_pdbx_struct_oper_list.matrix[2][1] 
_pdbx_struct_oper_list.matrix[2][2] 
_pdbx_struct_oper_list.matrix[2][3] 
_pdbx_struct_oper_list.vector[2] 
_pdbx_struct_oper_list.matrix[3][1] 
_pdbx_struct_oper_list.matrix[3][2] 
_pdbx_struct_oper_list.matrix[3][3] 
_pdbx_struct_oper_list.vector[3] 
1 'identity operation'         1_555 x,y,z  1.0000000000  0.0000000000  0.0000000000  0.0000000000 0.0000000000  1.0000000000  0.0000000000 0.0000000000  0.0000000000  0.0000000000 1.0000000000  0.0000000000   
2 'crystal symmetry operation' 7_555 y,x,-z -0.1169444356 -0.8795389916 -0.4612322204 3.6786290604 -0.8795389916 -0.1239635771 0.4593954655 14.2575666982 -0.4612322204 0.4593954655 -0.7590919873 -20.1452794592 
# 
_pdbx_struct_special_symmetry.id              1 
_pdbx_struct_special_symmetry.PDB_model_num   1 
_pdbx_struct_special_symmetry.auth_asym_id    A 
_pdbx_struct_special_symmetry.auth_comp_id    HOH 
_pdbx_struct_special_symmetry.auth_seq_id     2005 
_pdbx_struct_special_symmetry.PDB_ins_code    ? 
_pdbx_struct_special_symmetry.label_asym_id   G 
_pdbx_struct_special_symmetry.label_comp_id   HOH 
_pdbx_struct_special_symmetry.label_seq_id    . 
# 
loop_
_pdbx_audit_revision_history.ordinal 
_pdbx_audit_revision_history.data_content_type 
_pdbx_audit_revision_history.major_revision 
_pdbx_audit_revision_history.minor_revision 
_pdbx_audit_revision_history.revision_date 
1 'Structure model' 1 0 2014-06-04 
2 'Structure model' 1 1 2014-08-13 
3 'Structure model' 1 2 2023-12-20 
# 
_pdbx_audit_revision_details.ordinal             1 
_pdbx_audit_revision_details.revision_ordinal    1 
_pdbx_audit_revision_details.data_content_type   'Structure model' 
_pdbx_audit_revision_details.provider            repository 
_pdbx_audit_revision_details.type                'Initial release' 
_pdbx_audit_revision_details.description         ? 
_pdbx_audit_revision_details.details             ? 
# 
loop_
_pdbx_audit_revision_group.ordinal 
_pdbx_audit_revision_group.revision_ordinal 
_pdbx_audit_revision_group.data_content_type 
_pdbx_audit_revision_group.group 
1 2 'Structure model' 'Database references'    
2 3 'Structure model' 'Data collection'        
3 3 'Structure model' 'Database references'    
4 3 'Structure model' 'Derived calculations'   
5 3 'Structure model' Other                    
6 3 'Structure model' 'Refinement description' 
# 
loop_
_pdbx_audit_revision_category.ordinal 
_pdbx_audit_revision_category.revision_ordinal 
_pdbx_audit_revision_category.data_content_type 
_pdbx_audit_revision_category.category 
1 3 'Structure model' chem_comp_atom                
2 3 'Structure model' chem_comp_bond                
3 3 'Structure model' database_2                    
4 3 'Structure model' pdbx_database_status          
5 3 'Structure model' pdbx_initial_refinement_model 
6 3 'Structure model' struct_site                   
# 
loop_
_pdbx_audit_revision_item.ordinal 
_pdbx_audit_revision_item.revision_ordinal 
_pdbx_audit_revision_item.data_content_type 
_pdbx_audit_revision_item.item 
1 3 'Structure model' '_database_2.pdbx_DOI'                 
2 3 'Structure model' '_database_2.pdbx_database_accession'  
3 3 'Structure model' '_pdbx_database_status.status_code_sf' 
4 3 'Structure model' '_struct_site.pdbx_auth_asym_id'       
5 3 'Structure model' '_struct_site.pdbx_auth_comp_id'       
6 3 'Structure model' '_struct_site.pdbx_auth_seq_id'        
# 
_software.name             REFMAC 
_software.classification   refinement 
_software.version          5.7.0029 
_software.citation_id      ? 
_software.pdbx_ordinal     1 
# 
_pdbx_validate_torsion.id              1 
_pdbx_validate_torsion.PDB_model_num   1 
_pdbx_validate_torsion.auth_comp_id    ALA 
_pdbx_validate_torsion.auth_asym_id    A 
_pdbx_validate_torsion.auth_seq_id     372 
_pdbx_validate_torsion.PDB_ins_code    ? 
_pdbx_validate_torsion.label_alt_id    ? 
_pdbx_validate_torsion.phi             52.91 
_pdbx_validate_torsion.psi             -121.00 
# 
loop_
_pdbx_unobs_or_zero_occ_atoms.id 
_pdbx_unobs_or_zero_occ_atoms.PDB_model_num 
_pdbx_unobs_or_zero_occ_atoms.polymer_flag 
_pdbx_unobs_or_zero_occ_atoms.occupancy_flag 
_pdbx_unobs_or_zero_occ_atoms.auth_asym_id 
_pdbx_unobs_or_zero_occ_atoms.auth_comp_id 
_pdbx_unobs_or_zero_occ_atoms.auth_seq_id 
_pdbx_unobs_or_zero_occ_atoms.PDB_ins_code 
_pdbx_unobs_or_zero_occ_atoms.auth_atom_id 
_pdbx_unobs_or_zero_occ_atoms.label_alt_id 
_pdbx_unobs_or_zero_occ_atoms.label_asym_id 
_pdbx_unobs_or_zero_occ_atoms.label_comp_id 
_pdbx_unobs_or_zero_occ_atoms.label_seq_id 
_pdbx_unobs_or_zero_occ_atoms.label_atom_id 
1  1 Y 1 A GLU 342 ? CG  ? A GLU 65  CG  
2  1 Y 1 A GLU 342 ? CD  ? A GLU 65  CD  
3  1 Y 1 A GLU 342 ? OE1 ? A GLU 65  OE1 
4  1 Y 1 A GLU 342 ? OE2 ? A GLU 65  OE2 
5  1 Y 1 A GLU 346 ? CG  ? A GLU 69  CG  
6  1 Y 1 A GLU 346 ? CD  ? A GLU 69  CD  
7  1 Y 1 A GLU 346 ? OE1 ? A GLU 69  OE1 
8  1 Y 1 A GLU 346 ? OE2 ? A GLU 69  OE2 
9  1 Y 1 A ASP 348 ? CG  ? A ASP 71  CG  
10 1 Y 1 A ASP 348 ? OD1 ? A ASP 71  OD1 
11 1 Y 1 A ASP 348 ? OD2 ? A ASP 71  OD2 
12 1 Y 1 A GLU 360 ? CG  ? A GLU 83  CG  
13 1 Y 1 A GLU 360 ? CD  ? A GLU 83  CD  
14 1 Y 1 A GLU 360 ? OE1 ? A GLU 83  OE1 
15 1 Y 1 A GLU 360 ? OE2 ? A GLU 83  OE2 
16 1 Y 1 A ARG 377 ? CG  ? A ARG 100 CG  
17 1 Y 1 A ARG 377 ? CD  ? A ARG 100 CD  
18 1 Y 1 A ARG 377 ? NE  ? A ARG 100 NE  
19 1 Y 1 A ARG 377 ? CZ  ? A ARG 100 CZ  
20 1 Y 1 A ARG 377 ? NH1 ? A ARG 100 NH1 
21 1 Y 1 A ARG 377 ? NH2 ? A ARG 100 NH2 
22 1 Y 1 A GLU 380 ? CG  ? A GLU 103 CG  
23 1 Y 1 A GLU 380 ? CD  ? A GLU 103 CD  
24 1 Y 1 A GLU 380 ? OE1 ? A GLU 103 OE1 
25 1 Y 1 A GLU 380 ? OE2 ? A GLU 103 OE2 
26 1 Y 1 A LYS 424 ? CE  ? A LYS 147 CE  
27 1 Y 1 A LYS 424 ? NZ  ? A LYS 147 NZ  
# 
loop_
_pdbx_unobs_or_zero_occ_residues.id 
_pdbx_unobs_or_zero_occ_residues.PDB_model_num 
_pdbx_unobs_or_zero_occ_residues.polymer_flag 
_pdbx_unobs_or_zero_occ_residues.occupancy_flag 
_pdbx_unobs_or_zero_occ_residues.auth_asym_id 
_pdbx_unobs_or_zero_occ_residues.auth_comp_id 
_pdbx_unobs_or_zero_occ_residues.auth_seq_id 
_pdbx_unobs_or_zero_occ_residues.PDB_ins_code 
_pdbx_unobs_or_zero_occ_residues.label_asym_id 
_pdbx_unobs_or_zero_occ_residues.label_comp_id 
_pdbx_unobs_or_zero_occ_residues.label_seq_id 
1 1 Y 1 A THR 388 ? A THR 111 
2 1 Y 1 A LYS 389 ? A LYS 112 
3 1 Y 1 A GLY 390 ? A GLY 113 
4 1 Y 1 A GLU 391 ? A GLU 114 
5 1 Y 1 A GLY 392 ? A GLY 115 
6 1 Y 1 A ARG 393 ? A ARG 116 
7 1 Y 1 A GLY 394 ? A GLY 117 
# 
loop_
_chem_comp_atom.comp_id 
_chem_comp_atom.atom_id 
_chem_comp_atom.type_symbol 
_chem_comp_atom.pdbx_aromatic_flag 
_chem_comp_atom.pdbx_stereo_config 
_chem_comp_atom.pdbx_ordinal 
ACT C    C N N 1   
ACT O    O N N 2   
ACT OXT  O N N 3   
ACT CH3  C N N 4   
ACT H1   H N N 5   
ACT H2   H N N 6   
ACT H3   H N N 7   
ALA N    N N N 8   
ALA CA   C N S 9   
ALA C    C N N 10  
ALA O    O N N 11  
ALA CB   C N N 12  
ALA OXT  O N N 13  
ALA H    H N N 14  
ALA H2   H N N 15  
ALA HA   H N N 16  
ALA HB1  H N N 17  
ALA HB2  H N N 18  
ALA HB3  H N N 19  
ALA HXT  H N N 20  
ARG N    N N N 21  
ARG CA   C N S 22  
ARG C    C N N 23  
ARG O    O N N 24  
ARG CB   C N N 25  
ARG CG   C N N 26  
ARG CD   C N N 27  
ARG NE   N N N 28  
ARG CZ   C N N 29  
ARG NH1  N N N 30  
ARG NH2  N N N 31  
ARG OXT  O N N 32  
ARG H    H N N 33  
ARG H2   H N N 34  
ARG HA   H N N 35  
ARG HB2  H N N 36  
ARG HB3  H N N 37  
ARG HG2  H N N 38  
ARG HG3  H N N 39  
ARG HD2  H N N 40  
ARG HD3  H N N 41  
ARG HE   H N N 42  
ARG HH11 H N N 43  
ARG HH12 H N N 44  
ARG HH21 H N N 45  
ARG HH22 H N N 46  
ARG HXT  H N N 47  
ASN N    N N N 48  
ASN CA   C N S 49  
ASN C    C N N 50  
ASN O    O N N 51  
ASN CB   C N N 52  
ASN CG   C N N 53  
ASN OD1  O N N 54  
ASN ND2  N N N 55  
ASN OXT  O N N 56  
ASN H    H N N 57  
ASN H2   H N N 58  
ASN HA   H N N 59  
ASN HB2  H N N 60  
ASN HB3  H N N 61  
ASN HD21 H N N 62  
ASN HD22 H N N 63  
ASN HXT  H N N 64  
ASP N    N N N 65  
ASP CA   C N S 66  
ASP C    C N N 67  
ASP O    O N N 68  
ASP CB   C N N 69  
ASP CG   C N N 70  
ASP OD1  O N N 71  
ASP OD2  O N N 72  
ASP OXT  O N N 73  
ASP H    H N N 74  
ASP H2   H N N 75  
ASP HA   H N N 76  
ASP HB2  H N N 77  
ASP HB3  H N N 78  
ASP HD2  H N N 79  
ASP HXT  H N N 80  
CYS N    N N N 81  
CYS CA   C N R 82  
CYS C    C N N 83  
CYS O    O N N 84  
CYS CB   C N N 85  
CYS SG   S N N 86  
CYS OXT  O N N 87  
CYS H    H N N 88  
CYS H2   H N N 89  
CYS HA   H N N 90  
CYS HB2  H N N 91  
CYS HB3  H N N 92  
CYS HG   H N N 93  
CYS HXT  H N N 94  
GLN N    N N N 95  
GLN CA   C N S 96  
GLN C    C N N 97  
GLN O    O N N 98  
GLN CB   C N N 99  
GLN CG   C N N 100 
GLN CD   C N N 101 
GLN OE1  O N N 102 
GLN NE2  N N N 103 
GLN OXT  O N N 104 
GLN H    H N N 105 
GLN H2   H N N 106 
GLN HA   H N N 107 
GLN HB2  H N N 108 
GLN HB3  H N N 109 
GLN HG2  H N N 110 
GLN HG3  H N N 111 
GLN HE21 H N N 112 
GLN HE22 H N N 113 
GLN HXT  H N N 114 
GLU N    N N N 115 
GLU CA   C N S 116 
GLU C    C N N 117 
GLU O    O N N 118 
GLU CB   C N N 119 
GLU CG   C N N 120 
GLU CD   C N N 121 
GLU OE1  O N N 122 
GLU OE2  O N N 123 
GLU OXT  O N N 124 
GLU H    H N N 125 
GLU H2   H N N 126 
GLU HA   H N N 127 
GLU HB2  H N N 128 
GLU HB3  H N N 129 
GLU HG2  H N N 130 
GLU HG3  H N N 131 
GLU HE2  H N N 132 
GLU HXT  H N N 133 
GLY N    N N N 134 
GLY CA   C N N 135 
GLY C    C N N 136 
GLY O    O N N 137 
GLY OXT  O N N 138 
GLY H    H N N 139 
GLY H2   H N N 140 
GLY HA2  H N N 141 
GLY HA3  H N N 142 
GLY HXT  H N N 143 
GOL C1   C N N 144 
GOL O1   O N N 145 
GOL C2   C N N 146 
GOL O2   O N N 147 
GOL C3   C N N 148 
GOL O3   O N N 149 
GOL H11  H N N 150 
GOL H12  H N N 151 
GOL HO1  H N N 152 
GOL H2   H N N 153 
GOL HO2  H N N 154 
GOL H31  H N N 155 
GOL H32  H N N 156 
GOL HO3  H N N 157 
HIS N    N N N 158 
HIS CA   C N S 159 
HIS C    C N N 160 
HIS O    O N N 161 
HIS CB   C N N 162 
HIS CG   C Y N 163 
HIS ND1  N Y N 164 
HIS CD2  C Y N 165 
HIS CE1  C Y N 166 
HIS NE2  N Y N 167 
HIS OXT  O N N 168 
HIS H    H N N 169 
HIS H2   H N N 170 
HIS HA   H N N 171 
HIS HB2  H N N 172 
HIS HB3  H N N 173 
HIS HD1  H N N 174 
HIS HD2  H N N 175 
HIS HE1  H N N 176 
HIS HE2  H N N 177 
HIS HXT  H N N 178 
HOH O    O N N 179 
HOH H1   H N N 180 
HOH H2   H N N 181 
ILE N    N N N 182 
ILE CA   C N S 183 
ILE C    C N N 184 
ILE O    O N N 185 
ILE CB   C N S 186 
ILE CG1  C N N 187 
ILE CG2  C N N 188 
ILE CD1  C N N 189 
ILE OXT  O N N 190 
ILE H    H N N 191 
ILE H2   H N N 192 
ILE HA   H N N 193 
ILE HB   H N N 194 
ILE HG12 H N N 195 
ILE HG13 H N N 196 
ILE HG21 H N N 197 
ILE HG22 H N N 198 
ILE HG23 H N N 199 
ILE HD11 H N N 200 
ILE HD12 H N N 201 
ILE HD13 H N N 202 
ILE HXT  H N N 203 
LEU N    N N N 204 
LEU CA   C N S 205 
LEU C    C N N 206 
LEU O    O N N 207 
LEU CB   C N N 208 
LEU CG   C N N 209 
LEU CD1  C N N 210 
LEU CD2  C N N 211 
LEU OXT  O N N 212 
LEU H    H N N 213 
LEU H2   H N N 214 
LEU HA   H N N 215 
LEU HB2  H N N 216 
LEU HB3  H N N 217 
LEU HG   H N N 218 
LEU HD11 H N N 219 
LEU HD12 H N N 220 
LEU HD13 H N N 221 
LEU HD21 H N N 222 
LEU HD22 H N N 223 
LEU HD23 H N N 224 
LEU HXT  H N N 225 
LYS N    N N N 226 
LYS CA   C N S 227 
LYS C    C N N 228 
LYS O    O N N 229 
LYS CB   C N N 230 
LYS CG   C N N 231 
LYS CD   C N N 232 
LYS CE   C N N 233 
LYS NZ   N N N 234 
LYS OXT  O N N 235 
LYS H    H N N 236 
LYS H2   H N N 237 
LYS HA   H N N 238 
LYS HB2  H N N 239 
LYS HB3  H N N 240 
LYS HG2  H N N 241 
LYS HG3  H N N 242 
LYS HD2  H N N 243 
LYS HD3  H N N 244 
LYS HE2  H N N 245 
LYS HE3  H N N 246 
LYS HZ1  H N N 247 
LYS HZ2  H N N 248 
LYS HZ3  H N N 249 
LYS HXT  H N N 250 
MET N    N N N 251 
MET CA   C N S 252 
MET C    C N N 253 
MET O    O N N 254 
MET CB   C N N 255 
MET CG   C N N 256 
MET SD   S N N 257 
MET CE   C N N 258 
MET OXT  O N N 259 
MET H    H N N 260 
MET H2   H N N 261 
MET HA   H N N 262 
MET HB2  H N N 263 
MET HB3  H N N 264 
MET HG2  H N N 265 
MET HG3  H N N 266 
MET HE1  H N N 267 
MET HE2  H N N 268 
MET HE3  H N N 269 
MET HXT  H N N 270 
MPD C1   C N N 271 
MPD C2   C N N 272 
MPD O2   O N N 273 
MPD CM   C N N 274 
MPD C3   C N N 275 
MPD C4   C N S 276 
MPD O4   O N N 277 
MPD C5   C N N 278 
MPD H11  H N N 279 
MPD H12  H N N 280 
MPD H13  H N N 281 
MPD HO2  H N N 282 
MPD HM1  H N N 283 
MPD HM2  H N N 284 
MPD HM3  H N N 285 
MPD H31  H N N 286 
MPD H32  H N N 287 
MPD H4   H N N 288 
MPD HO4  H N N 289 
MPD H51  H N N 290 
MPD H52  H N N 291 
MPD H53  H N N 292 
PHE N    N N N 293 
PHE CA   C N S 294 
PHE C    C N N 295 
PHE O    O N N 296 
PHE CB   C N N 297 
PHE CG   C Y N 298 
PHE CD1  C Y N 299 
PHE CD2  C Y N 300 
PHE CE1  C Y N 301 
PHE CE2  C Y N 302 
PHE CZ   C Y N 303 
PHE OXT  O N N 304 
PHE H    H N N 305 
PHE H2   H N N 306 
PHE HA   H N N 307 
PHE HB2  H N N 308 
PHE HB3  H N N 309 
PHE HD1  H N N 310 
PHE HD2  H N N 311 
PHE HE1  H N N 312 
PHE HE2  H N N 313 
PHE HZ   H N N 314 
PHE HXT  H N N 315 
PRO N    N N N 316 
PRO CA   C N S 317 
PRO C    C N N 318 
PRO O    O N N 319 
PRO CB   C N N 320 
PRO CG   C N N 321 
PRO CD   C N N 322 
PRO OXT  O N N 323 
PRO H    H N N 324 
PRO HA   H N N 325 
PRO HB2  H N N 326 
PRO HB3  H N N 327 
PRO HG2  H N N 328 
PRO HG3  H N N 329 
PRO HD2  H N N 330 
PRO HD3  H N N 331 
PRO HXT  H N N 332 
SER N    N N N 333 
SER CA   C N S 334 
SER C    C N N 335 
SER O    O N N 336 
SER CB   C N N 337 
SER OG   O N N 338 
SER OXT  O N N 339 
SER H    H N N 340 
SER H2   H N N 341 
SER HA   H N N 342 
SER HB2  H N N 343 
SER HB3  H N N 344 
SER HG   H N N 345 
SER HXT  H N N 346 
THR N    N N N 347 
THR CA   C N S 348 
THR C    C N N 349 
THR O    O N N 350 
THR CB   C N R 351 
THR OG1  O N N 352 
THR CG2  C N N 353 
THR OXT  O N N 354 
THR H    H N N 355 
THR H2   H N N 356 
THR HA   H N N 357 
THR HB   H N N 358 
THR HG1  H N N 359 
THR HG21 H N N 360 
THR HG22 H N N 361 
THR HG23 H N N 362 
THR HXT  H N N 363 
VAL N    N N N 364 
VAL CA   C N S 365 
VAL C    C N N 366 
VAL O    O N N 367 
VAL CB   C N N 368 
VAL CG1  C N N 369 
VAL CG2  C N N 370 
VAL OXT  O N N 371 
VAL H    H N N 372 
VAL H2   H N N 373 
VAL HA   H N N 374 
VAL HB   H N N 375 
VAL HG11 H N N 376 
VAL HG12 H N N 377 
VAL HG13 H N N 378 
VAL HG21 H N N 379 
VAL HG22 H N N 380 
VAL HG23 H N N 381 
VAL HXT  H N N 382 
# 
loop_
_chem_comp_bond.comp_id 
_chem_comp_bond.atom_id_1 
_chem_comp_bond.atom_id_2 
_chem_comp_bond.value_order 
_chem_comp_bond.pdbx_aromatic_flag 
_chem_comp_bond.pdbx_stereo_config 
_chem_comp_bond.pdbx_ordinal 
ACT C   O    doub N N 1   
ACT C   OXT  sing N N 2   
ACT C   CH3  sing N N 3   
ACT CH3 H1   sing N N 4   
ACT CH3 H2   sing N N 5   
ACT CH3 H3   sing N N 6   
ALA N   CA   sing N N 7   
ALA N   H    sing N N 8   
ALA N   H2   sing N N 9   
ALA CA  C    sing N N 10  
ALA CA  CB   sing N N 11  
ALA CA  HA   sing N N 12  
ALA C   O    doub N N 13  
ALA C   OXT  sing N N 14  
ALA CB  HB1  sing N N 15  
ALA CB  HB2  sing N N 16  
ALA CB  HB3  sing N N 17  
ALA OXT HXT  sing N N 18  
ARG N   CA   sing N N 19  
ARG N   H    sing N N 20  
ARG N   H2   sing N N 21  
ARG CA  C    sing N N 22  
ARG CA  CB   sing N N 23  
ARG CA  HA   sing N N 24  
ARG C   O    doub N N 25  
ARG C   OXT  sing N N 26  
ARG CB  CG   sing N N 27  
ARG CB  HB2  sing N N 28  
ARG CB  HB3  sing N N 29  
ARG CG  CD   sing N N 30  
ARG CG  HG2  sing N N 31  
ARG CG  HG3  sing N N 32  
ARG CD  NE   sing N N 33  
ARG CD  HD2  sing N N 34  
ARG CD  HD3  sing N N 35  
ARG NE  CZ   sing N N 36  
ARG NE  HE   sing N N 37  
ARG CZ  NH1  sing N N 38  
ARG CZ  NH2  doub N N 39  
ARG NH1 HH11 sing N N 40  
ARG NH1 HH12 sing N N 41  
ARG NH2 HH21 sing N N 42  
ARG NH2 HH22 sing N N 43  
ARG OXT HXT  sing N N 44  
ASN N   CA   sing N N 45  
ASN N   H    sing N N 46  
ASN N   H2   sing N N 47  
ASN CA  C    sing N N 48  
ASN CA  CB   sing N N 49  
ASN CA  HA   sing N N 50  
ASN C   O    doub N N 51  
ASN C   OXT  sing N N 52  
ASN CB  CG   sing N N 53  
ASN CB  HB2  sing N N 54  
ASN CB  HB3  sing N N 55  
ASN CG  OD1  doub N N 56  
ASN CG  ND2  sing N N 57  
ASN ND2 HD21 sing N N 58  
ASN ND2 HD22 sing N N 59  
ASN OXT HXT  sing N N 60  
ASP N   CA   sing N N 61  
ASP N   H    sing N N 62  
ASP N   H2   sing N N 63  
ASP CA  C    sing N N 64  
ASP CA  CB   sing N N 65  
ASP CA  HA   sing N N 66  
ASP C   O    doub N N 67  
ASP C   OXT  sing N N 68  
ASP CB  CG   sing N N 69  
ASP CB  HB2  sing N N 70  
ASP CB  HB3  sing N N 71  
ASP CG  OD1  doub N N 72  
ASP CG  OD2  sing N N 73  
ASP OD2 HD2  sing N N 74  
ASP OXT HXT  sing N N 75  
CYS N   CA   sing N N 76  
CYS N   H    sing N N 77  
CYS N   H2   sing N N 78  
CYS CA  C    sing N N 79  
CYS CA  CB   sing N N 80  
CYS CA  HA   sing N N 81  
CYS C   O    doub N N 82  
CYS C   OXT  sing N N 83  
CYS CB  SG   sing N N 84  
CYS CB  HB2  sing N N 85  
CYS CB  HB3  sing N N 86  
CYS SG  HG   sing N N 87  
CYS OXT HXT  sing N N 88  
GLN N   CA   sing N N 89  
GLN N   H    sing N N 90  
GLN N   H2   sing N N 91  
GLN CA  C    sing N N 92  
GLN CA  CB   sing N N 93  
GLN CA  HA   sing N N 94  
GLN C   O    doub N N 95  
GLN C   OXT  sing N N 96  
GLN CB  CG   sing N N 97  
GLN CB  HB2  sing N N 98  
GLN CB  HB3  sing N N 99  
GLN CG  CD   sing N N 100 
GLN CG  HG2  sing N N 101 
GLN CG  HG3  sing N N 102 
GLN CD  OE1  doub N N 103 
GLN CD  NE2  sing N N 104 
GLN NE2 HE21 sing N N 105 
GLN NE2 HE22 sing N N 106 
GLN OXT HXT  sing N N 107 
GLU N   CA   sing N N 108 
GLU N   H    sing N N 109 
GLU N   H2   sing N N 110 
GLU CA  C    sing N N 111 
GLU CA  CB   sing N N 112 
GLU CA  HA   sing N N 113 
GLU C   O    doub N N 114 
GLU C   OXT  sing N N 115 
GLU CB  CG   sing N N 116 
GLU CB  HB2  sing N N 117 
GLU CB  HB3  sing N N 118 
GLU CG  CD   sing N N 119 
GLU CG  HG2  sing N N 120 
GLU CG  HG3  sing N N 121 
GLU CD  OE1  doub N N 122 
GLU CD  OE2  sing N N 123 
GLU OE2 HE2  sing N N 124 
GLU OXT HXT  sing N N 125 
GLY N   CA   sing N N 126 
GLY N   H    sing N N 127 
GLY N   H2   sing N N 128 
GLY CA  C    sing N N 129 
GLY CA  HA2  sing N N 130 
GLY CA  HA3  sing N N 131 
GLY C   O    doub N N 132 
GLY C   OXT  sing N N 133 
GLY OXT HXT  sing N N 134 
GOL C1  O1   sing N N 135 
GOL C1  C2   sing N N 136 
GOL C1  H11  sing N N 137 
GOL C1  H12  sing N N 138 
GOL O1  HO1  sing N N 139 
GOL C2  O2   sing N N 140 
GOL C2  C3   sing N N 141 
GOL C2  H2   sing N N 142 
GOL O2  HO2  sing N N 143 
GOL C3  O3   sing N N 144 
GOL C3  H31  sing N N 145 
GOL C3  H32  sing N N 146 
GOL O3  HO3  sing N N 147 
HIS N   CA   sing N N 148 
HIS N   H    sing N N 149 
HIS N   H2   sing N N 150 
HIS CA  C    sing N N 151 
HIS CA  CB   sing N N 152 
HIS CA  HA   sing N N 153 
HIS C   O    doub N N 154 
HIS C   OXT  sing N N 155 
HIS CB  CG   sing N N 156 
HIS CB  HB2  sing N N 157 
HIS CB  HB3  sing N N 158 
HIS CG  ND1  sing Y N 159 
HIS CG  CD2  doub Y N 160 
HIS ND1 CE1  doub Y N 161 
HIS ND1 HD1  sing N N 162 
HIS CD2 NE2  sing Y N 163 
HIS CD2 HD2  sing N N 164 
HIS CE1 NE2  sing Y N 165 
HIS CE1 HE1  sing N N 166 
HIS NE2 HE2  sing N N 167 
HIS OXT HXT  sing N N 168 
HOH O   H1   sing N N 169 
HOH O   H2   sing N N 170 
ILE N   CA   sing N N 171 
ILE N   H    sing N N 172 
ILE N   H2   sing N N 173 
ILE CA  C    sing N N 174 
ILE CA  CB   sing N N 175 
ILE CA  HA   sing N N 176 
ILE C   O    doub N N 177 
ILE C   OXT  sing N N 178 
ILE CB  CG1  sing N N 179 
ILE CB  CG2  sing N N 180 
ILE CB  HB   sing N N 181 
ILE CG1 CD1  sing N N 182 
ILE CG1 HG12 sing N N 183 
ILE CG1 HG13 sing N N 184 
ILE CG2 HG21 sing N N 185 
ILE CG2 HG22 sing N N 186 
ILE CG2 HG23 sing N N 187 
ILE CD1 HD11 sing N N 188 
ILE CD1 HD12 sing N N 189 
ILE CD1 HD13 sing N N 190 
ILE OXT HXT  sing N N 191 
LEU N   CA   sing N N 192 
LEU N   H    sing N N 193 
LEU N   H2   sing N N 194 
LEU CA  C    sing N N 195 
LEU CA  CB   sing N N 196 
LEU CA  HA   sing N N 197 
LEU C   O    doub N N 198 
LEU C   OXT  sing N N 199 
LEU CB  CG   sing N N 200 
LEU CB  HB2  sing N N 201 
LEU CB  HB3  sing N N 202 
LEU CG  CD1  sing N N 203 
LEU CG  CD2  sing N N 204 
LEU CG  HG   sing N N 205 
LEU CD1 HD11 sing N N 206 
LEU CD1 HD12 sing N N 207 
LEU CD1 HD13 sing N N 208 
LEU CD2 HD21 sing N N 209 
LEU CD2 HD22 sing N N 210 
LEU CD2 HD23 sing N N 211 
LEU OXT HXT  sing N N 212 
LYS N   CA   sing N N 213 
LYS N   H    sing N N 214 
LYS N   H2   sing N N 215 
LYS CA  C    sing N N 216 
LYS CA  CB   sing N N 217 
LYS CA  HA   sing N N 218 
LYS C   O    doub N N 219 
LYS C   OXT  sing N N 220 
LYS CB  CG   sing N N 221 
LYS CB  HB2  sing N N 222 
LYS CB  HB3  sing N N 223 
LYS CG  CD   sing N N 224 
LYS CG  HG2  sing N N 225 
LYS CG  HG3  sing N N 226 
LYS CD  CE   sing N N 227 
LYS CD  HD2  sing N N 228 
LYS CD  HD3  sing N N 229 
LYS CE  NZ   sing N N 230 
LYS CE  HE2  sing N N 231 
LYS CE  HE3  sing N N 232 
LYS NZ  HZ1  sing N N 233 
LYS NZ  HZ2  sing N N 234 
LYS NZ  HZ3  sing N N 235 
LYS OXT HXT  sing N N 236 
MET N   CA   sing N N 237 
MET N   H    sing N N 238 
MET N   H2   sing N N 239 
MET CA  C    sing N N 240 
MET CA  CB   sing N N 241 
MET CA  HA   sing N N 242 
MET C   O    doub N N 243 
MET C   OXT  sing N N 244 
MET CB  CG   sing N N 245 
MET CB  HB2  sing N N 246 
MET CB  HB3  sing N N 247 
MET CG  SD   sing N N 248 
MET CG  HG2  sing N N 249 
MET CG  HG3  sing N N 250 
MET SD  CE   sing N N 251 
MET CE  HE1  sing N N 252 
MET CE  HE2  sing N N 253 
MET CE  HE3  sing N N 254 
MET OXT HXT  sing N N 255 
MPD C1  C2   sing N N 256 
MPD C1  H11  sing N N 257 
MPD C1  H12  sing N N 258 
MPD C1  H13  sing N N 259 
MPD C2  O2   sing N N 260 
MPD C2  CM   sing N N 261 
MPD C2  C3   sing N N 262 
MPD O2  HO2  sing N N 263 
MPD CM  HM1  sing N N 264 
MPD CM  HM2  sing N N 265 
MPD CM  HM3  sing N N 266 
MPD C3  C4   sing N N 267 
MPD C3  H31  sing N N 268 
MPD C3  H32  sing N N 269 
MPD C4  O4   sing N N 270 
MPD C4  C5   sing N N 271 
MPD C4  H4   sing N N 272 
MPD O4  HO4  sing N N 273 
MPD C5  H51  sing N N 274 
MPD C5  H52  sing N N 275 
MPD C5  H53  sing N N 276 
PHE N   CA   sing N N 277 
PHE N   H    sing N N 278 
PHE N   H2   sing N N 279 
PHE CA  C    sing N N 280 
PHE CA  CB   sing N N 281 
PHE CA  HA   sing N N 282 
PHE C   O    doub N N 283 
PHE C   OXT  sing N N 284 
PHE CB  CG   sing N N 285 
PHE CB  HB2  sing N N 286 
PHE CB  HB3  sing N N 287 
PHE CG  CD1  doub Y N 288 
PHE CG  CD2  sing Y N 289 
PHE CD1 CE1  sing Y N 290 
PHE CD1 HD1  sing N N 291 
PHE CD2 CE2  doub Y N 292 
PHE CD2 HD2  sing N N 293 
PHE CE1 CZ   doub Y N 294 
PHE CE1 HE1  sing N N 295 
PHE CE2 CZ   sing Y N 296 
PHE CE2 HE2  sing N N 297 
PHE CZ  HZ   sing N N 298 
PHE OXT HXT  sing N N 299 
PRO N   CA   sing N N 300 
PRO N   CD   sing N N 301 
PRO N   H    sing N N 302 
PRO CA  C    sing N N 303 
PRO CA  CB   sing N N 304 
PRO CA  HA   sing N N 305 
PRO C   O    doub N N 306 
PRO C   OXT  sing N N 307 
PRO CB  CG   sing N N 308 
PRO CB  HB2  sing N N 309 
PRO CB  HB3  sing N N 310 
PRO CG  CD   sing N N 311 
PRO CG  HG2  sing N N 312 
PRO CG  HG3  sing N N 313 
PRO CD  HD2  sing N N 314 
PRO CD  HD3  sing N N 315 
PRO OXT HXT  sing N N 316 
SER N   CA   sing N N 317 
SER N   H    sing N N 318 
SER N   H2   sing N N 319 
SER CA  C    sing N N 320 
SER CA  CB   sing N N 321 
SER CA  HA   sing N N 322 
SER C   O    doub N N 323 
SER C   OXT  sing N N 324 
SER CB  OG   sing N N 325 
SER CB  HB2  sing N N 326 
SER CB  HB3  sing N N 327 
SER OG  HG   sing N N 328 
SER OXT HXT  sing N N 329 
THR N   CA   sing N N 330 
THR N   H    sing N N 331 
THR N   H2   sing N N 332 
THR CA  C    sing N N 333 
THR CA  CB   sing N N 334 
THR CA  HA   sing N N 335 
THR C   O    doub N N 336 
THR C   OXT  sing N N 337 
THR CB  OG1  sing N N 338 
THR CB  CG2  sing N N 339 
THR CB  HB   sing N N 340 
THR OG1 HG1  sing N N 341 
THR CG2 HG21 sing N N 342 
THR CG2 HG22 sing N N 343 
THR CG2 HG23 sing N N 344 
THR OXT HXT  sing N N 345 
VAL N   CA   sing N N 346 
VAL N   H    sing N N 347 
VAL N   H2   sing N N 348 
VAL CA  C    sing N N 349 
VAL CA  CB   sing N N 350 
VAL CA  HA   sing N N 351 
VAL C   O    doub N N 352 
VAL C   OXT  sing N N 353 
VAL CB  CG1  sing N N 354 
VAL CB  CG2  sing N N 355 
VAL CB  HB   sing N N 356 
VAL CG1 HG11 sing N N 357 
VAL CG1 HG12 sing N N 358 
VAL CG1 HG13 sing N N 359 
VAL CG2 HG21 sing N N 360 
VAL CG2 HG22 sing N N 361 
VAL CG2 HG23 sing N N 362 
VAL OXT HXT  sing N N 363 
# 
loop_
_pdbx_entity_nonpoly.entity_id 
_pdbx_entity_nonpoly.name 
_pdbx_entity_nonpoly.comp_id 
2 GLYCEROL                        GOL 
3 '(4S)-2-METHYL-2,4-PENTANEDIOL' MPD 
4 'ACETATE ION'                   ACT 
5 water                           HOH 
# 
_pdbx_initial_refinement_model.id               1 
_pdbx_initial_refinement_model.entity_id_list   ? 
_pdbx_initial_refinement_model.type             'experimental model' 
_pdbx_initial_refinement_model.source_name      PDB 
_pdbx_initial_refinement_model.accession_code   2C2A 
_pdbx_initial_refinement_model.details          'PDB ENTRY 2C2A' 
# 
